data_2QLK
# 
_entry.id   2QLK 
# 
_audit_conform.dict_name       mmcif_pdbx.dic 
_audit_conform.dict_version    5.377 
_audit_conform.dict_location   http://mmcif.pdb.org/dictionaries/ascii/mmcif_pdbx.dic 
# 
loop_
_database_2.database_id 
_database_2.database_code 
_database_2.pdbx_database_accession 
_database_2.pdbx_DOI 
PDB   2QLK         pdb_00002qlk 10.2210/pdb2qlk/pdb 
RCSB  RCSB043750   ?            ?                   
WWPDB D_1000043750 ?            ?                   
# 
_pdbx_database_status.entry_id                        2QLK 
_pdbx_database_status.deposit_site                    RCSB 
_pdbx_database_status.process_site                    RCSB 
_pdbx_database_status.recvd_initial_deposition_date   2007-07-13 
_pdbx_database_status.status_code                     REL 
_pdbx_database_status.status_code_sf                  REL 
_pdbx_database_status.status_code_mr                  ? 
_pdbx_database_status.SG_entry                        ? 
_pdbx_database_status.pdb_format_compatible           Y 
_pdbx_database_status.status_code_cs                  ? 
_pdbx_database_status.methods_development_category    ? 
_pdbx_database_status.status_code_nmr_data            ? 
# 
loop_
_audit_author.name 
_audit_author.pdbx_ordinal 
'Liaw, Y.-C.'     1 
'Amiraslanov, I.' 2 
'Wang, H.'        3 
'Lieber, A.'      4 
# 
_citation.id                        primary 
_citation.title                     'Identification of CD46 binding sites within the adenovirus serotype 35 fiber knob' 
_citation.journal_abbrev            J.Virol. 
_citation.journal_volume            81 
_citation.page_first                12785 
_citation.page_last                 12792 
_citation.year                      2007 
_citation.journal_id_ASTM           JOVIAM 
_citation.country                   US 
_citation.journal_id_ISSN           0022-538X 
_citation.journal_id_CSD            0825 
_citation.book_publisher            ? 
_citation.pdbx_database_id_PubMed   17898059 
_citation.pdbx_database_id_DOI      10.1128/JVI.01732-07 
# 
loop_
_citation_author.citation_id 
_citation_author.name 
_citation_author.ordinal 
_citation_author.identifier_ORCID 
primary 'Wang, H.'         1  ? 
primary 'Liaw, Y.C.'       2  ? 
primary 'Stone, D.'        3  ? 
primary 'Kalyuzhniy, O.'   4  ? 
primary 'Amiraslanov, I.'  5  ? 
primary 'Tuve, S.'         6  ? 
primary 'Verlinde, C.L.'   7  ? 
primary 'Shayakhmetov, D.' 8  ? 
primary 'Stehle, T.'       9  ? 
primary 'Roffler, S.'      10 ? 
primary 'Lieber, A.'       11 ? 
# 
_cell.entry_id           2QLK 
_cell.length_a           87.831 
_cell.length_b           87.831 
_cell.length_c           53.897 
_cell.angle_alpha        90.000 
_cell.angle_beta         90.000 
_cell.angle_gamma        120.000 
_cell.pdbx_unique_axis   ? 
_cell.Z_PDB              9 
_cell.length_a_esd       ? 
_cell.length_b_esd       ? 
_cell.length_c_esd       ? 
_cell.angle_alpha_esd    ? 
_cell.angle_beta_esd     ? 
_cell.angle_gamma_esd    ? 
# 
_symmetry.entry_id                         2QLK 
_symmetry.space_group_name_H-M             'H 3' 
_symmetry.Int_Tables_number                146 
_symmetry.pdbx_full_space_group_name_H-M   ? 
_symmetry.cell_setting                     ? 
_symmetry.space_group_name_Hall            ? 
# 
loop_
_entity.id 
_entity.type 
_entity.src_method 
_entity.pdbx_description 
_entity.formula_weight 
_entity.pdbx_number_of_molecules 
_entity.pdbx_ec 
_entity.pdbx_mutation 
_entity.pdbx_fragment 
_entity.details 
1 polymer     man Fiber    23658.299 1  ? ? 'head domain residues 123-323' ? 
2 non-polymer syn GLYCEROL 92.094    1  ? ? ?                              ? 
3 water       nat water    18.015    63 ? ? ?                              ? 
# 
_entity_name_com.entity_id   1 
_entity_name_com.name        PIV 
# 
_entity_poly.entity_id                      1 
_entity_poly.type                           'polypeptide(L)' 
_entity_poly.nstd_linkage                   no 
_entity_poly.nstd_monomer                   no 
_entity_poly.pdbx_seq_one_letter_code       
;MRGSHHHHHHGSGDICIKDSINTLWTGINPPPNCQIVENTNTNDGKLTLVLVKNGGLVNGYVSLVGVSDTVNQMFTQKTA
NIQLRLYFDSSGNLLTEESDLKIPLKNKSSTATSETVASSKAFMPSTTAYPFNTTTRDSENYIHGICYYMTSYDRSLFPL
NISIMLNSRMISSNVAYAIQFEWNLNASESPESNIATLTTSPFFFSYITEDDN
;
_entity_poly.pdbx_seq_one_letter_code_can   
;MRGSHHHHHHGSGDICIKDSINTLWTGINPPPNCQIVENTNTNDGKLTLVLVKNGGLVNGYVSLVGVSDTVNQMFTQKTA
NIQLRLYFDSSGNLLTEESDLKIPLKNKSSTATSETVASSKAFMPSTTAYPFNTTTRDSENYIHGICYYMTSYDRSLFPL
NISIMLNSRMISSNVAYAIQFEWNLNASESPESNIATLTTSPFFFSYITEDDN
;
_entity_poly.pdbx_strand_id                 A 
_entity_poly.pdbx_target_identifier         ? 
# 
loop_
_entity_poly_seq.entity_id 
_entity_poly_seq.num 
_entity_poly_seq.mon_id 
_entity_poly_seq.hetero 
1 1   MET n 
1 2   ARG n 
1 3   GLY n 
1 4   SER n 
1 5   HIS n 
1 6   HIS n 
1 7   HIS n 
1 8   HIS n 
1 9   HIS n 
1 10  HIS n 
1 11  GLY n 
1 12  SER n 
1 13  GLY n 
1 14  ASP n 
1 15  ILE n 
1 16  CYS n 
1 17  ILE n 
1 18  LYS n 
1 19  ASP n 
1 20  SER n 
1 21  ILE n 
1 22  ASN n 
1 23  THR n 
1 24  LEU n 
1 25  TRP n 
1 26  THR n 
1 27  GLY n 
1 28  ILE n 
1 29  ASN n 
1 30  PRO n 
1 31  PRO n 
1 32  PRO n 
1 33  ASN n 
1 34  CYS n 
1 35  GLN n 
1 36  ILE n 
1 37  VAL n 
1 38  GLU n 
1 39  ASN n 
1 40  THR n 
1 41  ASN n 
1 42  THR n 
1 43  ASN n 
1 44  ASP n 
1 45  GLY n 
1 46  LYS n 
1 47  LEU n 
1 48  THR n 
1 49  LEU n 
1 50  VAL n 
1 51  LEU n 
1 52  VAL n 
1 53  LYS n 
1 54  ASN n 
1 55  GLY n 
1 56  GLY n 
1 57  LEU n 
1 58  VAL n 
1 59  ASN n 
1 60  GLY n 
1 61  TYR n 
1 62  VAL n 
1 63  SER n 
1 64  LEU n 
1 65  VAL n 
1 66  GLY n 
1 67  VAL n 
1 68  SER n 
1 69  ASP n 
1 70  THR n 
1 71  VAL n 
1 72  ASN n 
1 73  GLN n 
1 74  MET n 
1 75  PHE n 
1 76  THR n 
1 77  GLN n 
1 78  LYS n 
1 79  THR n 
1 80  ALA n 
1 81  ASN n 
1 82  ILE n 
1 83  GLN n 
1 84  LEU n 
1 85  ARG n 
1 86  LEU n 
1 87  TYR n 
1 88  PHE n 
1 89  ASP n 
1 90  SER n 
1 91  SER n 
1 92  GLY n 
1 93  ASN n 
1 94  LEU n 
1 95  LEU n 
1 96  THR n 
1 97  GLU n 
1 98  GLU n 
1 99  SER n 
1 100 ASP n 
1 101 LEU n 
1 102 LYS n 
1 103 ILE n 
1 104 PRO n 
1 105 LEU n 
1 106 LYS n 
1 107 ASN n 
1 108 LYS n 
1 109 SER n 
1 110 SER n 
1 111 THR n 
1 112 ALA n 
1 113 THR n 
1 114 SER n 
1 115 GLU n 
1 116 THR n 
1 117 VAL n 
1 118 ALA n 
1 119 SER n 
1 120 SER n 
1 121 LYS n 
1 122 ALA n 
1 123 PHE n 
1 124 MET n 
1 125 PRO n 
1 126 SER n 
1 127 THR n 
1 128 THR n 
1 129 ALA n 
1 130 TYR n 
1 131 PRO n 
1 132 PHE n 
1 133 ASN n 
1 134 THR n 
1 135 THR n 
1 136 THR n 
1 137 ARG n 
1 138 ASP n 
1 139 SER n 
1 140 GLU n 
1 141 ASN n 
1 142 TYR n 
1 143 ILE n 
1 144 HIS n 
1 145 GLY n 
1 146 ILE n 
1 147 CYS n 
1 148 TYR n 
1 149 TYR n 
1 150 MET n 
1 151 THR n 
1 152 SER n 
1 153 TYR n 
1 154 ASP n 
1 155 ARG n 
1 156 SER n 
1 157 LEU n 
1 158 PHE n 
1 159 PRO n 
1 160 LEU n 
1 161 ASN n 
1 162 ILE n 
1 163 SER n 
1 164 ILE n 
1 165 MET n 
1 166 LEU n 
1 167 ASN n 
1 168 SER n 
1 169 ARG n 
1 170 MET n 
1 171 ILE n 
1 172 SER n 
1 173 SER n 
1 174 ASN n 
1 175 VAL n 
1 176 ALA n 
1 177 TYR n 
1 178 ALA n 
1 179 ILE n 
1 180 GLN n 
1 181 PHE n 
1 182 GLU n 
1 183 TRP n 
1 184 ASN n 
1 185 LEU n 
1 186 ASN n 
1 187 ALA n 
1 188 SER n 
1 189 GLU n 
1 190 SER n 
1 191 PRO n 
1 192 GLU n 
1 193 SER n 
1 194 ASN n 
1 195 ILE n 
1 196 ALA n 
1 197 THR n 
1 198 LEU n 
1 199 THR n 
1 200 THR n 
1 201 SER n 
1 202 PRO n 
1 203 PHE n 
1 204 PHE n 
1 205 PHE n 
1 206 SER n 
1 207 TYR n 
1 208 ILE n 
1 209 THR n 
1 210 GLU n 
1 211 ASP n 
1 212 ASP n 
1 213 ASN n 
# 
_entity_src_gen.entity_id                          1 
_entity_src_gen.pdbx_src_id                        1 
_entity_src_gen.pdbx_alt_source_flag               sample 
_entity_src_gen.pdbx_seq_type                      ? 
_entity_src_gen.pdbx_beg_seq_num                   ? 
_entity_src_gen.pdbx_end_seq_num                   ? 
_entity_src_gen.gene_src_common_name               ? 
_entity_src_gen.gene_src_genus                     Mastadenovirus 
_entity_src_gen.pdbx_gene_src_gene                 ? 
_entity_src_gen.gene_src_species                   'Human adenovirus B' 
_entity_src_gen.gene_src_strain                    AD35 
_entity_src_gen.gene_src_tissue                    ? 
_entity_src_gen.gene_src_tissue_fraction           ? 
_entity_src_gen.gene_src_details                   ? 
_entity_src_gen.pdbx_gene_src_fragment             ? 
_entity_src_gen.pdbx_gene_src_scientific_name      'Human adenovirus 35' 
_entity_src_gen.pdbx_gene_src_ncbi_taxonomy_id     10522 
_entity_src_gen.pdbx_gene_src_variant              ? 
_entity_src_gen.pdbx_gene_src_cell_line            ? 
_entity_src_gen.pdbx_gene_src_atcc                 ? 
_entity_src_gen.pdbx_gene_src_organ                ? 
_entity_src_gen.pdbx_gene_src_organelle            ? 
_entity_src_gen.pdbx_gene_src_cell                 ? 
_entity_src_gen.pdbx_gene_src_cellular_location    ? 
_entity_src_gen.host_org_common_name               ? 
_entity_src_gen.pdbx_host_org_scientific_name      'Escherichia coli BL21(DE3)' 
_entity_src_gen.pdbx_host_org_ncbi_taxonomy_id     469008 
_entity_src_gen.host_org_genus                     Escherichia 
_entity_src_gen.pdbx_host_org_gene                 ? 
_entity_src_gen.pdbx_host_org_organ                ? 
_entity_src_gen.host_org_species                   'Escherichia coli' 
_entity_src_gen.pdbx_host_org_tissue               ? 
_entity_src_gen.pdbx_host_org_tissue_fraction      ? 
_entity_src_gen.pdbx_host_org_strain               'BL21(DE3)' 
_entity_src_gen.pdbx_host_org_variant              ? 
_entity_src_gen.pdbx_host_org_cell_line            ? 
_entity_src_gen.pdbx_host_org_atcc                 ? 
_entity_src_gen.pdbx_host_org_culture_collection   ? 
_entity_src_gen.pdbx_host_org_cell                 ? 
_entity_src_gen.pdbx_host_org_organelle            ? 
_entity_src_gen.pdbx_host_org_cellular_location    ? 
_entity_src_gen.pdbx_host_org_vector_type          plasmid 
_entity_src_gen.pdbx_host_org_vector               ? 
_entity_src_gen.host_org_details                   ? 
_entity_src_gen.expression_system_id               ? 
_entity_src_gen.plasmid_name                       pQE30 
_entity_src_gen.plasmid_details                    ? 
_entity_src_gen.pdbx_description                   ? 
# 
_struct_ref.id                         1 
_struct_ref.db_name                    UNP 
_struct_ref.db_code                    Q67733_ADE35 
_struct_ref.pdbx_db_accession          Q67733 
_struct_ref.entity_id                  1 
_struct_ref.pdbx_seq_one_letter_code   
;GDICIKDSINTLWTGINPPPNCQIVENTNTNDGKLTLVLVKNGGLVNGYVSLVGVSDTVNQMFTQKTANIQLRLYFDSSG
NLLTEESDLKIPLKNKSSTATSETVASSKAFMPSTTAYPFNTTTRDSENYIHGICYYMTSYDRSLFPLNISIMLNSRMIS
SNVAYAIQFEWNLNASESPESNIATLTTSPFFFSYITEDDN
;
_struct_ref.pdbx_align_begin           123 
_struct_ref.pdbx_db_isoform            ? 
# 
_struct_ref_seq.align_id                      1 
_struct_ref_seq.ref_id                        1 
_struct_ref_seq.pdbx_PDB_id_code              2QLK 
_struct_ref_seq.pdbx_strand_id                A 
_struct_ref_seq.seq_align_beg                 13 
_struct_ref_seq.pdbx_seq_align_beg_ins_code   ? 
_struct_ref_seq.seq_align_end                 213 
_struct_ref_seq.pdbx_seq_align_end_ins_code   ? 
_struct_ref_seq.pdbx_db_accession             Q67733 
_struct_ref_seq.db_align_beg                  123 
_struct_ref_seq.pdbx_db_align_beg_ins_code    ? 
_struct_ref_seq.db_align_end                  323 
_struct_ref_seq.pdbx_db_align_end_ins_code    ? 
_struct_ref_seq.pdbx_auth_seq_align_beg       13 
_struct_ref_seq.pdbx_auth_seq_align_end       213 
# 
loop_
_struct_ref_seq_dif.align_id 
_struct_ref_seq_dif.pdbx_pdb_id_code 
_struct_ref_seq_dif.mon_id 
_struct_ref_seq_dif.pdbx_pdb_strand_id 
_struct_ref_seq_dif.seq_num 
_struct_ref_seq_dif.pdbx_pdb_ins_code 
_struct_ref_seq_dif.pdbx_seq_db_name 
_struct_ref_seq_dif.pdbx_seq_db_accession_code 
_struct_ref_seq_dif.db_mon_id 
_struct_ref_seq_dif.pdbx_seq_db_seq_num 
_struct_ref_seq_dif.details 
_struct_ref_seq_dif.pdbx_auth_seq_num 
_struct_ref_seq_dif.pdbx_ordinal 
1 2QLK MET A 1  ? UNP Q67733 ? ? 'expression tag' 1  1  
1 2QLK ARG A 2  ? UNP Q67733 ? ? 'expression tag' 2  2  
1 2QLK GLY A 3  ? UNP Q67733 ? ? 'expression tag' 3  3  
1 2QLK SER A 4  ? UNP Q67733 ? ? 'expression tag' 4  4  
1 2QLK HIS A 5  ? UNP Q67733 ? ? 'expression tag' 5  5  
1 2QLK HIS A 6  ? UNP Q67733 ? ? 'expression tag' 6  6  
1 2QLK HIS A 7  ? UNP Q67733 ? ? 'expression tag' 7  7  
1 2QLK HIS A 8  ? UNP Q67733 ? ? 'expression tag' 8  8  
1 2QLK HIS A 9  ? UNP Q67733 ? ? 'expression tag' 9  9  
1 2QLK HIS A 10 ? UNP Q67733 ? ? 'expression tag' 10 10 
1 2QLK GLY A 11 ? UNP Q67733 ? ? 'expression tag' 11 11 
1 2QLK SER A 12 ? UNP Q67733 ? ? 'expression tag' 12 12 
# 
loop_
_chem_comp.id 
_chem_comp.type 
_chem_comp.mon_nstd_flag 
_chem_comp.name 
_chem_comp.pdbx_synonyms 
_chem_comp.formula 
_chem_comp.formula_weight 
ALA 'L-peptide linking' y ALANINE         ?                               'C3 H7 N O2'     89.093  
ARG 'L-peptide linking' y ARGININE        ?                               'C6 H15 N4 O2 1' 175.209 
ASN 'L-peptide linking' y ASPARAGINE      ?                               'C4 H8 N2 O3'    132.118 
ASP 'L-peptide linking' y 'ASPARTIC ACID' ?                               'C4 H7 N O4'     133.103 
CYS 'L-peptide linking' y CYSTEINE        ?                               'C3 H7 N O2 S'   121.158 
GLN 'L-peptide linking' y GLUTAMINE       ?                               'C5 H10 N2 O3'   146.144 
GLU 'L-peptide linking' y 'GLUTAMIC ACID' ?                               'C5 H9 N O4'     147.129 
GLY 'peptide linking'   y GLYCINE         ?                               'C2 H5 N O2'     75.067  
GOL non-polymer         . GLYCEROL        'GLYCERIN; PROPANE-1,2,3-TRIOL' 'C3 H8 O3'       92.094  
HIS 'L-peptide linking' y HISTIDINE       ?                               'C6 H10 N3 O2 1' 156.162 
HOH non-polymer         . WATER           ?                               'H2 O'           18.015  
ILE 'L-peptide linking' y ISOLEUCINE      ?                               'C6 H13 N O2'    131.173 
LEU 'L-peptide linking' y LEUCINE         ?                               'C6 H13 N O2'    131.173 
LYS 'L-peptide linking' y LYSINE          ?                               'C6 H15 N2 O2 1' 147.195 
MET 'L-peptide linking' y METHIONINE      ?                               'C5 H11 N O2 S'  149.211 
PHE 'L-peptide linking' y PHENYLALANINE   ?                               'C9 H11 N O2'    165.189 
PRO 'L-peptide linking' y PROLINE         ?                               'C5 H9 N O2'     115.130 
SER 'L-peptide linking' y SERINE          ?                               'C3 H7 N O3'     105.093 
THR 'L-peptide linking' y THREONINE       ?                               'C4 H9 N O3'     119.119 
TRP 'L-peptide linking' y TRYPTOPHAN      ?                               'C11 H12 N2 O2'  204.225 
TYR 'L-peptide linking' y TYROSINE        ?                               'C9 H11 N O3'    181.189 
VAL 'L-peptide linking' y VALINE          ?                               'C5 H11 N O2'    117.146 
# 
_exptl.crystals_number   1 
_exptl.entry_id          2QLK 
_exptl.method            'X-RAY DIFFRACTION' 
# 
loop_
_exptl_crystal.id 
_exptl_crystal.density_percent_sol 
_exptl_crystal.density_Matthews 
_exptl_crystal.density_meas 
_exptl_crystal.description 
_exptl_crystal.F_000 
_exptl_crystal.preparation 
1 27.3 1.69 ? ? ? ? 
2 75.6 5.1  ? ? ? ? 
# 
_exptl_crystal_grow.crystal_id      1 
_exptl_crystal_grow.method          'VAPOR DIFFUSION, HANGING DROP' 
_exptl_crystal_grow.pH              8.0 
_exptl_crystal_grow.temp            294 
_exptl_crystal_grow.pdbx_details    
;Protein in 20mM Tris-HCl, 200mM NaCl, 5mM DTT, reservoir: 30% PEG1000, 0.2M MgBr2, pH 8.0, VAPOR DIFFUSION, HANGING DROP, temperature 294K
;
_exptl_crystal_grow.temp_details    ? 
_exptl_crystal_grow.pdbx_pH_range   . 
# 
loop_
_diffrn.id 
_diffrn.ambient_temp 
_diffrn.ambient_temp_details 
_diffrn.crystal_id 
1 100 ? 1 
2 100 ? 1 
# 
loop_
_diffrn_detector.diffrn_id 
_diffrn_detector.detector 
_diffrn_detector.type 
_diffrn_detector.pdbx_collection_date 
_diffrn_detector.details 
1 CCD 'ADSC QUANTUM 315' 2007-01-01 ? 
2 CCD 'ADSC QUANTUM 210' 2007-01-01 ? 
# 
_diffrn_radiation.diffrn_id                        1 
_diffrn_radiation.pdbx_diffrn_protocol             'SINGLE WAVELENGTH' 
_diffrn_radiation.monochromator                    'Si (1,1,1)' 
_diffrn_radiation.wavelength_id                    1 
_diffrn_radiation.pdbx_monochromatic_or_laue_m_l   M 
_diffrn_radiation.pdbx_scattering_type             x-ray 
# 
_diffrn_radiation_wavelength.id           1 
_diffrn_radiation_wavelength.wavelength   1.0 
_diffrn_radiation_wavelength.wt           1.0 
# 
loop_
_diffrn_source.diffrn_id 
_diffrn_source.source 
_diffrn_source.type 
_diffrn_source.pdbx_wavelength_list 
_diffrn_source.pdbx_wavelength 
_diffrn_source.pdbx_synchrotron_site 
_diffrn_source.pdbx_synchrotron_beamline 
1 SYNCHROTRON 'NSRRC BEAMLINE BL13B1' 1.0 ? NSRRC BL13B1 
2 SYNCHROTRON 'NSRRC BEAMLINE BL13C1' 1.0 ? NSRRC BL13C1 
# 
_reflns.entry_id                     2QLK 
_reflns.d_resolution_high            2.020 
_reflns.d_resolution_low             30.000 
_reflns.number_obs                   9568 
_reflns.pdbx_Rmerge_I_obs            0.082 
_reflns.pdbx_netI_over_sigmaI        9.400 
_reflns.pdbx_chi_squared             1.067 
_reflns.pdbx_redundancy              4.700 
_reflns.percent_possible_obs         92.800 
_reflns.observed_criterion_sigma_F   ? 
_reflns.observed_criterion_sigma_I   ? 
_reflns.number_all                   9568 
_reflns.pdbx_Rsym_value              ? 
_reflns.B_iso_Wilson_estimate        10.1 
_reflns.R_free_details               ? 
_reflns.limit_h_max                  ? 
_reflns.limit_h_min                  ? 
_reflns.limit_k_max                  ? 
_reflns.limit_k_min                  ? 
_reflns.limit_l_max                  ? 
_reflns.limit_l_min                  ? 
_reflns.observed_criterion_F_max     ? 
_reflns.observed_criterion_F_min     ? 
_reflns.pdbx_scaling_rejects         ? 
_reflns.pdbx_ordinal                 1 
_reflns.pdbx_diffrn_id               1 
# 
loop_
_reflns_shell.d_res_high 
_reflns_shell.d_res_low 
_reflns_shell.number_measured_obs 
_reflns_shell.number_measured_all 
_reflns_shell.number_unique_obs 
_reflns_shell.Rmerge_I_obs 
_reflns_shell.meanI_over_sigI_obs 
_reflns_shell.pdbx_Rsym_value 
_reflns_shell.pdbx_chi_squared 
_reflns_shell.pdbx_redundancy 
_reflns_shell.percent_possible_obs 
_reflns_shell.number_unique_all 
_reflns_shell.percent_possible_all 
_reflns_shell.pdbx_ordinal 
_reflns_shell.pdbx_diffrn_id 
2.02 2.09  ? ? ? 0.501 ? ? 1.089 2.30 ? 600  58.00  1  1 
2.09 2.18  ? ? ? 0.406 ? ? 1.078 2.90 ? 840  82.10  2  1 
2.18 2.27  ? ? ? 0.373 ? ? 1.098 3.60 ? 929  90.00  3  1 
2.27 2.39  ? ? ? 0.339 ? ? 1.084 4.20 ? 1019 98.20  4  1 
2.39 2.54  ? ? ? 0.284 ? ? 1.091 5.00 ? 1018 100.00 5  1 
2.54 2.74  ? ? ? 0.205 ? ? 1.074 5.40 ? 1034 100.00 6  1 
2.74 3.02  ? ? ? 0.123 ? ? 1.091 5.60 ? 1027 100.00 7  1 
3.02 3.45  ? ? ? 0.084 ? ? 1.033 5.60 ? 1036 100.00 8  1 
3.45 4.35  ? ? ? 0.054 ? ? 1.021 5.50 ? 1031 100.00 9  1 
4.35 30.00 ? ? ? 0.043 ? ? 1.057 5.40 ? 1034 100.00 10 1 
# 
_refine.entry_id                                 2QLK 
_refine.ls_d_res_high                            2.020 
_refine.ls_d_res_low                             25.40 
_refine.pdbx_ls_sigma_F                          0.00 
_refine.ls_percent_reflns_obs                    89.200 
_refine.ls_number_reflns_obs                     9049 
_refine.ls_R_factor_R_work                       0.200 
_refine.ls_R_factor_R_free                       0.257 
_refine.ls_percent_reflns_R_free                 9.300 
_refine.ls_number_reflns_R_free                  946 
_refine.B_iso_mean                               44.853 
_refine.solvent_model_param_bsol                 73.282 
_refine.aniso_B[1][1]                            -7.540 
_refine.aniso_B[2][2]                            -7.540 
_refine.aniso_B[3][3]                            15.079 
_refine.aniso_B[1][2]                            0.000 
_refine.aniso_B[1][3]                            0.000 
_refine.aniso_B[2][3]                            0.000 
_refine.pdbx_method_to_determine_struct          'MOLECULAR REPLACEMENT' 
_refine.overall_FOM_work_R_set                   0.815 
_refine.pdbx_ls_sigma_I                          ? 
_refine.ls_number_reflns_all                     9049 
_refine.ls_R_factor_all                          0.216 
_refine.ls_R_factor_obs                          0.216 
_refine.ls_redundancy_reflns_obs                 ? 
_refine.pdbx_data_cutoff_high_absF               ? 
_refine.pdbx_data_cutoff_low_absF                ? 
_refine.ls_number_parameters                     ? 
_refine.ls_number_restraints                     ? 
_refine.ls_R_factor_R_free_error                 ? 
_refine.ls_R_factor_R_free_error_details         ? 
_refine.pdbx_starting_model                      'PDB ENTRY 1H7Z' 
_refine.pdbx_ls_cross_valid_method               throughtout 
_refine.pdbx_R_Free_selection_details            random 
_refine.pdbx_stereochem_target_val_spec_case     ? 
_refine.pdbx_stereochemistry_target_values       'Engh & Huber' 
_refine.solvent_model_details                    ? 
_refine.solvent_model_param_ksol                 ? 
_refine.occupancy_max                            ? 
_refine.occupancy_min                            ? 
_refine.pdbx_isotropic_thermal_model             restrained 
_refine.details                                  ? 
_refine.B_iso_min                                ? 
_refine.B_iso_max                                ? 
_refine.correlation_coeff_Fo_to_Fc               ? 
_refine.correlation_coeff_Fo_to_Fc_free          ? 
_refine.pdbx_solvent_vdw_probe_radii             ? 
_refine.pdbx_solvent_ion_probe_radii             ? 
_refine.pdbx_solvent_shrinkage_radii             ? 
_refine.overall_SU_R_Cruickshank_DPI             ? 
_refine.overall_SU_R_free                        ? 
_refine.overall_SU_ML                            ? 
_refine.overall_SU_B                             ? 
_refine.pdbx_overall_ESU_R_Free                  ? 
_refine.pdbx_data_cutoff_high_rms_absF           ? 
_refine.pdbx_overall_ESU_R                       ? 
_refine.ls_wR_factor_R_free                      ? 
_refine.ls_wR_factor_R_work                      ? 
_refine.overall_FOM_free_R_set                   ? 
_refine.pdbx_refine_id                           'X-RAY DIFFRACTION' 
_refine.pdbx_diffrn_id                           1 
_refine.pdbx_TLS_residual_ADP_flag               ? 
_refine.pdbx_overall_phase_error                 ? 
_refine.pdbx_overall_SU_R_free_Cruickshank_DPI   ? 
_refine.pdbx_overall_SU_R_Blow_DPI               ? 
_refine.pdbx_overall_SU_R_free_Blow_DPI          ? 
# 
_refine_analyze.entry_id                        2QLK 
_refine_analyze.Luzzati_coordinate_error_obs    0.24 
_refine_analyze.Luzzati_sigma_a_obs             0.28 
_refine_analyze.Luzzati_d_res_low_obs           5.00 
_refine_analyze.Luzzati_coordinate_error_free   0.31 
_refine_analyze.Luzzati_sigma_a_free            0.30 
_refine_analyze.Luzzati_d_res_low_free          ? 
_refine_analyze.number_disordered_residues      ? 
_refine_analyze.occupancy_sum_non_hydrogen      ? 
_refine_analyze.occupancy_sum_hydrogen          ? 
_refine_analyze.pdbx_Luzzati_d_res_high_obs     ? 
_refine_analyze.pdbx_refine_id                  'X-RAY DIFFRACTION' 
# 
_refine_hist.pdbx_refine_id                   'X-RAY DIFFRACTION' 
_refine_hist.cycle_id                         LAST 
_refine_hist.pdbx_number_atoms_protein        1435 
_refine_hist.pdbx_number_atoms_nucleic_acid   0 
_refine_hist.pdbx_number_atoms_ligand         6 
_refine_hist.number_atoms_solvent             63 
_refine_hist.number_atoms_total               1504 
_refine_hist.d_res_high                       2.020 
_refine_hist.d_res_low                        25.40 
# 
loop_
_refine_ls_restr.type 
_refine_ls_restr.dev_ideal 
_refine_ls_restr.dev_ideal_target 
_refine_ls_restr.number 
_refine_ls_restr.weight 
_refine_ls_restr.pdbx_refine_id 
_refine_ls_restr.pdbx_restraint_function 
c_bond_d           0.010 ? ? ? 'X-RAY DIFFRACTION' ? 
c_angle_deg        1.55  ? ? ? 'X-RAY DIFFRACTION' ? 
c_dihedral_angle_d 26.6  ? ? ? 'X-RAY DIFFRACTION' ? 
c_improper_angle_d 0.92  ? ? ? 'X-RAY DIFFRACTION' ? 
# 
loop_
_refine_ls_shell.d_res_high 
_refine_ls_shell.d_res_low 
_refine_ls_shell.pdbx_total_number_of_bins_used 
_refine_ls_shell.percent_reflns_obs 
_refine_ls_shell.number_reflns_R_work 
_refine_ls_shell.R_factor_all 
_refine_ls_shell.R_factor_R_work 
_refine_ls_shell.R_factor_R_free 
_refine_ls_shell.percent_reflns_R_free 
_refine_ls_shell.number_reflns_R_free 
_refine_ls_shell.R_factor_R_free_error 
_refine_ls_shell.number_reflns_all 
_refine_ls_shell.number_reflns_obs 
_refine_ls_shell.redundancy_reflns_obs 
_refine_ls_shell.pdbx_refine_id 
2.020 2.060   18 . 249 . 0.297 0.397 . 24 . . 273 . 'X-RAY DIFFRACTION' 
2.060 2.100   18 . 324 . 0.284 0.289 . 43 . . 367 . 'X-RAY DIFFRACTION' 
2.100 2.150   18 . 395 . 0.256 0.273 . 37 . . 432 . 'X-RAY DIFFRACTION' 
2.150 2.200   18 . 380 . 0.235 0.318 . 43 . . 423 . 'X-RAY DIFFRACTION' 
2.200 2.250   18 . 413 . 0.261 0.306 . 48 . . 461 . 'X-RAY DIFFRACTION' 
2.250 2.310   18 . 459 . 0.231 0.280 . 44 . . 503 . 'X-RAY DIFFRACTION' 
2.310 2.380   18 . 463 . 0.247 0.275 . 47 . . 510 . 'X-RAY DIFFRACTION' 
2.380 2.460   18 . 489 . 0.257 0.368 . 45 . . 534 . 'X-RAY DIFFRACTION' 
2.460 2.550   18 . 451 . 0.249 0.290 . 60 . . 511 . 'X-RAY DIFFRACTION' 
2.550 2.650   18 . 488 . 0.222 0.322 . 66 . . 554 . 'X-RAY DIFFRACTION' 
2.650 2.770   18 . 499 . 0.208 0.265 . 53 . . 552 . 'X-RAY DIFFRACTION' 
2.770 2.910   18 . 482 . 0.203 0.281 . 62 . . 544 . 'X-RAY DIFFRACTION' 
2.910 3.100   18 . 500 . 0.203 0.276 . 67 . . 567 . 'X-RAY DIFFRACTION' 
3.100 3.330   18 . 499 . 0.185 0.240 . 61 . . 560 . 'X-RAY DIFFRACTION' 
3.330 3.670   18 . 487 . 0.166 0.234 . 81 . . 568 . 'X-RAY DIFFRACTION' 
3.670 4.200   18 . 493 . 0.161 0.213 . 61 . . 554 . 'X-RAY DIFFRACTION' 
4.200 5.290   18 . 531 . 0.170 0.213 . 43 . . 574 . 'X-RAY DIFFRACTION' 
5.290 500.010 18 . 501 . 0.206 0.251 . 61 . . 562 . 'X-RAY DIFFRACTION' 
# 
loop_
_pdbx_xplor_file.serial_no 
_pdbx_xplor_file.param_file 
_pdbx_xplor_file.topol_file 
_pdbx_xplor_file.pdbx_refine_id 
1 protein_rep.param ? 'X-RAY DIFFRACTION' 
2 gol.par           ? 'X-RAY DIFFRACTION' 
3 water_rep.param   ? 'X-RAY DIFFRACTION' 
4 ion.param         ? 'X-RAY DIFFRACTION' 
# 
_struct.entry_id                  2QLK 
_struct.title                     'Adenovirus AD35 fibre head' 
_struct.pdbx_model_details        ? 
_struct.pdbx_CASP_flag            ? 
_struct.pdbx_model_type_details   ? 
# 
_struct_keywords.entry_id        2QLK 
_struct_keywords.text            'adenovirus, AD35, Fibre, CD46-bindning, VIRAL PROTEIN' 
_struct_keywords.pdbx_keywords   'VIRAL PROTEIN' 
# 
loop_
_struct_asym.id 
_struct_asym.pdbx_blank_PDB_chainid_flag 
_struct_asym.pdbx_modified 
_struct_asym.entity_id 
_struct_asym.details 
A N N 1 ? 
B N N 2 ? 
C N N 3 ? 
# 
_struct_biol.id   1 
# 
loop_
_struct_conf.conf_type_id 
_struct_conf.id 
_struct_conf.pdbx_PDB_helix_id 
_struct_conf.beg_label_comp_id 
_struct_conf.beg_label_asym_id 
_struct_conf.beg_label_seq_id 
_struct_conf.pdbx_beg_PDB_ins_code 
_struct_conf.end_label_comp_id 
_struct_conf.end_label_asym_id 
_struct_conf.end_label_seq_id 
_struct_conf.pdbx_end_PDB_ins_code 
_struct_conf.beg_auth_comp_id 
_struct_conf.beg_auth_asym_id 
_struct_conf.beg_auth_seq_id 
_struct_conf.end_auth_comp_id 
_struct_conf.end_auth_asym_id 
_struct_conf.end_auth_seq_id 
_struct_conf.pdbx_PDB_helix_class 
_struct_conf.details 
_struct_conf.pdbx_PDB_helix_length 
HELX_P HELX_P1 1 THR A 70  ? GLN A 77  ? THR A 70  GLN A 77  5 ? 8 
HELX_P HELX_P2 2 SER A 119 ? MET A 124 ? SER A 119 MET A 124 5 ? 6 
HELX_P HELX_P3 3 ASP A 138 ? GLU A 140 ? ASP A 138 GLU A 140 5 ? 3 
# 
_struct_conf_type.id          HELX_P 
_struct_conf_type.criteria    ? 
_struct_conf_type.reference   ? 
# 
loop_
_struct_sheet.id 
_struct_sheet.type 
_struct_sheet.number_strands 
_struct_sheet.details 
A ? 5 ? 
B ? 4 ? 
# 
loop_
_struct_sheet_order.sheet_id 
_struct_sheet_order.range_id_1 
_struct_sheet_order.range_id_2 
_struct_sheet_order.offset 
_struct_sheet_order.sense 
A 1 2 ? anti-parallel 
A 2 3 ? anti-parallel 
A 3 4 ? anti-parallel 
A 4 5 ? anti-parallel 
B 1 2 ? anti-parallel 
B 2 3 ? anti-parallel 
B 3 4 ? anti-parallel 
# 
loop_
_struct_sheet_range.sheet_id 
_struct_sheet_range.id 
_struct_sheet_range.beg_label_comp_id 
_struct_sheet_range.beg_label_asym_id 
_struct_sheet_range.beg_label_seq_id 
_struct_sheet_range.pdbx_beg_PDB_ins_code 
_struct_sheet_range.end_label_comp_id 
_struct_sheet_range.end_label_asym_id 
_struct_sheet_range.end_label_seq_id 
_struct_sheet_range.pdbx_end_PDB_ins_code 
_struct_sheet_range.beg_auth_comp_id 
_struct_sheet_range.beg_auth_asym_id 
_struct_sheet_range.beg_auth_seq_id 
_struct_sheet_range.end_auth_comp_id 
_struct_sheet_range.end_auth_asym_id 
_struct_sheet_range.end_auth_seq_id 
A 1 LYS A 106 ? ASN A 107 ? LYS A 106 ASN A 107 
A 2 THR A 23  ? TRP A 25  ? THR A 23  TRP A 25  
A 3 GLY A 45  ? ASN A 54  ? GLY A 45  ASN A 54  
A 4 LEU A 57  ? GLY A 66  ? LEU A 57  GLY A 66  
A 5 PHE A 203 ? ILE A 208 ? PHE A 203 ILE A 208 
B 1 THR A 79  ? PHE A 88  ? THR A 79  PHE A 88  
B 2 TYR A 177 ? ASN A 186 ? TYR A 177 ASN A 186 
B 3 LEU A 157 ? LEU A 166 ? LEU A 157 LEU A 166 
B 4 TYR A 142 ? MET A 150 ? TYR A 142 MET A 150 
# 
loop_
_pdbx_struct_sheet_hbond.sheet_id 
_pdbx_struct_sheet_hbond.range_id_1 
_pdbx_struct_sheet_hbond.range_id_2 
_pdbx_struct_sheet_hbond.range_1_label_atom_id 
_pdbx_struct_sheet_hbond.range_1_label_comp_id 
_pdbx_struct_sheet_hbond.range_1_label_asym_id 
_pdbx_struct_sheet_hbond.range_1_label_seq_id 
_pdbx_struct_sheet_hbond.range_1_PDB_ins_code 
_pdbx_struct_sheet_hbond.range_1_auth_atom_id 
_pdbx_struct_sheet_hbond.range_1_auth_comp_id 
_pdbx_struct_sheet_hbond.range_1_auth_asym_id 
_pdbx_struct_sheet_hbond.range_1_auth_seq_id 
_pdbx_struct_sheet_hbond.range_2_label_atom_id 
_pdbx_struct_sheet_hbond.range_2_label_comp_id 
_pdbx_struct_sheet_hbond.range_2_label_asym_id 
_pdbx_struct_sheet_hbond.range_2_label_seq_id 
_pdbx_struct_sheet_hbond.range_2_PDB_ins_code 
_pdbx_struct_sheet_hbond.range_2_auth_atom_id 
_pdbx_struct_sheet_hbond.range_2_auth_comp_id 
_pdbx_struct_sheet_hbond.range_2_auth_asym_id 
_pdbx_struct_sheet_hbond.range_2_auth_seq_id 
A 1 2 O LYS A 106 ? O LYS A 106 N TRP A 25  ? N TRP A 25  
A 2 3 N LEU A 24  ? N LEU A 24  O LEU A 51  ? O LEU A 51  
A 3 4 N LYS A 46  ? N LYS A 46  O VAL A 65  ? O VAL A 65  
A 4 5 N GLY A 60  ? N GLY A 60  O PHE A 205 ? O PHE A 205 
B 1 2 N LEU A 84  ? N LEU A 84  O PHE A 181 ? O PHE A 181 
B 2 3 O ASN A 184 ? O ASN A 184 N ASN A 161 ? N ASN A 161 
B 3 4 O LEU A 160 ? O LEU A 160 N CYS A 147 ? N CYS A 147 
# 
_struct_site.id                   AC1 
_struct_site.pdbx_evidence_code   Software 
_struct_site.pdbx_auth_asym_id    A 
_struct_site.pdbx_auth_comp_id    GOL 
_struct_site.pdbx_auth_seq_id     301 
_struct_site.pdbx_auth_ins_code   ? 
_struct_site.pdbx_num_residues    10 
_struct_site.details              'BINDING SITE FOR RESIDUE GOL A 301' 
# 
loop_
_struct_site_gen.id 
_struct_site_gen.site_id 
_struct_site_gen.pdbx_num_res 
_struct_site_gen.label_comp_id 
_struct_site_gen.label_asym_id 
_struct_site_gen.label_seq_id 
_struct_site_gen.pdbx_auth_ins_code 
_struct_site_gen.auth_comp_id 
_struct_site_gen.auth_asym_id 
_struct_site_gen.auth_seq_id 
_struct_site_gen.label_atom_id 
_struct_site_gen.label_alt_id 
_struct_site_gen.symmetry 
_struct_site_gen.details 
1  AC1 10 HIS A 144 ? HIS A 144 . ? 3_555 ? 
2  AC1 10 ILE A 146 ? ILE A 146 . ? 1_555 ? 
3  AC1 10 PRO A 202 ? PRO A 202 . ? 1_555 ? 
4  AC1 10 PHE A 203 ? PHE A 203 . ? 3_555 ? 
5  AC1 10 PHE A 203 ? PHE A 203 . ? 1_555 ? 
6  AC1 10 PHE A 204 ? PHE A 204 . ? 1_555 ? 
7  AC1 10 HOH C .   ? HOH A 310 . ? 3_555 ? 
8  AC1 10 HOH C .   ? HOH A 310 . ? 1_555 ? 
9  AC1 10 HOH C .   ? HOH A 317 . ? 3_555 ? 
10 AC1 10 HOH C .   ? HOH A 317 . ? 1_555 ? 
# 
_atom_sites.entry_id                    2QLK 
_atom_sites.fract_transf_matrix[1][1]   0.00642703 
_atom_sites.fract_transf_matrix[1][2]   -0.00998591 
_atom_sites.fract_transf_matrix[1][3]   0.00564094 
_atom_sites.fract_transf_matrix[2][1]   0.01158363 
_atom_sites.fract_transf_matrix[2][2]   -0.00392336 
_atom_sites.fract_transf_matrix[2][3]   -0.00482393 
_atom_sites.fract_transf_matrix[3][1]   0.00871389 
_atom_sites.fract_transf_matrix[3][2]   0.01194192 
_atom_sites.fract_transf_matrix[3][3]   0.01121203 
_atom_sites.fract_transf_vector[1]      0.027519 
_atom_sites.fract_transf_vector[2]      0.192828 
_atom_sites.fract_transf_vector[3]      -0.010655 
# 
loop_
_atom_type.symbol 
C 
N 
O 
S 
# 
loop_
_atom_site.group_PDB 
_atom_site.id 
_atom_site.type_symbol 
_atom_site.label_atom_id 
_atom_site.label_alt_id 
_atom_site.label_comp_id 
_atom_site.label_asym_id 
_atom_site.label_entity_id 
_atom_site.label_seq_id 
_atom_site.pdbx_PDB_ins_code 
_atom_site.Cartn_x 
_atom_site.Cartn_y 
_atom_site.Cartn_z 
_atom_site.occupancy 
_atom_site.B_iso_or_equiv 
_atom_site.pdbx_formal_charge 
_atom_site.auth_seq_id 
_atom_site.auth_comp_id 
_atom_site.auth_asym_id 
_atom_site.auth_atom_id 
_atom_site.pdbx_PDB_model_num 
ATOM   1    N N   . SER A 1 20  ? -18.277 -15.256 -4.600  1.00 88.50  ? 20  SER A N   1 
ATOM   2    C CA  . SER A 1 20  ? -17.071 -16.123 -4.733  1.00 88.23  ? 20  SER A CA  1 
ATOM   3    C C   . SER A 1 20  ? -16.185 -15.665 -5.893  1.00 87.71  ? 20  SER A C   1 
ATOM   4    O O   . SER A 1 20  ? -16.663 -15.036 -6.837  1.00 87.72  ? 20  SER A O   1 
ATOM   5    C CB  . SER A 1 20  ? -17.496 -17.581 -4.941  1.00 78.10  ? 20  SER A CB  1 
ATOM   6    O OG  . SER A 1 20  ? -18.297 -18.034 -3.863  1.00 77.38  ? 20  SER A OG  1 
ATOM   7    N N   . ILE A 1 21  ? -14.895 -15.993 -5.805  1.00 110.86 ? 21  ILE A N   1 
ATOM   8    C CA  . ILE A 1 21  ? -13.891 -15.631 -6.813  1.00 110.13 ? 21  ILE A CA  1 
ATOM   9    C C   . ILE A 1 21  ? -13.900 -14.123 -7.070  1.00 108.95 ? 21  ILE A C   1 
ATOM   10   O O   . ILE A 1 21  ? -13.546 -13.652 -8.153  1.00 108.39 ? 21  ILE A O   1 
ATOM   11   C CB  . ILE A 1 21  ? -14.106 -16.412 -8.154  1.00 96.00  ? 21  ILE A CB  1 
ATOM   12   C CG1 . ILE A 1 21  ? -12.816 -16.378 -8.981  1.00 96.16  ? 21  ILE A CG1 1 
ATOM   13   C CG2 . ILE A 1 21  ? -15.257 -15.806 -8.969  1.00 95.73  ? 21  ILE A CG2 1 
ATOM   14   C CD1 . ILE A 1 21  ? -12.888 -17.177 -10.277 1.00 96.55  ? 21  ILE A CD1 1 
ATOM   15   N N   . ASN A 1 22  ? -14.297 -13.375 -6.046  1.00 71.56  ? 22  ASN A N   1 
ATOM   16   C CA  . ASN A 1 22  ? -14.369 -11.923 -6.122  1.00 69.36  ? 22  ASN A CA  1 
ATOM   17   C C   . ASN A 1 22  ? -13.288 -11.330 -5.229  1.00 66.81  ? 22  ASN A C   1 
ATOM   18   O O   . ASN A 1 22  ? -13.532 -10.399 -4.459  1.00 67.02  ? 22  ASN A O   1 
ATOM   19   C CB  . ASN A 1 22  ? -15.743 -11.455 -5.654  1.00 88.62  ? 22  ASN A CB  1 
ATOM   20   C CG  . ASN A 1 22  ? -16.043 -11.872 -4.231  1.00 91.28  ? 22  ASN A CG  1 
ATOM   21   O OD1 . ASN A 1 22  ? -16.005 -13.058 -3.897  1.00 91.99  ? 22  ASN A OD1 1 
ATOM   22   N ND2 . ASN A 1 22  ? -16.345 -10.895 -3.380  1.00 92.15  ? 22  ASN A ND2 1 
ATOM   23   N N   . THR A 1 23  ? -12.082 -11.869 -5.353  1.00 46.71  ? 23  THR A N   1 
ATOM   24   C CA  . THR A 1 23  ? -10.977 -11.411 -4.539  1.00 43.38  ? 23  THR A CA  1 
ATOM   25   C C   . THR A 1 23  ? -9.638  -11.330 -5.283  1.00 41.69  ? 23  THR A C   1 
ATOM   26   O O   . THR A 1 23  ? -9.157  -12.314 -5.858  1.00 41.40  ? 23  THR A O   1 
ATOM   27   C CB  . THR A 1 23  ? -10.866 -12.310 -3.279  1.00 53.21  ? 23  THR A CB  1 
ATOM   28   O OG1 . THR A 1 23  ? -9.579  -12.151 -2.662  1.00 51.46  ? 23  THR A OG1 1 
ATOM   29   C CG2 . THR A 1 23  ? -11.098 -13.769 -3.652  1.00 54.12  ? 23  THR A CG2 1 
ATOM   30   N N   . LEU A 1 24  ? -9.060  -10.131 -5.281  1.00 45.12  ? 24  LEU A N   1 
ATOM   31   C CA  . LEU A 1 24  ? -7.780  -9.852  -5.921  1.00 42.54  ? 24  LEU A CA  1 
ATOM   32   C C   . LEU A 1 24  ? -6.748  -9.599  -4.803  1.00 41.11  ? 24  LEU A C   1 
ATOM   33   O O   . LEU A 1 24  ? -6.956  -8.729  -3.954  1.00 42.21  ? 24  LEU A O   1 
ATOM   34   C CB  . LEU A 1 24  ? -7.933  -8.618  -6.803  1.00 39.94  ? 24  LEU A CB  1 
ATOM   35   C CG  . LEU A 1 24  ? -6.850  -8.209  -7.786  1.00 40.49  ? 24  LEU A CG  1 
ATOM   36   C CD1 . LEU A 1 24  ? -6.566  -9.345  -8.782  1.00 39.90  ? 24  LEU A CD1 1 
ATOM   37   C CD2 . LEU A 1 24  ? -7.333  -6.958  -8.520  1.00 40.20  ? 24  LEU A CD2 1 
ATOM   38   N N   . TRP A 1 25  ? -5.650  -10.350 -4.780  1.00 37.32  ? 25  TRP A N   1 
ATOM   39   C CA  . TRP A 1 25  ? -4.671  -10.172 -3.714  1.00 34.78  ? 25  TRP A CA  1 
ATOM   40   C C   . TRP A 1 25  ? -3.255  -10.577 -4.057  1.00 34.21  ? 25  TRP A C   1 
ATOM   41   O O   . TRP A 1 25  ? -2.977  -11.123 -5.134  1.00 35.06  ? 25  TRP A O   1 
ATOM   42   C CB  . TRP A 1 25  ? -5.118  -10.944 -2.461  1.00 51.73  ? 25  TRP A CB  1 
ATOM   43   C CG  . TRP A 1 25  ? -5.121  -12.449 -2.625  1.00 54.31  ? 25  TRP A CG  1 
ATOM   44   C CD1 . TRP A 1 25  ? -5.094  -13.146 -3.798  1.00 55.83  ? 25  TRP A CD1 1 
ATOM   45   C CD2 . TRP A 1 25  ? -5.169  -13.434 -1.578  1.00 56.35  ? 25  TRP A CD2 1 
ATOM   46   N NE1 . TRP A 1 25  ? -5.121  -14.495 -3.551  1.00 56.61  ? 25  TRP A NE1 1 
ATOM   47   C CE2 . TRP A 1 25  ? -5.168  -14.703 -2.200  1.00 57.41  ? 25  TRP A CE2 1 
ATOM   48   C CE3 . TRP A 1 25  ? -5.212  -13.368 -0.179  1.00 58.12  ? 25  TRP A CE3 1 
ATOM   49   C CZ2 . TRP A 1 25  ? -5.209  -15.903 -1.471  1.00 58.18  ? 25  TRP A CZ2 1 
ATOM   50   C CZ3 . TRP A 1 25  ? -5.254  -14.568 0.551   1.00 58.66  ? 25  TRP A CZ3 1 
ATOM   51   C CH2 . TRP A 1 25  ? -5.251  -15.816 -0.104  1.00 58.96  ? 25  TRP A CH2 1 
ATOM   52   N N   . THR A 1 26  ? -2.362  -10.325 -3.111  1.00 32.04  ? 26  THR A N   1 
ATOM   53   C CA  . THR A 1 26  ? -0.966  -10.646 -3.278  1.00 30.14  ? 26  THR A CA  1 
ATOM   54   C C   . THR A 1 26  ? -0.683  -12.086 -2.853  1.00 31.19  ? 26  THR A C   1 
ATOM   55   O O   . THR A 1 26  ? 0.442   -12.547 -2.996  1.00 31.07  ? 26  THR A O   1 
ATOM   56   C CB  . THR A 1 26  ? -0.063  -9.723  -2.422  1.00 30.47  ? 26  THR A CB  1 
ATOM   57   O OG1 . THR A 1 26  ? -0.480  -9.774  -1.052  1.00 27.73  ? 26  THR A OG1 1 
ATOM   58   C CG2 . THR A 1 26  ? -0.104  -8.304  -2.907  1.00 30.35  ? 26  THR A CG2 1 
ATOM   59   N N   . GLY A 1 27  ? -1.698  -12.787 -2.351  1.00 35.40  ? 27  GLY A N   1 
ATOM   60   C CA  . GLY A 1 27  ? -1.492  -14.142 -1.866  1.00 39.20  ? 27  GLY A CA  1 
ATOM   61   C C   . GLY A 1 27  ? -1.060  -13.978 -0.418  1.00 41.99  ? 27  GLY A C   1 
ATOM   62   O O   . GLY A 1 27  ? -0.419  -12.973 -0.098  1.00 41.41  ? 27  GLY A O   1 
ATOM   63   N N   . ILE A 1 28  ? -1.384  -14.933 0.449   1.00 93.01  ? 28  ILE A N   1 
ATOM   64   C CA  . ILE A 1 28  ? -1.033  -14.820 1.865   1.00 95.34  ? 28  ILE A CA  1 
ATOM   65   C C   . ILE A 1 28  ? 0.395   -14.395 2.200   1.00 96.63  ? 28  ILE A C   1 
ATOM   66   O O   . ILE A 1 28  ? 0.663   -13.208 2.353   1.00 100.02 ? 28  ILE A O   1 
ATOM   67   C CB  . ILE A 1 28  ? -1.347  -16.120 2.629   1.00 43.54  ? 28  ILE A CB  1 
ATOM   68   C CG1 . ILE A 1 28  ? -2.864  -16.340 2.658   1.00 43.90  ? 28  ILE A CG1 1 
ATOM   69   C CG2 . ILE A 1 28  ? -0.814  -16.032 4.060   1.00 44.25  ? 28  ILE A CG2 1 
ATOM   70   C CD1 . ILE A 1 28  ? -3.295  -17.592 3.375   1.00 43.62  ? 28  ILE A CD1 1 
ATOM   71   N N   . ASN A 1 29  ? 1.304   -15.355 2.337   1.00 51.77  ? 29  ASN A N   1 
ATOM   72   C CA  . ASN A 1 29  ? 2.697   -15.058 2.673   1.00 50.68  ? 29  ASN A CA  1 
ATOM   73   C C   . ASN A 1 29  ? 3.548   -14.956 1.409   1.00 48.83  ? 29  ASN A C   1 
ATOM   74   O O   . ASN A 1 29  ? 4.317   -15.865 1.097   1.00 49.12  ? 29  ASN A O   1 
ATOM   75   C CB  . ASN A 1 29  ? 3.256   -16.161 3.580   1.00 68.00  ? 29  ASN A CB  1 
ATOM   76   C CG  . ASN A 1 29  ? 4.692   -15.905 4.006   1.00 69.06  ? 29  ASN A CG  1 
ATOM   77   O OD1 . ASN A 1 29  ? 5.593   -15.778 3.175   1.00 71.01  ? 29  ASN A OD1 1 
ATOM   78   N ND2 . ASN A 1 29  ? 4.911   -15.834 5.310   1.00 70.72  ? 29  ASN A ND2 1 
ATOM   79   N N   . PRO A 1 30  ? 3.436   -13.838 0.679   1.00 41.49  ? 30  PRO A N   1 
ATOM   80   C CA  . PRO A 1 30  ? 4.195   -13.636 -0.556  1.00 38.83  ? 30  PRO A CA  1 
ATOM   81   C C   . PRO A 1 30  ? 5.679   -13.438 -0.309  1.00 36.80  ? 30  PRO A C   1 
ATOM   82   O O   . PRO A 1 30  ? 6.101   -13.160 0.812   1.00 36.14  ? 30  PRO A O   1 
ATOM   83   C CB  . PRO A 1 30  ? 3.573   -12.377 -1.124  1.00 51.18  ? 30  PRO A CB  1 
ATOM   84   C CG  . PRO A 1 30  ? 3.429   -11.562 0.114   1.00 52.27  ? 30  PRO A CG  1 
ATOM   85   C CD  . PRO A 1 30  ? 2.828   -12.563 1.102   1.00 52.90  ? 30  PRO A CD  1 
ATOM   86   N N   . PRO A 1 31  ? 6.496   -13.590 -1.363  1.00 37.49  ? 31  PRO A N   1 
ATOM   87   C CA  . PRO A 1 31  ? 7.937   -13.400 -1.216  1.00 35.99  ? 31  PRO A CA  1 
ATOM   88   C C   . PRO A 1 31  ? 8.171   -11.889 -1.235  1.00 34.15  ? 31  PRO A C   1 
ATOM   89   O O   . PRO A 1 31  ? 7.215   -11.121 -1.412  1.00 32.41  ? 31  PRO A O   1 
ATOM   90   C CB  . PRO A 1 31  ? 8.489   -14.071 -2.468  1.00 42.41  ? 31  PRO A CB  1 
ATOM   91   C CG  . PRO A 1 31  ? 7.441   -13.729 -3.492  1.00 41.92  ? 31  PRO A CG  1 
ATOM   92   C CD  . PRO A 1 31  ? 6.156   -14.018 -2.733  1.00 42.35  ? 31  PRO A CD  1 
ATOM   93   N N   . PRO A 1 32  ? 9.420   -11.438 -1.014  1.00 30.64  ? 32  PRO A N   1 
ATOM   94   C CA  . PRO A 1 32  ? 9.639   -9.984  -1.060  1.00 29.65  ? 32  PRO A CA  1 
ATOM   95   C C   . PRO A 1 32  ? 9.031   -9.576  -2.404  1.00 31.09  ? 32  PRO A C   1 
ATOM   96   O O   . PRO A 1 32  ? 9.404   -10.144 -3.448  1.00 32.01  ? 32  PRO A O   1 
ATOM   97   C CB  . PRO A 1 32  ? 11.157  -9.860  -1.047  1.00 34.30  ? 32  PRO A CB  1 
ATOM   98   C CG  . PRO A 1 32  ? 11.582  -11.052 -0.187  1.00 33.29  ? 32  PRO A CG  1 
ATOM   99   C CD  . PRO A 1 32  ? 10.644  -12.166 -0.631  1.00 33.61  ? 32  PRO A CD  1 
ATOM   100  N N   . ASN A 1 33  ? 8.097   -8.619  -2.381  1.00 24.71  ? 33  ASN A N   1 
ATOM   101  C CA  . ASN A 1 33  ? 7.398   -8.221  -3.589  1.00 24.93  ? 33  ASN A CA  1 
ATOM   102  C C   . ASN A 1 33  ? 7.328   -6.723  -3.894  1.00 24.87  ? 33  ASN A C   1 
ATOM   103  O O   . ASN A 1 33  ? 6.735   -6.332  -4.898  1.00 26.90  ? 33  ASN A O   1 
ATOM   104  C CB  . ASN A 1 33  ? 5.981   -8.808  -3.552  1.00 25.17  ? 33  ASN A CB  1 
ATOM   105  C CG  . ASN A 1 33  ? 5.196   -8.328  -2.340  1.00 25.23  ? 33  ASN A CG  1 
ATOM   106  O OD1 . ASN A 1 33  ? 5.648   -7.437  -1.622  1.00 19.22  ? 33  ASN A OD1 1 
ATOM   107  N ND2 . ASN A 1 33  ? 4.022   -8.899  -2.122  1.00 20.87  ? 33  ASN A ND2 1 
ATOM   108  N N   . CYS A 1 34  ? 7.911   -5.879  -3.043  1.00 24.51  ? 34  CYS A N   1 
ATOM   109  C CA  . CYS A 1 34  ? 7.889   -4.443  -3.326  1.00 25.88  ? 34  CYS A CA  1 
ATOM   110  C C   . CYS A 1 34  ? 9.215   -3.780  -3.002  1.00 26.47  ? 34  CYS A C   1 
ATOM   111  O O   . CYS A 1 34  ? 10.072  -4.375  -2.375  1.00 26.52  ? 34  CYS A O   1 
ATOM   112  C CB  . CYS A 1 34  ? 6.741   -3.758  -2.575  1.00 32.53  ? 34  CYS A CB  1 
ATOM   113  S SG  . CYS A 1 34  ? 6.805   -3.941  -0.812  1.00 35.04  ? 34  CYS A SG  1 
ATOM   114  N N   . GLN A 1 35  ? 9.390   -2.542  -3.434  1.00 31.87  ? 35  GLN A N   1 
ATOM   115  C CA  . GLN A 1 35  ? 10.643  -1.843  -3.191  1.00 31.88  ? 35  GLN A CA  1 
ATOM   116  C C   . GLN A 1 35  ? 10.382  -0.573  -2.410  1.00 31.26  ? 35  GLN A C   1 
ATOM   117  O O   . GLN A 1 35  ? 9.765   0.370   -2.901  1.00 29.66  ? 35  GLN A O   1 
ATOM   118  C CB  . GLN A 1 35  ? 11.336  -1.538  -4.535  1.00 43.21  ? 35  GLN A CB  1 
ATOM   119  C CG  . GLN A 1 35  ? 11.455  -2.790  -5.411  1.00 44.86  ? 35  GLN A CG  1 
ATOM   120  C CD  . GLN A 1 35  ? 12.294  -2.620  -6.673  1.00 47.01  ? 35  GLN A CD  1 
ATOM   121  O OE1 . GLN A 1 35  ? 12.176  -1.627  -7.390  1.00 47.69  ? 35  GLN A OE1 1 
ATOM   122  N NE2 . GLN A 1 35  ? 13.131  -3.616  -6.957  1.00 48.16  ? 35  GLN A NE2 1 
ATOM   123  N N   . ILE A 1 36  ? 10.862  -0.571  -1.179  1.00 25.93  ? 36  ILE A N   1 
ATOM   124  C CA  . ILE A 1 36  ? 10.693  0.555   -0.278  1.00 28.05  ? 36  ILE A CA  1 
ATOM   125  C C   . ILE A 1 36  ? 11.795  1.585   -0.462  1.00 31.16  ? 36  ILE A C   1 
ATOM   126  O O   . ILE A 1 36  ? 11.535  2.787   -0.463  1.00 32.31  ? 36  ILE A O   1 
ATOM   127  C CB  . ILE A 1 36  ? 10.676  0.060   1.191   1.00 25.39  ? 36  ILE A CB  1 
ATOM   128  C CG1 . ILE A 1 36  ? 9.367   -0.708  1.433   1.00 24.05  ? 36  ILE A CG1 1 
ATOM   129  C CG2 . ILE A 1 36  ? 10.795  1.241   2.172   1.00 26.72  ? 36  ILE A CG2 1 
ATOM   130  C CD1 . ILE A 1 36  ? 9.422   -1.642  2.605   1.00 23.87  ? 36  ILE A CD1 1 
ATOM   131  N N   . VAL A 1 37  ? 13.023  1.109   -0.607  1.00 43.29  ? 37  VAL A N   1 
ATOM   132  C CA  . VAL A 1 37  ? 14.167  1.984   -0.792  1.00 47.96  ? 37  VAL A CA  1 
ATOM   133  C C   . VAL A 1 37  ? 14.332  2.240   -2.286  1.00 50.85  ? 37  VAL A C   1 
ATOM   134  O O   . VAL A 1 37  ? 14.409  1.292   -3.069  1.00 52.10  ? 37  VAL A O   1 
ATOM   135  C CB  . VAL A 1 37  ? 15.443  1.317   -0.223  1.00 42.77  ? 37  VAL A CB  1 
ATOM   136  C CG1 . VAL A 1 37  ? 16.676  2.126   -0.574  1.00 43.07  ? 37  VAL A CG1 1 
ATOM   137  C CG2 . VAL A 1 37  ? 15.299  1.169   1.285   1.00 42.44  ? 37  VAL A CG2 1 
ATOM   138  N N   . GLU A 1 38  ? 14.360  3.504   -2.702  1.00 40.84  ? 38  GLU A N   1 
ATOM   139  C CA  . GLU A 1 38  ? 14.522  3.754   -4.122  1.00 43.62  ? 38  GLU A CA  1 
ATOM   140  C C   . GLU A 1 38  ? 15.890  3.239   -4.566  1.00 45.03  ? 38  GLU A C   1 
ATOM   141  O O   . GLU A 1 38  ? 16.841  3.205   -3.774  1.00 44.22  ? 38  GLU A O   1 
ATOM   142  C CB  . GLU A 1 38  ? 14.332  5.242   -4.453  1.00 64.42  ? 38  GLU A CB  1 
ATOM   143  C CG  . GLU A 1 38  ? 15.260  6.218   -3.770  1.00 66.39  ? 38  GLU A CG  1 
ATOM   144  C CD  . GLU A 1 38  ? 14.831  7.665   -4.015  1.00 67.89  ? 38  GLU A CD  1 
ATOM   145  O OE1 . GLU A 1 38  ? 13.695  7.879   -4.500  1.00 66.07  ? 38  GLU A OE1 1 
ATOM   146  O OE2 . GLU A 1 38  ? 15.622  8.585   -3.714  1.00 67.63  ? 38  GLU A OE2 1 
ATOM   147  N N   . ASN A 1 39  ? 15.980  2.807   -5.819  1.00 76.57  ? 39  ASN A N   1 
ATOM   148  C CA  . ASN A 1 39  ? 17.234  2.276   -6.336  1.00 79.69  ? 39  ASN A CA  1 
ATOM   149  C C   . ASN A 1 39  ? 17.692  1.117   -5.460  1.00 80.47  ? 39  ASN A C   1 
ATOM   150  O O   . ASN A 1 39  ? 18.640  1.228   -4.680  1.00 80.82  ? 39  ASN A O   1 
ATOM   151  C CB  . ASN A 1 39  ? 18.310  3.366   -6.368  1.00 89.48  ? 39  ASN A CB  1 
ATOM   152  C CG  . ASN A 1 39  ? 18.205  4.258   -7.593  1.00 91.89  ? 39  ASN A CG  1 
ATOM   153  O OD1 . ASN A 1 39  ? 18.879  5.284   -7.682  1.00 91.86  ? 39  ASN A OD1 1 
ATOM   154  N ND2 . ASN A 1 39  ? 17.366  3.864   -8.549  1.00 91.77  ? 39  ASN A ND2 1 
ATOM   155  N N   . THR A 1 40  ? 16.984  0.007   -5.581  1.00 82.08  ? 40  THR A N   1 
ATOM   156  C CA  . THR A 1 40  ? 17.300  -1.192  -4.836  1.00 82.23  ? 40  THR A CA  1 
ATOM   157  C C   . THR A 1 40  ? 16.787  -2.309  -5.727  1.00 82.06  ? 40  THR A C   1 
ATOM   158  O O   . THR A 1 40  ? 15.703  -2.850  -5.518  1.00 83.69  ? 40  THR A O   1 
ATOM   159  C CB  . THR A 1 40  ? 16.594  -1.206  -3.452  1.00 84.93  ? 40  THR A CB  1 
ATOM   160  O OG1 . THR A 1 40  ? 16.975  -2.383  -2.736  1.00 86.70  ? 40  THR A OG1 1 
ATOM   161  C CG2 . THR A 1 40  ? 15.075  -1.190  -3.600  1.00 85.91  ? 40  THR A CG2 1 
ATOM   162  N N   . ASN A 1 41  ? 17.575  -2.631  -6.744  1.00 80.74  ? 41  ASN A N   1 
ATOM   163  C CA  . ASN A 1 41  ? 17.211  -3.658  -7.710  1.00 79.37  ? 41  ASN A CA  1 
ATOM   164  C C   . ASN A 1 41  ? 16.449  -4.828  -7.078  1.00 77.24  ? 41  ASN A C   1 
ATOM   165  O O   . ASN A 1 41  ? 15.679  -5.514  -7.761  1.00 77.53  ? 41  ASN A O   1 
ATOM   166  C CB  . ASN A 1 41  ? 18.467  -4.167  -8.433  1.00 77.88  ? 41  ASN A CB  1 
ATOM   167  C CG  . ASN A 1 41  ? 18.148  -4.867  -9.754  1.00 78.38  ? 41  ASN A CG  1 
ATOM   168  O OD1 . ASN A 1 41  ? 19.030  -5.456  -10.385 1.00 78.49  ? 41  ASN A OD1 1 
ATOM   169  N ND2 . ASN A 1 41  ? 16.886  -4.801  -10.176 1.00 78.31  ? 41  ASN A ND2 1 
ATOM   170  N N   . THR A 1 42  ? 16.646  -5.044  -5.777  1.00 52.78  ? 42  THR A N   1 
ATOM   171  C CA  . THR A 1 42  ? 15.965  -6.135  -5.076  1.00 49.77  ? 42  THR A CA  1 
ATOM   172  C C   . THR A 1 42  ? 14.798  -5.675  -4.189  1.00 46.67  ? 42  THR A C   1 
ATOM   173  O O   . THR A 1 42  ? 14.849  -4.620  -3.557  1.00 46.11  ? 42  THR A O   1 
ATOM   174  C CB  . THR A 1 42  ? 16.951  -6.936  -4.202  1.00 70.78  ? 42  THR A CB  1 
ATOM   175  O OG1 . THR A 1 42  ? 17.386  -6.132  -3.099  1.00 72.82  ? 42  THR A OG1 1 
ATOM   176  C CG2 . THR A 1 42  ? 18.159  -7.349  -5.022  1.00 72.67  ? 42  THR A CG2 1 
ATOM   177  N N   . ASN A 1 43  ? 13.749  -6.486  -4.148  1.00 40.25  ? 43  ASN A N   1 
ATOM   178  C CA  . ASN A 1 43  ? 12.575  -6.182  -3.349  1.00 36.65  ? 43  ASN A CA  1 
ATOM   179  C C   . ASN A 1 43  ? 12.961  -6.280  -1.888  1.00 34.75  ? 43  ASN A C   1 
ATOM   180  O O   . ASN A 1 43  ? 13.559  -7.265  -1.471  1.00 35.69  ? 43  ASN A O   1 
ATOM   181  C CB  . ASN A 1 43  ? 11.468  -7.146  -3.735  1.00 33.01  ? 43  ASN A CB  1 
ATOM   182  C CG  . ASN A 1 43  ? 11.102  -7.014  -5.218  1.00 33.95  ? 43  ASN A CG  1 
ATOM   183  O OD1 . ASN A 1 43  ? 10.494  -7.897  -5.814  1.00 31.90  ? 43  ASN A OD1 1 
ATOM   184  N ND2 . ASN A 1 43  ? 11.489  -5.891  -5.815  1.00 32.19  ? 43  ASN A ND2 1 
ATOM   185  N N   . ASP A 1 44  ? 12.666  -5.234  -1.125  1.00 34.93  ? 44  ASP A N   1 
ATOM   186  C CA  . ASP A 1 44  ? 13.033  -5.198  0.280   1.00 32.30  ? 44  ASP A CA  1 
ATOM   187  C C   . ASP A 1 44  ? 11.876  -5.204  1.242   1.00 30.79  ? 44  ASP A C   1 
ATOM   188  O O   . ASP A 1 44  ? 12.060  -4.947  2.437   1.00 29.33  ? 44  ASP A O   1 
ATOM   189  C CB  . ASP A 1 44  ? 13.903  -3.984  0.580   1.00 35.68  ? 44  ASP A CB  1 
ATOM   190  C CG  . ASP A 1 44  ? 13.334  -2.710  0.014   1.00 39.19  ? 44  ASP A CG  1 
ATOM   191  O OD1 . ASP A 1 44  ? 12.174  -2.732  -0.456  1.00 39.08  ? 44  ASP A OD1 1 
ATOM   192  O OD2 . ASP A 1 44  ? 14.061  -1.688  0.035   1.00 39.95  ? 44  ASP A OD2 1 
ATOM   193  N N   . GLY A 1 45  ? 10.692  -5.485  0.732   1.00 29.12  ? 45  GLY A N   1 
ATOM   194  C CA  . GLY A 1 45  ? 9.544   -5.517  1.600   1.00 28.47  ? 45  GLY A CA  1 
ATOM   195  C C   . GLY A 1 45  ? 8.508   -6.530  1.170   1.00 27.43  ? 45  GLY A C   1 
ATOM   196  O O   . GLY A 1 45  ? 8.480   -6.955  0.005   1.00 26.32  ? 45  GLY A O   1 
ATOM   197  N N   . LYS A 1 46  ? 7.667   -6.927  2.124   1.00 21.59  ? 46  LYS A N   1 
ATOM   198  C CA  . LYS A 1 46  ? 6.588   -7.875  1.852   1.00 21.80  ? 46  LYS A CA  1 
ATOM   199  C C   . LYS A 1 46  ? 5.249   -7.221  2.126   1.00 21.08  ? 46  LYS A C   1 
ATOM   200  O O   . LYS A 1 46  ? 4.867   -7.006  3.267   1.00 21.70  ? 46  LYS A O   1 
ATOM   201  C CB  . LYS A 1 46  ? 6.730   -9.121  2.719   1.00 31.24  ? 46  LYS A CB  1 
ATOM   202  C CG  . LYS A 1 46  ? 7.984   -9.914  2.426   1.00 35.49  ? 46  LYS A CG  1 
ATOM   203  C CD  . LYS A 1 46  ? 8.209   -11.004 3.473   1.00 36.41  ? 46  LYS A CD  1 
ATOM   204  C CE  . LYS A 1 46  ? 9.339   -11.960 3.048   1.00 38.30  ? 46  LYS A CE  1 
ATOM   205  N NZ  . LYS A 1 46  ? 9.732   -12.925 4.137   1.00 39.66  ? 46  LYS A NZ  1 
ATOM   206  N N   . LEU A 1 47  ? 4.550   -6.892  1.062   1.00 24.49  ? 47  LEU A N   1 
ATOM   207  C CA  . LEU A 1 47  ? 3.259   -6.262  1.173   1.00 24.01  ? 47  LEU A CA  1 
ATOM   208  C C   . LEU A 1 47  ? 2.132   -7.269  1.002   1.00 25.15  ? 47  LEU A C   1 
ATOM   209  O O   . LEU A 1 47  ? 2.076   -8.009  0.015   1.00 25.55  ? 47  LEU A O   1 
ATOM   210  C CB  . LEU A 1 47  ? 3.150   -5.172  0.117   1.00 23.07  ? 47  LEU A CB  1 
ATOM   211  C CG  . LEU A 1 47  ? 1.752   -4.546  -0.001  1.00 25.00  ? 47  LEU A CG  1 
ATOM   212  C CD1 . LEU A 1 47  ? 1.577   -3.456  1.102   1.00 23.11  ? 47  LEU A CD1 1 
ATOM   213  C CD2 . LEU A 1 47  ? 1.577   -3.939  -1.418  1.00 21.10  ? 47  LEU A CD2 1 
ATOM   214  N N   . THR A 1 48  ? 1.248   -7.312  1.987   1.00 26.40  ? 48  THR A N   1 
ATOM   215  C CA  . THR A 1 48  ? 0.072   -8.182  1.944   1.00 25.02  ? 48  THR A CA  1 
ATOM   216  C C   . THR A 1 48  ? -1.100  -7.231  1.708   1.00 26.67  ? 48  THR A C   1 
ATOM   217  O O   . THR A 1 48  ? -1.441  -6.391  2.561   1.00 27.37  ? 48  THR A O   1 
ATOM   218  C CB  . THR A 1 48  ? -0.161  -8.916  3.277   1.00 23.36  ? 48  THR A CB  1 
ATOM   219  O OG1 . THR A 1 48  ? 0.952   -9.780  3.546   1.00 22.66  ? 48  THR A OG1 1 
ATOM   220  C CG2 . THR A 1 48  ? -1.470  -9.730  3.236   1.00 26.48  ? 48  THR A CG2 1 
ATOM   221  N N   . LEU A 1 49  ? -1.701  -7.358  0.540   1.00 21.85  ? 49  LEU A N   1 
ATOM   222  C CA  . LEU A 1 49  ? -2.821  -6.541  0.167   1.00 22.68  ? 49  LEU A CA  1 
ATOM   223  C C   . LEU A 1 49  ? -3.916  -7.481  -0.278  1.00 24.22  ? 49  LEU A C   1 
ATOM   224  O O   . LEU A 1 49  ? -3.675  -8.345  -1.118  1.00 21.95  ? 49  LEU A O   1 
ATOM   225  C CB  . LEU A 1 49  ? -2.450  -5.647  -1.004  1.00 30.24  ? 49  LEU A CB  1 
ATOM   226  C CG  . LEU A 1 49  ? -3.596  -4.873  -1.649  1.00 33.62  ? 49  LEU A CG  1 
ATOM   227  C CD1 . LEU A 1 49  ? -4.175  -3.824  -0.678  1.00 35.85  ? 49  LEU A CD1 1 
ATOM   228  C CD2 . LEU A 1 49  ? -3.041  -4.197  -2.886  1.00 31.70  ? 49  LEU A CD2 1 
ATOM   229  N N   . VAL A 1 50  ? -5.103  -7.323  0.298   1.00 22.69  ? 50  VAL A N   1 
ATOM   230  C CA  . VAL A 1 50  ? -6.241  -8.118  -0.057  1.00 23.83  ? 50  VAL A CA  1 
ATOM   231  C C   . VAL A 1 50  ? -7.384  -7.172  -0.435  1.00 26.02  ? 50  VAL A C   1 
ATOM   232  O O   . VAL A 1 50  ? -7.791  -6.324  0.355   1.00 27.99  ? 50  VAL A O   1 
ATOM   233  C CB  . VAL A 1 50  ? -6.626  -9.011  1.101   1.00 23.01  ? 50  VAL A CB  1 
ATOM   234  C CG1 . VAL A 1 50  ? -7.721  -10.001 0.658   1.00 23.03  ? 50  VAL A CG1 1 
ATOM   235  C CG2 . VAL A 1 50  ? -5.381  -9.764  1.590   1.00 20.88  ? 50  VAL A CG2 1 
ATOM   236  N N   . LEU A 1 51  ? -7.873  -7.308  -1.664  1.00 35.05  ? 51  LEU A N   1 
ATOM   237  C CA  . LEU A 1 51  ? -8.973  -6.505  -2.177  1.00 35.80  ? 51  LEU A CA  1 
ATOM   238  C C   . LEU A 1 51  ? -10.150 -7.437  -2.484  1.00 36.78  ? 51  LEU A C   1 
ATOM   239  O O   . LEU A 1 51  ? -10.017 -8.395  -3.251  1.00 36.02  ? 51  LEU A O   1 
ATOM   240  C CB  . LEU A 1 51  ? -8.547  -5.779  -3.449  1.00 26.60  ? 51  LEU A CB  1 
ATOM   241  C CG  . LEU A 1 51  ? -7.356  -4.830  -3.353  1.00 26.87  ? 51  LEU A CG  1 
ATOM   242  C CD1 . LEU A 1 51  ? -6.953  -4.355  -4.723  1.00 26.19  ? 51  LEU A CD1 1 
ATOM   243  C CD2 . LEU A 1 51  ? -7.765  -3.608  -2.496  1.00 29.04  ? 51  LEU A CD2 1 
ATOM   244  N N   . VAL A 1 52  ? -11.289 -7.164  -1.856  1.00 30.39  ? 52  VAL A N   1 
ATOM   245  C CA  . VAL A 1 52  ? -12.490 -7.958  -2.046  1.00 32.22  ? 52  VAL A CA  1 
ATOM   246  C C   . VAL A 1 52  ? -13.616 -7.117  -2.650  1.00 34.43  ? 52  VAL A C   1 
ATOM   247  O O   . VAL A 1 52  ? -13.964 -6.046  -2.124  1.00 34.38  ? 52  VAL A O   1 
ATOM   248  C CB  . VAL A 1 52  ? -12.989 -8.547  -0.709  1.00 34.80  ? 52  VAL A CB  1 
ATOM   249  C CG1 . VAL A 1 52  ? -14.376 -9.168  -0.902  1.00 34.11  ? 52  VAL A CG1 1 
ATOM   250  C CG2 . VAL A 1 52  ? -12.002 -9.578  -0.172  1.00 34.68  ? 52  VAL A CG2 1 
ATOM   251  N N   . LYS A 1 53  ? -14.173 -7.610  -3.754  1.00 35.17  ? 53  LYS A N   1 
ATOM   252  C CA  . LYS A 1 53  ? -15.272 -6.949  -4.434  1.00 37.87  ? 53  LYS A CA  1 
ATOM   253  C C   . LYS A 1 53  ? -16.492 -7.267  -3.592  1.00 38.63  ? 53  LYS A C   1 
ATOM   254  O O   . LYS A 1 53  ? -16.717 -8.413  -3.218  1.00 39.90  ? 53  LYS A O   1 
ATOM   255  C CB  . LYS A 1 53  ? -15.459 -7.510  -5.837  1.00 55.01  ? 53  LYS A CB  1 
ATOM   256  C CG  . LYS A 1 53  ? -16.614 -6.884  -6.585  1.00 58.30  ? 53  LYS A CG  1 
ATOM   257  C CD  . LYS A 1 53  ? -16.184 -5.670  -7.357  1.00 58.50  ? 53  LYS A CD  1 
ATOM   258  C CE  . LYS A 1 53  ? -17.337 -5.110  -8.161  1.00 59.46  ? 53  LYS A CE  1 
ATOM   259  N NZ  . LYS A 1 53  ? -16.851 -4.152  -9.191  1.00 60.93  ? 53  LYS A NZ  1 
ATOM   260  N N   . ASN A 1 54  ? -17.276 -6.244  -3.285  1.00 38.78  ? 54  ASN A N   1 
ATOM   261  C CA  . ASN A 1 54  ? -18.445 -6.429  -2.446  1.00 39.82  ? 54  ASN A CA  1 
ATOM   262  C C   . ASN A 1 54  ? -19.428 -5.332  -2.831  1.00 39.90  ? 54  ASN A C   1 
ATOM   263  O O   . ASN A 1 54  ? -19.562 -4.325  -2.139  1.00 39.37  ? 54  ASN A O   1 
ATOM   264  C CB  . ASN A 1 54  ? -17.997 -6.315  -0.984  1.00 60.66  ? 54  ASN A CB  1 
ATOM   265  C CG  . ASN A 1 54  ? -19.099 -6.626  0.001   1.00 63.28  ? 54  ASN A CG  1 
ATOM   266  O OD1 . ASN A 1 54  ? -20.079 -7.295  -0.331  1.00 66.77  ? 54  ASN A OD1 1 
ATOM   267  N ND2 . ASN A 1 54  ? -18.932 -6.159  1.234   1.00 62.64  ? 54  ASN A ND2 1 
ATOM   268  N N   . GLY A 1 55  ? -20.091 -5.526  -3.970  1.00 44.43  ? 55  GLY A N   1 
ATOM   269  C CA  . GLY A 1 55  ? -21.045 -4.543  -4.455  1.00 42.61  ? 55  GLY A CA  1 
ATOM   270  C C   . GLY A 1 55  ? -20.326 -3.331  -5.005  1.00 41.57  ? 55  GLY A C   1 
ATOM   271  O O   . GLY A 1 55  ? -19.317 -3.459  -5.693  1.00 41.64  ? 55  GLY A O   1 
ATOM   272  N N   . GLY A 1 56  ? -20.829 -2.146  -4.686  1.00 40.61  ? 56  GLY A N   1 
ATOM   273  C CA  . GLY A 1 56  ? -20.203 -0.931  -5.173  1.00 38.66  ? 56  GLY A CA  1 
ATOM   274  C C   . GLY A 1 56  ? -18.941 -0.570  -4.427  1.00 37.37  ? 56  GLY A C   1 
ATOM   275  O O   . GLY A 1 56  ? -18.313 0.449   -4.731  1.00 37.56  ? 56  GLY A O   1 
ATOM   276  N N   . LEU A 1 57  ? -18.565 -1.412  -3.466  1.00 37.38  ? 57  LEU A N   1 
ATOM   277  C CA  . LEU A 1 57  ? -17.382 -1.176  -2.638  1.00 36.89  ? 57  LEU A CA  1 
ATOM   278  C C   . LEU A 1 57  ? -16.328 -2.252  -2.679  1.00 36.56  ? 57  LEU A C   1 
ATOM   279  O O   . LEU A 1 57  ? -16.642 -3.421  -2.744  1.00 37.49  ? 57  LEU A O   1 
ATOM   280  C CB  . LEU A 1 57  ? -17.798 -1.066  -1.186  1.00 31.61  ? 57  LEU A CB  1 
ATOM   281  C CG  . LEU A 1 57  ? -17.784 0.261   -0.436  1.00 30.07  ? 57  LEU A CG  1 
ATOM   282  C CD1 . LEU A 1 57  ? -18.155 1.416   -1.341  1.00 26.71  ? 57  LEU A CD1 1 
ATOM   283  C CD2 . LEU A 1 57  ? -18.723 0.111   0.755   1.00 25.45  ? 57  LEU A CD2 1 
ATOM   284  N N   . VAL A 1 58  ? -15.069 -1.848  -2.631  1.00 34.51  ? 58  VAL A N   1 
ATOM   285  C CA  . VAL A 1 58  ? -13.996 -2.817  -2.534  1.00 33.99  ? 58  VAL A CA  1 
ATOM   286  C C   . VAL A 1 58  ? -13.619 -2.787  -1.040  1.00 33.56  ? 58  VAL A C   1 
ATOM   287  O O   . VAL A 1 58  ? -13.458 -1.706  -0.460  1.00 33.63  ? 58  VAL A O   1 
ATOM   288  C CB  . VAL A 1 58  ? -12.766 -2.412  -3.367  1.00 40.79  ? 58  VAL A CB  1 
ATOM   289  C CG1 . VAL A 1 58  ? -11.622 -3.350  -3.074  1.00 40.67  ? 58  VAL A CG1 1 
ATOM   290  C CG2 . VAL A 1 58  ? -13.096 -2.457  -4.848  1.00 43.41  ? 58  VAL A CG2 1 
ATOM   291  N N   . ASN A 1 59  ? -13.533 -3.954  -0.413  1.00 30.41  ? 59  ASN A N   1 
ATOM   292  C CA  . ASN A 1 59  ? -13.141 -4.060  0.988   1.00 29.41  ? 59  ASN A CA  1 
ATOM   293  C C   . ASN A 1 59  ? -11.667 -4.425  0.987   1.00 28.74  ? 59  ASN A C   1 
ATOM   294  O O   . ASN A 1 59  ? -11.281 -5.465  0.456   1.00 28.30  ? 59  ASN A O   1 
ATOM   295  C CB  . ASN A 1 59  ? -13.944 -5.138  1.715   1.00 45.24  ? 59  ASN A CB  1 
ATOM   296  C CG  . ASN A 1 59  ? -15.248 -4.610  2.287   1.00 49.70  ? 59  ASN A CG  1 
ATOM   297  O OD1 . ASN A 1 59  ? -15.690 -3.504  1.955   1.00 51.75  ? 59  ASN A OD1 1 
ATOM   298  N ND2 . ASN A 1 59  ? -15.877 -5.403  3.145   1.00 47.14  ? 59  ASN A ND2 1 
ATOM   299  N N   . GLY A 1 60  ? -10.838 -3.575  1.571   1.00 30.27  ? 60  GLY A N   1 
ATOM   300  C CA  . GLY A 1 60  ? -9.416  -3.848  1.569   1.00 26.99  ? 60  GLY A CA  1 
ATOM   301  C C   . GLY A 1 60  ? -8.722  -4.082  2.891   1.00 25.41  ? 60  GLY A C   1 
ATOM   302  O O   . GLY A 1 60  ? -9.194  -3.677  3.959   1.00 24.58  ? 60  GLY A O   1 
ATOM   303  N N   . TYR A 1 61  ? -7.566  -4.728  2.789   1.00 21.95  ? 61  TYR A N   1 
ATOM   304  C CA  . TYR A 1 61  ? -6.735  -5.049  3.934   1.00 20.07  ? 61  TYR A CA  1 
ATOM   305  C C   . TYR A 1 61  ? -5.286  -4.886  3.501   1.00 20.67  ? 61  TYR A C   1 
ATOM   306  O O   . TYR A 1 61  ? -4.840  -5.442  2.479   1.00 20.76  ? 61  TYR A O   1 
ATOM   307  C CB  . TYR A 1 61  ? -7.059  -6.475  4.369   1.00 19.16  ? 61  TYR A CB  1 
ATOM   308  C CG  . TYR A 1 61  ? -6.205  -7.100  5.426   1.00 15.74  ? 61  TYR A CG  1 
ATOM   309  C CD1 . TYR A 1 61  ? -4.847  -7.341  5.194   1.00 19.68  ? 61  TYR A CD1 1 
ATOM   310  C CD2 . TYR A 1 61  ? -6.759  -7.542  6.614   1.00 15.75  ? 61  TYR A CD2 1 
ATOM   311  C CE1 . TYR A 1 61  ? -4.062  -8.023  6.121   1.00 20.67  ? 61  TYR A CE1 1 
ATOM   312  C CE2 . TYR A 1 61  ? -5.979  -8.222  7.568   1.00 17.83  ? 61  TYR A CE2 1 
ATOM   313  C CZ  . TYR A 1 61  ? -4.638  -8.459  7.306   1.00 21.08  ? 61  TYR A CZ  1 
ATOM   314  O OH  . TYR A 1 61  ? -3.869  -9.158  8.194   1.00 20.90  ? 61  TYR A OH  1 
ATOM   315  N N   . VAL A 1 62  ? -4.521  -4.132  4.276   1.00 19.38  ? 62  VAL A N   1 
ATOM   316  C CA  . VAL A 1 62  ? -3.150  -3.926  3.904   1.00 19.41  ? 62  VAL A CA  1 
ATOM   317  C C   . VAL A 1 62  ? -2.173  -3.921  5.079   1.00 20.86  ? 62  VAL A C   1 
ATOM   318  O O   . VAL A 1 62  ? -2.384  -3.249  6.085   1.00 23.41  ? 62  VAL A O   1 
ATOM   319  C CB  . VAL A 1 62  ? -3.014  -2.614  3.046   1.00 20.59  ? 62  VAL A CB  1 
ATOM   320  C CG1 . VAL A 1 62  ? -3.341  -1.364  3.885   1.00 17.17  ? 62  VAL A CG1 1 
ATOM   321  C CG2 . VAL A 1 62  ? -1.591  -2.514  2.441   1.00 20.84  ? 62  VAL A CG2 1 
ATOM   322  N N   . SER A 1 63  ? -1.108  -4.702  4.949   1.00 20.41  ? 63  SER A N   1 
ATOM   323  C CA  . SER A 1 63  ? -0.084  -4.739  5.987   1.00 20.43  ? 63  SER A CA  1 
ATOM   324  C C   . SER A 1 63  ? 1.228   -4.931  5.268   1.00 21.61  ? 63  SER A C   1 
ATOM   325  O O   . SER A 1 63  ? 1.278   -5.501  4.167   1.00 19.70  ? 63  SER A O   1 
ATOM   326  C CB  . SER A 1 63  ? -0.298  -5.863  7.020   1.00 23.30  ? 63  SER A CB  1 
ATOM   327  O OG  . SER A 1 63  ? -0.118  -7.124  6.435   1.00 32.54  ? 63  SER A OG  1 
ATOM   328  N N   . LEU A 1 64  ? 2.286   -4.429  5.895   1.00 18.62  ? 64  LEU A N   1 
ATOM   329  C CA  . LEU A 1 64  ? 3.609   -4.470  5.328   1.00 21.00  ? 64  LEU A CA  1 
ATOM   330  C C   . LEU A 1 64  ? 4.627   -5.088  6.269   1.00 20.78  ? 64  LEU A C   1 
ATOM   331  O O   . LEU A 1 64  ? 4.562   -4.885  7.471   1.00 23.58  ? 64  LEU A O   1 
ATOM   332  C CB  . LEU A 1 64  ? 4.018   -3.031  4.984   1.00 27.83  ? 64  LEU A CB  1 
ATOM   333  C CG  . LEU A 1 64  ? 5.343   -2.739  4.286   1.00 27.76  ? 64  LEU A CG  1 
ATOM   334  C CD1 . LEU A 1 64  ? 5.468   -3.581  2.997   1.00 29.75  ? 64  LEU A CD1 1 
ATOM   335  C CD2 . LEU A 1 64  ? 5.383   -1.267  3.948   1.00 27.53  ? 64  LEU A CD2 1 
ATOM   336  N N   . VAL A 1 65  ? 5.551   -5.856  5.716   1.00 21.56  ? 65  VAL A N   1 
ATOM   337  C CA  . VAL A 1 65  ? 6.650   -6.461  6.500   1.00 22.09  ? 65  VAL A CA  1 
ATOM   338  C C   . VAL A 1 65  ? 7.996   -6.127  5.793   1.00 21.07  ? 65  VAL A C   1 
ATOM   339  O O   . VAL A 1 65  ? 8.141   -6.283  4.574   1.00 22.16  ? 65  VAL A O   1 
ATOM   340  C CB  . VAL A 1 65  ? 6.489   -8.007  6.617   1.00 22.42  ? 65  VAL A CB  1 
ATOM   341  C CG1 . VAL A 1 65  ? 7.755   -8.621  7.286   1.00 22.60  ? 65  VAL A CG1 1 
ATOM   342  C CG2 . VAL A 1 65  ? 5.235   -8.347  7.453   1.00 21.76  ? 65  VAL A CG2 1 
ATOM   343  N N   . GLY A 1 66  ? 8.972   -5.655  6.545   1.00 22.04  ? 66  GLY A N   1 
ATOM   344  C CA  . GLY A 1 66  ? 10.238  -5.297  5.916   1.00 24.69  ? 66  GLY A CA  1 
ATOM   345  C C   . GLY A 1 66  ? 11.222  -6.455  5.902   1.00 27.80  ? 66  GLY A C   1 
ATOM   346  O O   . GLY A 1 66  ? 11.280  -7.211  6.878   1.00 26.21  ? 66  GLY A O   1 
ATOM   347  N N   . VAL A 1 67  ? 12.007  -6.585  4.828   1.00 37.31  ? 67  VAL A N   1 
ATOM   348  C CA  . VAL A 1 67  ? 12.970  -7.675  4.726   1.00 39.30  ? 67  VAL A CA  1 
ATOM   349  C C   . VAL A 1 67  ? 14.438  -7.258  4.791   1.00 40.08  ? 67  VAL A C   1 
ATOM   350  O O   . VAL A 1 67  ? 15.228  -7.882  5.500   1.00 40.35  ? 67  VAL A O   1 
ATOM   351  C CB  . VAL A 1 67  ? 12.773  -8.506  3.431   1.00 39.89  ? 67  VAL A CB  1 
ATOM   352  C CG1 . VAL A 1 67  ? 11.302  -8.885  3.252   1.00 38.85  ? 67  VAL A CG1 1 
ATOM   353  C CG2 . VAL A 1 67  ? 13.314  -7.755  2.243   1.00 41.45  ? 67  VAL A CG2 1 
ATOM   354  N N   . SER A 1 68  ? 14.805  -6.202  4.073   1.00 34.93  ? 68  SER A N   1 
ATOM   355  C CA  . SER A 1 68  ? 16.189  -5.779  4.072   1.00 34.56  ? 68  SER A CA  1 
ATOM   356  C C   . SER A 1 68  ? 16.637  -5.094  5.354   1.00 36.34  ? 68  SER A C   1 
ATOM   357  O O   . SER A 1 68  ? 15.831  -4.483  6.090   1.00 35.01  ? 68  SER A O   1 
ATOM   358  C CB  . SER A 1 68  ? 16.463  -4.858  2.880   1.00 33.49  ? 68  SER A CB  1 
ATOM   359  O OG  . SER A 1 68  ? 15.906  -3.578  3.100   1.00 35.23  ? 68  SER A OG  1 
ATOM   360  N N   . ASP A 1 69  ? 17.939  -5.214  5.618   1.00 34.60  ? 69  ASP A N   1 
ATOM   361  C CA  . ASP A 1 69  ? 18.558  -4.604  6.790   1.00 37.03  ? 69  ASP A CA  1 
ATOM   362  C C   . ASP A 1 69  ? 18.238  -3.110  6.794   1.00 36.44  ? 69  ASP A C   1 
ATOM   363  O O   . ASP A 1 69  ? 18.049  -2.511  7.852   1.00 36.65  ? 69  ASP A O   1 
ATOM   364  C CB  . ASP A 1 69  ? 20.078  -4.797  6.751   1.00 96.97  ? 69  ASP A CB  1 
ATOM   365  C CG  . ASP A 1 69  ? 20.494  -6.258  6.858   1.00 102.29 ? 69  ASP A CG  1 
ATOM   366  O OD1 . ASP A 1 69  ? 20.003  -7.087  6.064   1.00 106.86 ? 69  ASP A OD1 1 
ATOM   367  O OD2 . ASP A 1 69  ? 21.326  -6.577  7.734   1.00 104.29 ? 69  ASP A OD2 1 
ATOM   368  N N   . THR A 1 70  ? 18.183  -2.510  5.610   1.00 36.39  ? 70  THR A N   1 
ATOM   369  C CA  . THR A 1 70  ? 17.891  -1.087  5.502   1.00 35.97  ? 70  THR A CA  1 
ATOM   370  C C   . THR A 1 70  ? 16.451  -0.792  5.921   1.00 36.11  ? 70  THR A C   1 
ATOM   371  O O   . THR A 1 70  ? 16.196  0.104   6.734   1.00 36.78  ? 70  THR A O   1 
ATOM   372  C CB  . THR A 1 70  ? 18.092  -0.561  4.062   1.00 38.50  ? 70  THR A CB  1 
ATOM   373  O OG1 . THR A 1 70  ? 19.445  -0.814  3.639   1.00 40.38  ? 70  THR A OG1 1 
ATOM   374  C CG2 . THR A 1 70  ? 17.823  0.949   4.007   1.00 37.04  ? 70  THR A CG2 1 
ATOM   375  N N   . VAL A 1 71  ? 15.506  -1.532  5.355   1.00 30.51  ? 71  VAL A N   1 
ATOM   376  C CA  . VAL A 1 71  ? 14.121  -1.315  5.710   1.00 27.54  ? 71  VAL A CA  1 
ATOM   377  C C   . VAL A 1 71  ? 13.971  -1.512  7.230   1.00 28.22  ? 71  VAL A C   1 
ATOM   378  O O   . VAL A 1 71  ? 13.458  -0.639  7.941   1.00 27.34  ? 71  VAL A O   1 
ATOM   379  C CB  . VAL A 1 71  ? 13.202  -2.294  4.939   1.00 30.55  ? 71  VAL A CB  1 
ATOM   380  C CG1 . VAL A 1 71  ? 11.765  -2.206  5.469   1.00 28.98  ? 71  VAL A CG1 1 
ATOM   381  C CG2 . VAL A 1 71  ? 13.242  -1.959  3.439   1.00 26.26  ? 71  VAL A CG2 1 
ATOM   382  N N   . ASN A 1 72  ? 14.477  -2.632  7.737   1.00 30.61  ? 72  ASN A N   1 
ATOM   383  C CA  . ASN A 1 72  ? 14.322  -2.930  9.152   1.00 30.18  ? 72  ASN A CA  1 
ATOM   384  C C   . ASN A 1 72  ? 15.170  -2.112  10.119  1.00 29.99  ? 72  ASN A C   1 
ATOM   385  O O   . ASN A 1 72  ? 15.386  -2.501  11.266  1.00 29.25  ? 72  ASN A O   1 
ATOM   386  C CB  . ASN A 1 72  ? 14.498  -4.434  9.359   1.00 27.27  ? 72  ASN A CB  1 
ATOM   387  C CG  . ASN A 1 72  ? 13.473  -5.229  8.569   1.00 28.93  ? 72  ASN A CG  1 
ATOM   388  O OD1 . ASN A 1 72  ? 12.317  -4.809  8.445   1.00 27.49  ? 72  ASN A OD1 1 
ATOM   389  N ND2 . ASN A 1 72  ? 13.886  -6.360  8.020   1.00 23.58  ? 72  ASN A ND2 1 
ATOM   390  N N   . GLN A 1 73  ? 15.598  -0.944  9.655   1.00 35.96  ? 73  GLN A N   1 
ATOM   391  C CA  . GLN A 1 73  ? 16.395  -0.035  10.458  1.00 38.41  ? 73  GLN A CA  1 
ATOM   392  C C   . GLN A 1 73  ? 15.727  1.348   10.408  1.00 37.89  ? 73  GLN A C   1 
ATOM   393  O O   . GLN A 1 73  ? 16.113  2.269   11.130  1.00 36.49  ? 73  GLN A O   1 
ATOM   394  C CB  . GLN A 1 73  ? 17.824  0.024   9.904   1.00 79.68  ? 73  GLN A CB  1 
ATOM   395  C CG  . GLN A 1 73  ? 18.825  0.759   10.781  1.00 86.27  ? 73  GLN A CG  1 
ATOM   396  C CD  . GLN A 1 73  ? 20.261  0.334   10.501  1.00 89.97  ? 73  GLN A CD  1 
ATOM   397  O OE1 . GLN A 1 73  ? 20.691  0.280   9.348   1.00 91.60  ? 73  GLN A OE1 1 
ATOM   398  N NE2 . GLN A 1 73  ? 21.010  0.036   11.561  1.00 90.97  ? 73  GLN A NE2 1 
ATOM   399  N N   . MET A 1 74  ? 14.713  1.480   9.554   1.00 31.39  ? 74  MET A N   1 
ATOM   400  C CA  . MET A 1 74  ? 14.019  2.764   9.433   1.00 30.95  ? 74  MET A CA  1 
ATOM   401  C C   . MET A 1 74  ? 13.391  3.211   10.758  1.00 29.75  ? 74  MET A C   1 
ATOM   402  O O   . MET A 1 74  ? 13.249  4.415   11.022  1.00 28.94  ? 74  MET A O   1 
ATOM   403  C CB  . MET A 1 74  ? 12.944  2.693   8.348   1.00 32.78  ? 74  MET A CB  1 
ATOM   404  C CG  . MET A 1 74  ? 13.520  2.553   6.949   1.00 38.97  ? 74  MET A CG  1 
ATOM   405  S SD  . MET A 1 74  ? 12.244  2.552   5.665   1.00 38.23  ? 74  MET A SD  1 
ATOM   406  C CE  . MET A 1 74  ? 11.670  4.305   5.835   1.00 38.22  ? 74  MET A CE  1 
ATOM   407  N N   . PHE A 1 75  ? 13.014  2.250   11.594  1.00 30.18  ? 75  PHE A N   1 
ATOM   408  C CA  . PHE A 1 75  ? 12.398  2.602   12.861  1.00 32.34  ? 75  PHE A CA  1 
ATOM   409  C C   . PHE A 1 75  ? 13.382  2.842   14.015  1.00 35.28  ? 75  PHE A C   1 
ATOM   410  O O   . PHE A 1 75  ? 13.002  2.741   15.180  1.00 35.39  ? 75  PHE A O   1 
ATOM   411  C CB  . PHE A 1 75  ? 11.307  1.571   13.227  1.00 32.22  ? 75  PHE A CB  1 
ATOM   412  C CG  . PHE A 1 75  ? 10.048  1.673   12.357  1.00 30.71  ? 75  PHE A CG  1 
ATOM   413  C CD1 . PHE A 1 75  ? 9.909   2.700   11.419  1.00 32.62  ? 75  PHE A CD1 1 
ATOM   414  C CD2 . PHE A 1 75  ? 8.999   0.752   12.494  1.00 33.85  ? 75  PHE A CD2 1 
ATOM   415  C CE1 . PHE A 1 75  ? 8.732   2.811   10.621  1.00 35.92  ? 75  PHE A CE1 1 
ATOM   416  C CE2 . PHE A 1 75  ? 7.820   0.852   11.702  1.00 33.05  ? 75  PHE A CE2 1 
ATOM   417  C CZ  . PHE A 1 75  ? 7.691   1.878   10.771  1.00 33.86  ? 75  PHE A CZ  1 
ATOM   418  N N   . THR A 1 76  ? 14.648  3.139   13.686  1.00 35.66  ? 76  THR A N   1 
ATOM   419  C CA  . THR A 1 76  ? 15.636  3.495   14.716  1.00 36.91  ? 76  THR A CA  1 
ATOM   420  C C   . THR A 1 76  ? 15.634  5.041   14.791  1.00 37.23  ? 76  THR A C   1 
ATOM   421  O O   . THR A 1 76  ? 16.280  5.652   15.650  1.00 36.24  ? 76  THR A O   1 
ATOM   422  C CB  . THR A 1 76  ? 17.074  3.028   14.366  1.00 40.96  ? 76  THR A CB  1 
ATOM   423  O OG1 . THR A 1 76  ? 17.446  3.541   13.081  1.00 43.15  ? 76  THR A OG1 1 
ATOM   424  C CG2 . THR A 1 76  ? 17.171  1.506   14.368  1.00 40.37  ? 76  THR A CG2 1 
ATOM   425  N N   . GLN A 1 77  ? 14.894  5.666   13.886  1.00 34.66  ? 77  GLN A N   1 
ATOM   426  C CA  . GLN A 1 77  ? 14.781  7.126   13.855  1.00 37.86  ? 77  GLN A CA  1 
ATOM   427  C C   . GLN A 1 77  ? 13.366  7.510   14.295  1.00 38.94  ? 77  GLN A C   1 
ATOM   428  O O   . GLN A 1 77  ? 12.427  6.741   14.108  1.00 40.37  ? 77  GLN A O   1 
ATOM   429  C CB  . GLN A 1 77  ? 15.046  7.640   12.442  1.00 55.08  ? 77  GLN A CB  1 
ATOM   430  C CG  . GLN A 1 77  ? 14.188  6.967   11.397  1.00 59.90  ? 77  GLN A CG  1 
ATOM   431  C CD  . GLN A 1 77  ? 14.872  6.847   10.046  1.00 61.94  ? 77  GLN A CD  1 
ATOM   432  O OE1 . GLN A 1 77  ? 16.056  6.514   9.969   1.00 64.80  ? 77  GLN A OE1 1 
ATOM   433  N NE2 . GLN A 1 77  ? 14.122  7.096   8.972   1.00 62.66  ? 77  GLN A NE2 1 
ATOM   434  N N   . LYS A 1 78  ? 13.216  8.696   14.870  1.00 40.48  ? 78  LYS A N   1 
ATOM   435  C CA  . LYS A 1 78  ? 11.915  9.149   15.344  1.00 40.88  ? 78  LYS A CA  1 
ATOM   436  C C   . LYS A 1 78  ? 10.943  9.472   14.207  1.00 39.13  ? 78  LYS A C   1 
ATOM   437  O O   . LYS A 1 78  ? 9.732   9.576   14.420  1.00 39.05  ? 78  LYS A O   1 
ATOM   438  C CB  . LYS A 1 78  ? 12.090  10.379  16.234  1.00 78.12  ? 78  LYS A CB  1 
ATOM   439  C CG  . LYS A 1 78  ? 12.908  11.487  15.590  1.00 81.96  ? 78  LYS A CG  1 
ATOM   440  C CD  . LYS A 1 78  ? 12.809  12.794  16.371  1.00 85.69  ? 78  LYS A CD  1 
ATOM   441  C CE  . LYS A 1 78  ? 11.423  13.424  16.245  1.00 86.21  ? 78  LYS A CE  1 
ATOM   442  N NZ  . LYS A 1 78  ? 11.306  14.711  16.989  1.00 88.08  ? 78  LYS A NZ  1 
ATOM   443  N N   . THR A 1 79  ? 11.473  9.628   13.000  1.00 37.17  ? 79  THR A N   1 
ATOM   444  C CA  . THR A 1 79  ? 10.645  9.954   11.855  1.00 35.20  ? 79  THR A CA  1 
ATOM   445  C C   . THR A 1 79  ? 10.933  9.019   10.683  1.00 32.83  ? 79  THR A C   1 
ATOM   446  O O   . THR A 1 79  ? 12.061  8.591   10.474  1.00 29.37  ? 79  THR A O   1 
ATOM   447  C CB  . THR A 1 79  ? 10.894  11.403  11.413  1.00 74.44  ? 79  THR A CB  1 
ATOM   448  O OG1 . THR A 1 79  ? 9.902   11.785  10.454  1.00 78.38  ? 79  THR A OG1 1 
ATOM   449  C CG2 . THR A 1 79  ? 12.283  11.540  10.789  1.00 74.74  ? 79  THR A CG2 1 
ATOM   450  N N   . ALA A 1 80  ? 9.902   8.685   9.915   1.00 29.93  ? 80  ALA A N   1 
ATOM   451  C CA  . ALA A 1 80  ? 10.111  7.799   8.768   1.00 27.61  ? 80  ALA A CA  1 
ATOM   452  C C   . ALA A 1 80  ? 8.912   7.864   7.844   1.00 28.13  ? 80  ALA A C   1 
ATOM   453  O O   . ALA A 1 80  ? 7.806   8.203   8.261   1.00 26.19  ? 80  ALA A O   1 
ATOM   454  C CB  . ALA A 1 80  ? 10.330  6.377   9.240   1.00 23.18  ? 80  ALA A CB  1 
ATOM   455  N N   . ASN A 1 81  ? 9.132   7.534   6.588   1.00 32.11  ? 81  ASN A N   1 
ATOM   456  C CA  . ASN A 1 81  ? 8.069   7.571   5.611   1.00 35.21  ? 81  ASN A CA  1 
ATOM   457  C C   . ASN A 1 81  ? 8.313   6.441   4.628   1.00 35.46  ? 81  ASN A C   1 
ATOM   458  O O   . ASN A 1 81  ? 9.441   6.209   4.179   1.00 37.12  ? 81  ASN A O   1 
ATOM   459  C CB  . ASN A 1 81  ? 8.067   8.906   4.874   1.00 57.77  ? 81  ASN A CB  1 
ATOM   460  C CG  . ASN A 1 81  ? 6.971   8.988   3.841   1.00 63.12  ? 81  ASN A CG  1 
ATOM   461  O OD1 . ASN A 1 81  ? 5.803   9.213   4.171   1.00 66.00  ? 81  ASN A OD1 1 
ATOM   462  N ND2 . ASN A 1 81  ? 7.335   8.788   2.578   1.00 64.54  ? 81  ASN A ND2 1 
ATOM   463  N N   . ILE A 1 82  ? 7.250   5.721   4.321   1.00 22.97  ? 82  ILE A N   1 
ATOM   464  C CA  . ILE A 1 82  ? 7.308   4.616   3.406   1.00 20.51  ? 82  ILE A CA  1 
ATOM   465  C C   . ILE A 1 82  ? 6.171   4.854   2.443   1.00 20.59  ? 82  ILE A C   1 
ATOM   466  O O   . ILE A 1 82  ? 5.049   5.172   2.858   1.00 17.69  ? 82  ILE A O   1 
ATOM   467  C CB  . ILE A 1 82  ? 7.100   3.316   4.136   1.00 32.50  ? 82  ILE A CB  1 
ATOM   468  C CG1 . ILE A 1 82  ? 8.286   3.096   5.092   1.00 31.49  ? 82  ILE A CG1 1 
ATOM   469  C CG2 . ILE A 1 82  ? 6.864   2.183   3.122   1.00 31.47  ? 82  ILE A CG2 1 
ATOM   470  C CD1 . ILE A 1 82  ? 8.157   1.881   5.992   1.00 34.03  ? 82  ILE A CD1 1 
ATOM   471  N N   . GLN A 1 83  ? 6.464   4.734   1.158   1.00 27.53  ? 83  GLN A N   1 
ATOM   472  C CA  . GLN A 1 83  ? 5.461   4.937   0.129   1.00 27.23  ? 83  GLN A CA  1 
ATOM   473  C C   . GLN A 1 83  ? 5.475   3.777   -0.845  1.00 27.73  ? 83  GLN A C   1 
ATOM   474  O O   . GLN A 1 83  ? 6.528   3.294   -1.240  1.00 29.78  ? 83  GLN A O   1 
ATOM   475  C CB  . GLN A 1 83  ? 5.738   6.232   -0.629  1.00 31.87  ? 83  GLN A CB  1 
ATOM   476  C CG  . GLN A 1 83  ? 4.633   6.587   -1.618  1.00 36.26  ? 83  GLN A CG  1 
ATOM   477  C CD  . GLN A 1 83  ? 4.953   7.825   -2.437  1.00 40.40  ? 83  GLN A CD  1 
ATOM   478  O OE1 . GLN A 1 83  ? 5.705   7.759   -3.412  1.00 41.28  ? 83  GLN A OE1 1 
ATOM   479  N NE2 . GLN A 1 83  ? 4.385   8.970   -2.034  1.00 40.33  ? 83  GLN A NE2 1 
ATOM   480  N N   . LEU A 1 84  ? 4.298   3.323   -1.238  1.00 22.66  ? 84  LEU A N   1 
ATOM   481  C CA  . LEU A 1 84  ? 4.209   2.214   -2.175  1.00 21.36  ? 84  LEU A CA  1 
ATOM   482  C C   . LEU A 1 84  ? 3.159   2.617   -3.190  1.00 22.88  ? 84  LEU A C   1 
ATOM   483  O O   . LEU A 1 84  ? 1.996   2.838   -2.838  1.00 17.11  ? 84  LEU A O   1 
ATOM   484  C CB  . LEU A 1 84  ? 3.794   0.931   -1.443  1.00 23.76  ? 84  LEU A CB  1 
ATOM   485  C CG  . LEU A 1 84  ? 4.740   -0.249  -1.153  1.00 26.19  ? 84  LEU A CG  1 
ATOM   486  C CD1 . LEU A 1 84  ? 6.209   0.046   -1.533  1.00 27.59  ? 84  LEU A CD1 1 
ATOM   487  C CD2 . LEU A 1 84  ? 4.611   -0.629  0.306   1.00 25.47  ? 84  LEU A CD2 1 
ATOM   488  N N   . ARG A 1 85  ? 3.565   2.720   -4.447  1.00 31.54  ? 85  ARG A N   1 
ATOM   489  C CA  . ARG A 1 85  ? 2.644   3.102   -5.513  1.00 35.48  ? 85  ARG A CA  1 
ATOM   490  C C   . ARG A 1 85  ? 2.264   1.941   -6.421  1.00 37.21  ? 85  ARG A C   1 
ATOM   491  O O   . ARG A 1 85  ? 3.131   1.206   -6.915  1.00 37.68  ? 85  ARG A O   1 
ATOM   492  C CB  . ARG A 1 85  ? 3.265   4.187   -6.373  1.00 41.18  ? 85  ARG A CB  1 
ATOM   493  C CG  . ARG A 1 85  ? 3.730   5.424   -5.625  1.00 47.01  ? 85  ARG A CG  1 
ATOM   494  C CD  . ARG A 1 85  ? 4.736   6.177   -6.493  1.00 51.60  ? 85  ARG A CD  1 
ATOM   495  N NE  . ARG A 1 85  ? 5.835   5.289   -6.883  1.00 55.35  ? 85  ARG A NE  1 
ATOM   496  C CZ  . ARG A 1 85  ? 6.581   5.430   -7.976  1.00 57.65  ? 85  ARG A CZ  1 
ATOM   497  N NH1 . ARG A 1 85  ? 6.363   6.436   -8.822  1.00 58.64  ? 85  ARG A NH1 1 
ATOM   498  N NH2 . ARG A 1 85  ? 7.543   4.549   -8.235  1.00 56.77  ? 85  ARG A NH2 1 
ATOM   499  N N   . LEU A 1 86  ? 0.965   1.776   -6.646  1.00 29.40  ? 86  LEU A N   1 
ATOM   500  C CA  . LEU A 1 86  ? 0.475   0.745   -7.529  1.00 29.67  ? 86  LEU A CA  1 
ATOM   501  C C   . LEU A 1 86  ? -0.171  1.438   -8.724  1.00 31.10  ? 86  LEU A C   1 
ATOM   502  O O   . LEU A 1 86  ? -1.033  2.293   -8.551  1.00 28.88  ? 86  LEU A O   1 
ATOM   503  C CB  . LEU A 1 86  ? -0.563  -0.131  -6.841  1.00 35.84  ? 86  LEU A CB  1 
ATOM   504  C CG  . LEU A 1 86  ? -0.266  -0.815  -5.505  1.00 36.02  ? 86  LEU A CG  1 
ATOM   505  C CD1 . LEU A 1 86  ? -1.017  -2.150  -5.448  1.00 33.55  ? 86  LEU A CD1 1 
ATOM   506  C CD2 . LEU A 1 86  ? 1.190   -1.033  -5.339  1.00 37.70  ? 86  LEU A CD2 1 
ATOM   507  N N   . TYR A 1 87  ? 0.256   1.087   -9.935  1.00 28.96  ? 87  TYR A N   1 
ATOM   508  C CA  . TYR A 1 87  ? -0.344  1.683   -11.126 1.00 30.86  ? 87  TYR A CA  1 
ATOM   509  C C   . TYR A 1 87  ? -0.966  0.540   -11.922 1.00 32.07  ? 87  TYR A C   1 
ATOM   510  O O   . TYR A 1 87  ? -0.352  -0.522  -12.085 1.00 30.83  ? 87  TYR A O   1 
ATOM   511  C CB  . TYR A 1 87  ? 0.705   2.419   -11.957 1.00 32.56  ? 87  TYR A CB  1 
ATOM   512  C CG  . TYR A 1 87  ? 1.371   3.586   -11.252 1.00 32.88  ? 87  TYR A CG  1 
ATOM   513  C CD1 . TYR A 1 87  ? 0.649   4.721   -10.900 1.00 35.42  ? 87  TYR A CD1 1 
ATOM   514  C CD2 . TYR A 1 87  ? 2.733   3.558   -10.949 1.00 35.93  ? 87  TYR A CD2 1 
ATOM   515  C CE1 . TYR A 1 87  ? 1.273   5.810   -10.261 1.00 34.62  ? 87  TYR A CE1 1 
ATOM   516  C CE2 . TYR A 1 87  ? 3.371   4.639   -10.318 1.00 35.81  ? 87  TYR A CE2 1 
ATOM   517  C CZ  . TYR A 1 87  ? 2.634   5.759   -9.980  1.00 36.40  ? 87  TYR A CZ  1 
ATOM   518  O OH  . TYR A 1 87  ? 3.262   6.837   -9.382  1.00 36.33  ? 87  TYR A OH  1 
ATOM   519  N N   . PHE A 1 88  ? -2.186  0.754   -12.405 1.00 35.36  ? 88  PHE A N   1 
ATOM   520  C CA  . PHE A 1 88  ? -2.912  -0.272  -13.151 1.00 38.27  ? 88  PHE A CA  1 
ATOM   521  C C   . PHE A 1 88  ? -3.318  0.187   -14.545 1.00 40.89  ? 88  PHE A C   1 
ATOM   522  O O   . PHE A 1 88  ? -3.512  1.377   -14.786 1.00 41.26  ? 88  PHE A O   1 
ATOM   523  C CB  . PHE A 1 88  ? -4.190  -0.647  -12.412 1.00 37.16  ? 88  PHE A CB  1 
ATOM   524  C CG  . PHE A 1 88  ? -3.961  -1.178  -11.036 1.00 35.31  ? 88  PHE A CG  1 
ATOM   525  C CD1 . PHE A 1 88  ? -3.866  -0.303  -9.950  1.00 34.02  ? 88  PHE A CD1 1 
ATOM   526  C CD2 . PHE A 1 88  ? -3.832  -2.556  -10.821 1.00 34.06  ? 88  PHE A CD2 1 
ATOM   527  C CE1 . PHE A 1 88  ? -3.645  -0.791  -8.657  1.00 33.92  ? 88  PHE A CE1 1 
ATOM   528  C CE2 . PHE A 1 88  ? -3.614  -3.054  -9.551  1.00 33.77  ? 88  PHE A CE2 1 
ATOM   529  C CZ  . PHE A 1 88  ? -3.521  -2.166  -8.461  1.00 34.15  ? 88  PHE A CZ  1 
ATOM   530  N N   . ASP A 1 89  ? -3.465  -0.774  -15.453 1.00 41.07  ? 89  ASP A N   1 
ATOM   531  C CA  . ASP A 1 89  ? -3.883  -0.457  -16.805 1.00 43.58  ? 89  ASP A CA  1 
ATOM   532  C C   . ASP A 1 89  ? -5.406  -0.573  -16.874 1.00 44.47  ? 89  ASP A C   1 
ATOM   533  O O   . ASP A 1 89  ? -6.059  -0.898  -15.878 1.00 43.00  ? 89  ASP A O   1 
ATOM   534  C CB  . ASP A 1 89  ? -3.213  -1.387  -17.831 1.00 62.50  ? 89  ASP A CB  1 
ATOM   535  C CG  . ASP A 1 89  ? -3.564  -2.845  -17.631 1.00 64.31  ? 89  ASP A CG  1 
ATOM   536  O OD1 . ASP A 1 89  ? -4.765  -3.180  -17.604 1.00 66.14  ? 89  ASP A OD1 1 
ATOM   537  O OD2 . ASP A 1 89  ? -2.633  -3.664  -17.514 1.00 66.69  ? 89  ASP A OD2 1 
ATOM   538  N N   . SER A 1 90  ? -5.952  -0.291  -18.057 1.00 43.44  ? 90  SER A N   1 
ATOM   539  C CA  . SER A 1 90  ? -7.387  -0.308  -18.316 1.00 45.67  ? 90  SER A CA  1 
ATOM   540  C C   . SER A 1 90  ? -8.065  -1.618  -17.943 1.00 46.20  ? 90  SER A C   1 
ATOM   541  O O   . SER A 1 90  ? -9.220  -1.629  -17.520 1.00 46.89  ? 90  SER A O   1 
ATOM   542  C CB  . SER A 1 90  ? -7.637  0.007   -19.796 1.00 109.10 ? 90  SER A CB  1 
ATOM   543  O OG  . SER A 1 90  ? -9.021  0.052   -20.093 1.00 113.82 ? 90  SER A OG  1 
ATOM   544  N N   . SER A 1 91  ? -7.347  -2.723  -18.096 1.00 60.13  ? 91  SER A N   1 
ATOM   545  C CA  . SER A 1 91  ? -7.895  -4.031  -17.776 1.00 60.14  ? 91  SER A CA  1 
ATOM   546  C C   . SER A 1 91  ? -7.913  -4.269  -16.264 1.00 60.42  ? 91  SER A C   1 
ATOM   547  O O   . SER A 1 91  ? -8.692  -5.094  -15.769 1.00 60.54  ? 91  SER A O   1 
ATOM   548  C CB  . SER A 1 91  ? -7.068  -5.119  -18.467 1.00 84.06  ? 91  SER A CB  1 
ATOM   549  O OG  . SER A 1 91  ? -7.545  -6.413  -18.140 1.00 86.26  ? 91  SER A OG  1 
ATOM   550  N N   . GLY A 1 92  ? -7.055  -3.547  -15.543 1.00 52.90  ? 92  GLY A N   1 
ATOM   551  C CA  . GLY A 1 92  ? -6.973  -3.694  -14.100 1.00 52.53  ? 92  GLY A CA  1 
ATOM   552  C C   . GLY A 1 92  ? -5.761  -4.506  -13.688 1.00 51.86  ? 92  GLY A C   1 
ATOM   553  O O   . GLY A 1 92  ? -5.726  -5.079  -12.599 1.00 52.24  ? 92  GLY A O   1 
ATOM   554  N N   . ASN A 1 93  ? -4.757  -4.550  -14.562 1.00 43.80  ? 93  ASN A N   1 
ATOM   555  C CA  . ASN A 1 93  ? -3.546  -5.308  -14.290 1.00 42.00  ? 93  ASN A CA  1 
ATOM   556  C C   . ASN A 1 93  ? -2.450  -4.407  -13.774 1.00 40.24  ? 93  ASN A C   1 
ATOM   557  O O   . ASN A 1 93  ? -2.218  -3.320  -14.307 1.00 38.31  ? 93  ASN A O   1 
ATOM   558  C CB  . ASN A 1 93  ? -3.040  -6.013  -15.555 1.00 55.27  ? 93  ASN A CB  1 
ATOM   559  C CG  . ASN A 1 93  ? -4.136  -6.737  -16.303 1.00 56.98  ? 93  ASN A CG  1 
ATOM   560  O OD1 . ASN A 1 93  ? -4.564  -6.291  -17.371 1.00 57.29  ? 93  ASN A OD1 1 
ATOM   561  N ND2 . ASN A 1 93  ? -4.602  -7.857  -15.750 1.00 56.61  ? 93  ASN A ND2 1 
ATOM   562  N N   . LEU A 1 94  ? -1.757  -4.875  -12.747 1.00 44.95  ? 94  LEU A N   1 
ATOM   563  C CA  . LEU A 1 94  ? -0.677  -4.106  -12.160 1.00 43.65  ? 94  LEU A CA  1 
ATOM   564  C C   . LEU A 1 94  ? 0.482   -3.884  -13.133 1.00 43.54  ? 94  LEU A C   1 
ATOM   565  O O   . LEU A 1 94  ? 1.032   -4.826  -13.699 1.00 43.71  ? 94  LEU A O   1 
ATOM   566  C CB  . LEU A 1 94  ? -0.160  -4.815  -10.899 1.00 34.91  ? 94  LEU A CB  1 
ATOM   567  C CG  . LEU A 1 94  ? 1.054   -4.172  -10.224 1.00 33.96  ? 94  LEU A CG  1 
ATOM   568  C CD1 . LEU A 1 94  ? 0.707   -2.756  -9.735  1.00 31.83  ? 94  LEU A CD1 1 
ATOM   569  C CD2 . LEU A 1 94  ? 1.497   -5.056  -9.084  1.00 34.00  ? 94  LEU A CD2 1 
ATOM   570  N N   . LEU A 1 95  ? 0.841   -2.626  -13.331 1.00 36.13  ? 95  LEU A N   1 
ATOM   571  C CA  . LEU A 1 95  ? 1.949   -2.278  -14.190 1.00 36.21  ? 95  LEU A CA  1 
ATOM   572  C C   . LEU A 1 95  ? 3.193   -2.330  -13.296 1.00 37.30  ? 95  LEU A C   1 
ATOM   573  O O   . LEU A 1 95  ? 3.632   -1.299  -12.755 1.00 36.68  ? 95  LEU A O   1 
ATOM   574  C CB  . LEU A 1 95  ? 1.738   -0.872  -14.738 1.00 37.88  ? 95  LEU A CB  1 
ATOM   575  C CG  . LEU A 1 95  ? 0.556   -0.699  -15.694 1.00 37.67  ? 95  LEU A CG  1 
ATOM   576  C CD1 . LEU A 1 95  ? 0.444   0.768   -16.122 1.00 35.88  ? 95  LEU A CD1 1 
ATOM   577  C CD2 . LEU A 1 95  ? 0.759   -1.613  -16.914 1.00 38.97  ? 95  LEU A CD2 1 
ATOM   578  N N   . THR A 1 96  ? 3.758   -3.532  -13.157 1.00 43.11  ? 96  THR A N   1 
ATOM   579  C CA  . THR A 1 96  ? 4.912   -3.768  -12.279 1.00 44.75  ? 96  THR A CA  1 
ATOM   580  C C   . THR A 1 96  ? 6.187   -2.973  -12.510 1.00 44.67  ? 96  THR A C   1 
ATOM   581  O O   . THR A 1 96  ? 6.924   -2.702  -11.564 1.00 44.97  ? 96  THR A O   1 
ATOM   582  C CB  . THR A 1 96  ? 5.306   -5.265  -12.249 1.00 53.65  ? 96  THR A CB  1 
ATOM   583  O OG1 . THR A 1 96  ? 5.700   -5.688  -13.562 1.00 54.16  ? 96  THR A OG1 1 
ATOM   584  C CG2 . THR A 1 96  ? 4.135   -6.118  -11.771 1.00 54.06  ? 96  THR A CG2 1 
ATOM   585  N N   . GLU A 1 97  ? 6.471   -2.604  -13.751 1.00 48.24  ? 97  GLU A N   1 
ATOM   586  C CA  . GLU A 1 97  ? 7.679   -1.841  -14.007 1.00 49.40  ? 97  GLU A CA  1 
ATOM   587  C C   . GLU A 1 97  ? 7.615   -0.444  -13.405 1.00 48.76  ? 97  GLU A C   1 
ATOM   588  O O   . GLU A 1 97  ? 8.616   0.064   -12.925 1.00 50.17  ? 97  GLU A O   1 
ATOM   589  C CB  . GLU A 1 97  ? 7.928   -1.728  -15.510 1.00 62.83  ? 97  GLU A CB  1 
ATOM   590  C CG  . GLU A 1 97  ? 8.297   -3.037  -16.192 1.00 65.83  ? 97  GLU A CG  1 
ATOM   591  C CD  . GLU A 1 97  ? 8.151   -2.950  -17.702 1.00 69.36  ? 97  GLU A CD  1 
ATOM   592  O OE1 . GLU A 1 97  ? 8.189   -1.814  -18.235 1.00 69.24  ? 97  GLU A OE1 1 
ATOM   593  O OE2 . GLU A 1 97  ? 8.005   -4.014  -18.351 1.00 69.88  ? 97  GLU A OE2 1 
ATOM   594  N N   . GLU A 1 98  ? 6.439   0.177   -13.429 1.00 49.79  ? 98  GLU A N   1 
ATOM   595  C CA  . GLU A 1 98  ? 6.262   1.539   -12.908 1.00 48.55  ? 98  GLU A CA  1 
ATOM   596  C C   . GLU A 1 98  ? 5.855   1.578   -11.440 1.00 45.72  ? 98  GLU A C   1 
ATOM   597  O O   . GLU A 1 98  ? 6.057   2.574   -10.756 1.00 46.77  ? 98  GLU A O   1 
ATOM   598  C CB  . GLU A 1 98  ? 5.202   2.273   -13.736 1.00 85.89  ? 98  GLU A CB  1 
ATOM   599  C CG  . GLU A 1 98  ? 5.575   2.439   -15.203 1.00 90.34  ? 98  GLU A CG  1 
ATOM   600  C CD  . GLU A 1 98  ? 4.369   2.599   -16.113 1.00 92.90  ? 98  GLU A CD  1 
ATOM   601  O OE1 . GLU A 1 98  ? 3.561   3.531   -15.891 1.00 93.60  ? 98  GLU A OE1 1 
ATOM   602  O OE2 . GLU A 1 98  ? 4.235   1.788   -17.056 1.00 94.64  ? 98  GLU A OE2 1 
ATOM   603  N N   . SER A 1 99  ? 5.269   0.487   -10.967 1.00 38.15  ? 99  SER A N   1 
ATOM   604  C CA  . SER A 1 99  ? 4.821   0.381   -9.575  1.00 34.07  ? 99  SER A CA  1 
ATOM   605  C C   . SER A 1 99  ? 5.927   -0.093  -8.629  1.00 33.10  ? 99  SER A C   1 
ATOM   606  O O   . SER A 1 99  ? 6.889   -0.723  -9.061  1.00 30.81  ? 99  SER A O   1 
ATOM   607  C CB  . SER A 1 99  ? 3.661   -0.607  -9.491  1.00 24.75  ? 99  SER A CB  1 
ATOM   608  O OG  . SER A 1 99  ? 2.592   -0.232  -10.350 1.00 26.01  ? 99  SER A OG  1 
ATOM   609  N N   . ASP A 1 100 ? 5.772   0.219   -7.340  1.00 29.69  ? 100 ASP A N   1 
ATOM   610  C CA  . ASP A 1 100 ? 6.703   -0.222  -6.315  1.00 28.42  ? 100 ASP A CA  1 
ATOM   611  C C   . ASP A 1 100 ? 6.417   -1.694  -5.978  1.00 28.65  ? 100 ASP A C   1 
ATOM   612  O O   . ASP A 1 100 ? 7.293   -2.379  -5.457  1.00 27.98  ? 100 ASP A O   1 
ATOM   613  C CB  . ASP A 1 100 ? 6.582   0.650   -5.065  1.00 34.82  ? 100 ASP A CB  1 
ATOM   614  C CG  . ASP A 1 100 ? 6.990   2.082   -5.328  1.00 36.93  ? 100 ASP A CG  1 
ATOM   615  O OD1 . ASP A 1 100 ? 8.032   2.290   -5.992  1.00 38.10  ? 100 ASP A OD1 1 
ATOM   616  O OD2 . ASP A 1 100 ? 6.279   3.004   -4.875  1.00 39.20  ? 100 ASP A OD2 1 
ATOM   617  N N   . LEU A 1 101 ? 5.192   -2.167  -6.255  1.00 25.55  ? 101 LEU A N   1 
ATOM   618  C CA  . LEU A 1 101 ? 4.837   -3.583  -6.052  1.00 26.42  ? 101 LEU A CA  1 
ATOM   619  C C   . LEU A 1 101 ? 5.273   -4.270  -7.374  1.00 27.51  ? 101 LEU A C   1 
ATOM   620  O O   . LEU A 1 101 ? 4.766   -3.926  -8.436  1.00 28.32  ? 101 LEU A O   1 
ATOM   621  C CB  . LEU A 1 101 ? 3.322   -3.760  -5.869  1.00 26.73  ? 101 LEU A CB  1 
ATOM   622  C CG  . LEU A 1 101 ? 2.810   -5.210  -5.827  1.00 25.08  ? 101 LEU A CG  1 
ATOM   623  C CD1 . LEU A 1 101 ? 3.528   -5.968  -4.720  1.00 24.03  ? 101 LEU A CD1 1 
ATOM   624  C CD2 . LEU A 1 101 ? 1.287   -5.232  -5.565  1.00 23.11  ? 101 LEU A CD2 1 
ATOM   625  N N   . LYS A 1 102 ? 6.182   -5.239  -7.296  1.00 36.04  ? 102 LYS A N   1 
ATOM   626  C CA  . LYS A 1 102 ? 6.739   -5.884  -8.497  1.00 37.10  ? 102 LYS A CA  1 
ATOM   627  C C   . LYS A 1 102 ? 6.183   -7.228  -8.956  1.00 39.25  ? 102 LYS A C   1 
ATOM   628  O O   . LYS A 1 102 ? 6.669   -7.809  -9.945  1.00 37.02  ? 102 LYS A O   1 
ATOM   629  C CB  . LYS A 1 102 ? 8.240   -6.035  -8.316  1.00 30.27  ? 102 LYS A CB  1 
ATOM   630  C CG  . LYS A 1 102 ? 8.960   -4.728  -8.012  1.00 29.46  ? 102 LYS A CG  1 
ATOM   631  C CD  . LYS A 1 102 ? 8.736   -3.700  -9.097  1.00 28.81  ? 102 LYS A CD  1 
ATOM   632  C CE  . LYS A 1 102 ? 9.585   -2.453  -8.865  1.00 30.01  ? 102 LYS A CE  1 
ATOM   633  N NZ  . LYS A 1 102 ? 9.417   -1.478  -10.001 1.00 29.73  ? 102 LYS A NZ  1 
ATOM   634  N N   . ILE A 1 103 ? 5.189   -7.736  -8.241  1.00 34.06  ? 103 ILE A N   1 
ATOM   635  C CA  . ILE A 1 103 ? 4.588   -9.016  -8.577  1.00 35.21  ? 103 ILE A CA  1 
ATOM   636  C C   . ILE A 1 103 ? 3.108   -8.741  -8.754  1.00 37.05  ? 103 ILE A C   1 
ATOM   637  O O   . ILE A 1 103 ? 2.482   -8.110  -7.901  1.00 38.11  ? 103 ILE A O   1 
ATOM   638  C CB  . ILE A 1 103 ? 4.831   -10.029 -7.437  1.00 36.14  ? 103 ILE A CB  1 
ATOM   639  C CG1 . ILE A 1 103 ? 6.323   -10.349 -7.368  1.00 35.94  ? 103 ILE A CG1 1 
ATOM   640  C CG2 . ILE A 1 103 ? 4.012   -11.269 -7.639  1.00 37.77  ? 103 ILE A CG2 1 
ATOM   641  C CD1 . ILE A 1 103 ? 6.816   -10.906 -6.066  1.00 34.68  ? 103 ILE A CD1 1 
ATOM   642  N N   . PRO A 1 104 ? 2.528   -9.180  -9.880  1.00 36.53  ? 104 PRO A N   1 
ATOM   643  C CA  . PRO A 1 104 ? 1.103   -8.944  -10.115 1.00 38.01  ? 104 PRO A CA  1 
ATOM   644  C C   . PRO A 1 104 ? 0.208   -9.586  -9.069  1.00 39.16  ? 104 PRO A C   1 
ATOM   645  O O   . PRO A 1 104 ? 0.595   -10.540 -8.399  1.00 38.43  ? 104 PRO A O   1 
ATOM   646  C CB  . PRO A 1 104 ? 0.879   -9.537  -11.507 1.00 43.86  ? 104 PRO A CB  1 
ATOM   647  C CG  . PRO A 1 104 ? 1.881   -10.634 -11.556 1.00 42.98  ? 104 PRO A CG  1 
ATOM   648  C CD  . PRO A 1 104 ? 3.107   -9.966  -10.981 1.00 42.95  ? 104 PRO A CD  1 
ATOM   649  N N   . LEU A 1 105 ? -0.993  -9.045  -8.929  1.00 47.40  ? 105 LEU A N   1 
ATOM   650  C CA  . LEU A 1 105 ? -1.948  -9.578  -7.981  1.00 50.12  ? 105 LEU A CA  1 
ATOM   651  C C   . LEU A 1 105 ? -2.585  -10.809 -8.617  1.00 52.95  ? 105 LEU A C   1 
ATOM   652  O O   . LEU A 1 105 ? -2.480  -11.014 -9.826  1.00 52.75  ? 105 LEU A O   1 
ATOM   653  C CB  . LEU A 1 105 ? -3.020  -8.532  -7.692  1.00 31.57  ? 105 LEU A CB  1 
ATOM   654  C CG  . LEU A 1 105 ? -2.483  -7.204  -7.162  1.00 31.04  ? 105 LEU A CG  1 
ATOM   655  C CD1 . LEU A 1 105 ? -3.624  -6.201  -7.069  1.00 27.40  ? 105 LEU A CD1 1 
ATOM   656  C CD2 . LEU A 1 105 ? -1.834  -7.423  -5.787  1.00 29.12  ? 105 LEU A CD2 1 
ATOM   657  N N   . LYS A 1 106 ? -3.250  -11.622 -7.806  1.00 48.20  ? 106 LYS A N   1 
ATOM   658  C CA  . LYS A 1 106 ? -3.902  -12.825 -8.309  1.00 52.20  ? 106 LYS A CA  1 
ATOM   659  C C   . LYS A 1 106 ? -5.325  -12.923 -7.760  1.00 54.69  ? 106 LYS A C   1 
ATOM   660  O O   . LYS A 1 106 ? -5.900  -11.924 -7.345  1.00 54.89  ? 106 LYS A O   1 
ATOM   661  C CB  . LYS A 1 106 ? -3.101  -14.062 -7.894  1.00 85.99  ? 106 LYS A CB  1 
ATOM   662  C CG  . LYS A 1 106 ? -3.075  -14.326 -6.393  1.00 89.42  ? 106 LYS A CG  1 
ATOM   663  C CD  . LYS A 1 106 ? -2.539  -15.723 -6.093  1.00 91.04  ? 106 LYS A CD  1 
ATOM   664  C CE  . LYS A 1 106 ? -2.681  -16.087 -4.621  1.00 92.12  ? 106 LYS A CE  1 
ATOM   665  N NZ  . LYS A 1 106 ? -2.202  -17.475 -4.323  1.00 92.43  ? 106 LYS A NZ  1 
ATOM   666  N N   . ASN A 1 107 ? -5.886  -14.131 -7.775  1.00 61.93  ? 107 ASN A N   1 
ATOM   667  C CA  . ASN A 1 107 ? -7.224  -14.389 -7.246  1.00 64.17  ? 107 ASN A CA  1 
ATOM   668  C C   . ASN A 1 107 ? -7.110  -15.596 -6.326  1.00 65.77  ? 107 ASN A C   1 
ATOM   669  O O   . ASN A 1 107 ? -6.032  -16.183 -6.217  1.00 65.30  ? 107 ASN A O   1 
ATOM   670  C CB  . ASN A 1 107 ? -8.211  -14.668 -8.380  1.00 68.53  ? 107 ASN A CB  1 
ATOM   671  C CG  . ASN A 1 107 ? -8.465  -13.446 -9.225  1.00 68.39  ? 107 ASN A CG  1 
ATOM   672  O OD1 . ASN A 1 107 ? -7.527  -12.814 -9.701  1.00 68.16  ? 107 ASN A OD1 1 
ATOM   673  N ND2 . ASN A 1 107 ? -9.735  -13.098 -9.413  1.00 68.47  ? 107 ASN A ND2 1 
ATOM   674  N N   . LYS A 1 108 ? -8.204  -15.974 -5.672  1.00 97.52  ? 108 LYS A N   1 
ATOM   675  C CA  . LYS A 1 108 ? -8.158  -17.109 -4.754  1.00 100.39 ? 108 LYS A CA  1 
ATOM   676  C C   . LYS A 1 108 ? -8.730  -18.415 -5.301  1.00 101.62 ? 108 LYS A C   1 
ATOM   677  O O   . LYS A 1 108 ? -9.700  -18.422 -6.063  1.00 102.43 ? 108 LYS A O   1 
ATOM   678  C CB  . LYS A 1 108 ? -8.872  -16.763 -3.437  1.00 100.51 ? 108 LYS A CB  1 
ATOM   679  C CG  . LYS A 1 108 ? -10.383 -17.008 -3.424  1.00 101.91 ? 108 LYS A CG  1 
ATOM   680  C CD  . LYS A 1 108 ? -10.975 -16.741 -2.041  1.00 101.80 ? 108 LYS A CD  1 
ATOM   681  C CE  . LYS A 1 108 ? -12.476 -16.993 -2.006  1.00 101.81 ? 108 LYS A CE  1 
ATOM   682  N NZ  . LYS A 1 108 ? -12.818 -18.425 -2.219  1.00 101.75 ? 108 LYS A NZ  1 
ATOM   683  N N   . SER A 1 109 ? -8.107  -19.517 -4.886  1.00 94.09  ? 109 SER A N   1 
ATOM   684  C CA  . SER A 1 109 ? -8.514  -20.862 -5.281  1.00 94.96  ? 109 SER A CA  1 
ATOM   685  C C   . SER A 1 109 ? -7.884  -21.878 -4.332  1.00 95.37  ? 109 SER A C   1 
ATOM   686  O O   . SER A 1 109 ? -6.729  -21.731 -3.930  1.00 95.40  ? 109 SER A O   1 
ATOM   687  C CB  . SER A 1 109 ? -8.074  -21.162 -6.717  1.00 89.94  ? 109 SER A CB  1 
ATOM   688  O OG  . SER A 1 109 ? -8.431  -22.487 -7.089  1.00 89.84  ? 109 SER A OG  1 
ATOM   689  N N   . SER A 1 119 ? -11.807 -10.242 -13.859 1.00 58.65  ? 119 SER A N   1 
ATOM   690  C CA  . SER A 1 119 ? -12.232 -8.860  -14.056 1.00 58.84  ? 119 SER A CA  1 
ATOM   691  C C   . SER A 1 119 ? -11.548 -7.940  -13.052 1.00 57.89  ? 119 SER A C   1 
ATOM   692  O O   . SER A 1 119 ? -12.200 -7.386  -12.170 1.00 58.35  ? 119 SER A O   1 
ATOM   693  C CB  . SER A 1 119 ? -13.753 -8.740  -13.896 1.00 74.47  ? 119 SER A CB  1 
ATOM   694  O OG  . SER A 1 119 ? -14.439 -9.600  -14.786 1.00 75.85  ? 119 SER A OG  1 
ATOM   695  N N   . SER A 1 120 ? -10.237 -7.777  -13.188 1.00 53.61  ? 120 SER A N   1 
ATOM   696  C CA  . SER A 1 120 ? -9.496  -6.919  -12.272 1.00 52.46  ? 120 SER A CA  1 
ATOM   697  C C   . SER A 1 120 ? -10.080 -5.512  -12.268 1.00 51.39  ? 120 SER A C   1 
ATOM   698  O O   . SER A 1 120 ? -10.057 -4.827  -11.238 1.00 51.50  ? 120 SER A O   1 
ATOM   699  C CB  . SER A 1 120 ? -8.015  -6.873  -12.656 1.00 56.81  ? 120 SER A CB  1 
ATOM   700  O OG  . SER A 1 120 ? -7.402  -8.125  -12.416 1.00 56.38  ? 120 SER A OG  1 
ATOM   701  N N   . LYS A 1 121 ? -10.611 -5.096  -13.419 1.00 50.43  ? 121 LYS A N   1 
ATOM   702  C CA  . LYS A 1 121 ? -11.215 -3.777  -13.570 1.00 48.56  ? 121 LYS A CA  1 
ATOM   703  C C   . LYS A 1 121 ? -12.300 -3.516  -12.504 1.00 46.69  ? 121 LYS A C   1 
ATOM   704  O O   . LYS A 1 121 ? -12.492 -2.385  -12.060 1.00 46.43  ? 121 LYS A O   1 
ATOM   705  C CB  . LYS A 1 121 ? -11.821 -3.642  -14.973 1.00 71.74  ? 121 LYS A CB  1 
ATOM   706  C CG  . LYS A 1 121 ? -12.267 -2.230  -15.323 1.00 73.18  ? 121 LYS A CG  1 
ATOM   707  C CD  . LYS A 1 121 ? -12.752 -2.124  -16.760 1.00 75.54  ? 121 LYS A CD  1 
ATOM   708  C CE  . LYS A 1 121 ? -14.118 -2.771  -16.949 1.00 76.50  ? 121 LYS A CE  1 
ATOM   709  N NZ  . LYS A 1 121 ? -15.206 -2.002  -16.277 1.00 77.69  ? 121 LYS A NZ  1 
ATOM   710  N N   . ALA A 1 122 ? -12.993 -4.565  -12.081 1.00 49.61  ? 122 ALA A N   1 
ATOM   711  C CA  . ALA A 1 122 ? -14.041 -4.406  -11.083 1.00 47.57  ? 122 ALA A CA  1 
ATOM   712  C C   . ALA A 1 122 ? -13.477 -4.182  -9.668  1.00 45.77  ? 122 ALA A C   1 
ATOM   713  O O   . ALA A 1 122 ? -14.215 -3.873  -8.736  1.00 44.44  ? 122 ALA A O   1 
ATOM   714  C CB  . ALA A 1 122 ? -14.953 -5.612  -11.112 1.00 40.22  ? 122 ALA A CB  1 
ATOM   715  N N   . PHE A 1 123 ? -12.168 -4.345  -9.515  1.00 43.88  ? 123 PHE A N   1 
ATOM   716  C CA  . PHE A 1 123 ? -11.514 -4.127  -8.234  1.00 41.24  ? 123 PHE A CA  1 
ATOM   717  C C   . PHE A 1 123 ? -10.851 -2.759  -8.223  1.00 39.77  ? 123 PHE A C   1 
ATOM   718  O O   . PHE A 1 123 ? -10.229 -2.373  -7.240  1.00 40.78  ? 123 PHE A O   1 
ATOM   719  C CB  . PHE A 1 123 ? -10.427 -5.173  -7.985  1.00 42.70  ? 123 PHE A CB  1 
ATOM   720  C CG  . PHE A 1 123 ? -10.947 -6.552  -7.745  1.00 42.82  ? 123 PHE A CG  1 
ATOM   721  C CD1 . PHE A 1 123 ? -11.221 -7.408  -8.820  1.00 43.12  ? 123 PHE A CD1 1 
ATOM   722  C CD2 . PHE A 1 123 ? -11.151 -7.012  -6.440  1.00 42.14  ? 123 PHE A CD2 1 
ATOM   723  C CE1 . PHE A 1 123 ? -11.691 -8.712  -8.598  1.00 42.72  ? 123 PHE A CE1 1 
ATOM   724  C CE2 . PHE A 1 123 ? -11.616 -8.302  -6.194  1.00 44.01  ? 123 PHE A CE2 1 
ATOM   725  C CZ  . PHE A 1 123 ? -11.890 -9.165  -7.282  1.00 44.00  ? 123 PHE A CZ  1 
ATOM   726  N N   . MET A 1 124 ? -10.983 -2.023  -9.317  1.00 32.43  ? 124 MET A N   1 
ATOM   727  C CA  . MET A 1 124 ? -10.335 -0.726  -9.433  1.00 30.88  ? 124 MET A CA  1 
ATOM   728  C C   . MET A 1 124 ? -11.155 0.428   -8.885  1.00 30.27  ? 124 MET A C   1 
ATOM   729  O O   . MET A 1 124 ? -12.386 0.369   -8.860  1.00 30.63  ? 124 MET A O   1 
ATOM   730  C CB  . MET A 1 124 ? -10.005 -0.462  -10.903 1.00 31.02  ? 124 MET A CB  1 
ATOM   731  C CG  . MET A 1 124 ? -9.057  -1.483  -11.525 1.00 29.07  ? 124 MET A CG  1 
ATOM   732  S SD  . MET A 1 124 ? -7.331  -1.293  -10.919 1.00 29.90  ? 124 MET A SD  1 
ATOM   733  C CE  . MET A 1 124 ? -7.150  -2.752  -10.047 1.00 24.45  ? 124 MET A CE  1 
ATOM   734  N N   . PRO A 1 125 ? -10.478 1.482   -8.413  1.00 30.95  ? 125 PRO A N   1 
ATOM   735  C CA  . PRO A 1 125 ? -11.094 2.688   -7.858  1.00 31.81  ? 125 PRO A CA  1 
ATOM   736  C C   . PRO A 1 125 ? -11.772 3.526   -8.934  1.00 32.38  ? 125 PRO A C   1 
ATOM   737  O O   . PRO A 1 125 ? -11.119 3.981   -9.896  1.00 33.35  ? 125 PRO A O   1 
ATOM   738  C CB  . PRO A 1 125 ? -9.909  3.447   -7.254  1.00 25.65  ? 125 PRO A CB  1 
ATOM   739  C CG  . PRO A 1 125 ? -8.747  2.975   -8.101  1.00 22.59  ? 125 PRO A CG  1 
ATOM   740  C CD  . PRO A 1 125 ? -9.019  1.504   -8.203  1.00 23.83  ? 125 PRO A CD  1 
ATOM   741  N N   . SER A 1 126 ? -13.070 3.744   -8.760  1.00 30.04  ? 126 SER A N   1 
ATOM   742  C CA  . SER A 1 126 ? -13.847 4.556   -9.688  1.00 30.55  ? 126 SER A CA  1 
ATOM   743  C C   . SER A 1 126 ? -13.167 5.875   -10.069 1.00 31.44  ? 126 SER A C   1 
ATOM   744  O O   . SER A 1 126 ? -12.829 6.691   -9.193  1.00 30.16  ? 126 SER A O   1 
ATOM   745  C CB  . SER A 1 126 ? -15.220 4.855   -9.078  1.00 37.87  ? 126 SER A CB  1 
ATOM   746  O OG  . SER A 1 126 ? -15.786 6.021   -9.660  1.00 41.09  ? 126 SER A OG  1 
ATOM   747  N N   . THR A 1 127 ? -12.978 6.097   -11.377 1.00 30.46  ? 127 THR A N   1 
ATOM   748  C CA  . THR A 1 127 ? -12.343 7.337   -11.830 1.00 33.70  ? 127 THR A CA  1 
ATOM   749  C C   . THR A 1 127 ? -13.310 8.493   -11.727 1.00 34.78  ? 127 THR A C   1 
ATOM   750  O O   . THR A 1 127 ? -12.937 9.648   -11.925 1.00 35.54  ? 127 THR A O   1 
ATOM   751  C CB  . THR A 1 127 ? -11.838 7.248   -13.276 1.00 41.07  ? 127 THR A CB  1 
ATOM   752  O OG1 . THR A 1 127 ? -12.860 6.682   -14.097 1.00 42.01  ? 127 THR A OG1 1 
ATOM   753  C CG2 . THR A 1 127 ? -10.576 6.376   -13.350 1.00 41.78  ? 127 THR A CG2 1 
ATOM   754  N N   . THR A 1 128 ? -14.554 8.166   -11.395 1.00 39.12  ? 128 THR A N   1 
ATOM   755  C CA  . THR A 1 128 ? -15.604 9.156   -11.219 1.00 39.85  ? 128 THR A CA  1 
ATOM   756  C C   . THR A 1 128 ? -15.525 9.633   -9.761  1.00 38.92  ? 128 THR A C   1 
ATOM   757  O O   . THR A 1 128 ? -15.381 10.831  -9.479  1.00 39.19  ? 128 THR A O   1 
ATOM   758  C CB  . THR A 1 128 ? -16.981 8.520   -11.470 1.00 59.33  ? 128 THR A CB  1 
ATOM   759  O OG1 . THR A 1 128 ? -16.989 7.903   -12.759 1.00 62.21  ? 128 THR A OG1 1 
ATOM   760  C CG2 . THR A 1 128 ? -18.077 9.564   -11.412 1.00 60.91  ? 128 THR A CG2 1 
ATOM   761  N N   . ALA A 1 129 ? -15.615 8.679   -8.837  1.00 35.54  ? 129 ALA A N   1 
ATOM   762  C CA  . ALA A 1 129 ? -15.530 9.002   -7.427  1.00 33.75  ? 129 ALA A CA  1 
ATOM   763  C C   . ALA A 1 129 ? -14.144 9.587   -7.165  1.00 33.11  ? 129 ALA A C   1 
ATOM   764  O O   . ALA A 1 129 ? -14.021 10.603  -6.477  1.00 33.33  ? 129 ALA A O   1 
ATOM   765  C CB  . ALA A 1 129 ? -15.752 7.757   -6.588  1.00 28.61  ? 129 ALA A CB  1 
ATOM   766  N N   . TYR A 1 130 ? -13.104 8.980   -7.747  1.00 27.12  ? 130 TYR A N   1 
ATOM   767  C CA  . TYR A 1 130 ? -11.733 9.468   -7.530  1.00 27.33  ? 130 TYR A CA  1 
ATOM   768  C C   . TYR A 1 130 ? -11.100 9.860   -8.867  1.00 29.72  ? 130 TYR A C   1 
ATOM   769  O O   . TYR A 1 130 ? -10.381 9.071   -9.496  1.00 27.56  ? 130 TYR A O   1 
ATOM   770  C CB  . TYR A 1 130 ? -10.921 8.371   -6.839  1.00 27.38  ? 130 TYR A CB  1 
ATOM   771  C CG  . TYR A 1 130 ? -11.739 7.686   -5.754  1.00 25.10  ? 130 TYR A CG  1 
ATOM   772  C CD1 . TYR A 1 130 ? -12.177 8.389   -4.626  1.00 24.16  ? 130 TYR A CD1 1 
ATOM   773  C CD2 . TYR A 1 130 ? -12.118 6.351   -5.887  1.00 23.75  ? 130 TYR A CD2 1 
ATOM   774  C CE1 . TYR A 1 130 ? -12.988 7.772   -3.647  1.00 21.65  ? 130 TYR A CE1 1 
ATOM   775  C CE2 . TYR A 1 130 ? -12.917 5.738   -4.937  1.00 22.35  ? 130 TYR A CE2 1 
ATOM   776  C CZ  . TYR A 1 130 ? -13.352 6.452   -3.822  1.00 23.51  ? 130 TYR A CZ  1 
ATOM   777  O OH  . TYR A 1 130 ? -14.164 5.819   -2.922  1.00 23.06  ? 130 TYR A OH  1 
ATOM   778  N N   . PRO A 1 131 ? -11.359 11.103  -9.312  1.00 32.35  ? 131 PRO A N   1 
ATOM   779  C CA  . PRO A 1 131 ? -10.844 11.625  -10.578 1.00 33.80  ? 131 PRO A CA  1 
ATOM   780  C C   . PRO A 1 131 ? -9.354  11.933  -10.635 1.00 37.13  ? 131 PRO A C   1 
ATOM   781  O O   . PRO A 1 131 ? -8.736  12.247  -9.626  1.00 34.78  ? 131 PRO A O   1 
ATOM   782  C CB  . PRO A 1 131 ? -11.702 12.874  -10.801 1.00 32.74  ? 131 PRO A CB  1 
ATOM   783  C CG  . PRO A 1 131 ? -11.905 13.375  -9.394  1.00 32.05  ? 131 PRO A CG  1 
ATOM   784  C CD  . PRO A 1 131 ? -12.216 12.098  -8.638  1.00 30.59  ? 131 PRO A CD  1 
ATOM   785  N N   . PHE A 1 132 ? -8.799  11.844  -11.845 1.00 44.75  ? 132 PHE A N   1 
ATOM   786  C CA  . PHE A 1 132 ? -7.389  12.132  -12.103 1.00 49.02  ? 132 PHE A CA  1 
ATOM   787  C C   . PHE A 1 132 ? -7.167  13.628  -12.306 1.00 53.18  ? 132 PHE A C   1 
ATOM   788  O O   . PHE A 1 132 ? -8.102  14.423  -12.223 1.00 52.98  ? 132 PHE A O   1 
ATOM   789  C CB  . PHE A 1 132 ? -6.938  11.398  -13.367 1.00 44.14  ? 132 PHE A CB  1 
ATOM   790  C CG  . PHE A 1 132 ? -6.380  10.035  -13.113 1.00 40.96  ? 132 PHE A CG  1 
ATOM   791  C CD1 . PHE A 1 132 ? -5.149  9.884   -12.487 1.00 40.33  ? 132 PHE A CD1 1 
ATOM   792  C CD2 . PHE A 1 132 ? -7.068  8.907   -13.514 1.00 39.12  ? 132 PHE A CD2 1 
ATOM   793  C CE1 . PHE A 1 132 ? -4.612  8.622   -12.268 1.00 40.41  ? 132 PHE A CE1 1 
ATOM   794  C CE2 . PHE A 1 132 ? -6.541  7.628   -13.304 1.00 41.24  ? 132 PHE A CE2 1 
ATOM   795  C CZ  . PHE A 1 132 ? -5.316  7.484   -12.682 1.00 40.84  ? 132 PHE A CZ  1 
ATOM   796  N N   . ASN A 1 133 ? -5.920  13.997  -12.588 1.00 101.97 ? 133 ASN A N   1 
ATOM   797  C CA  . ASN A 1 133 ? -5.534  15.387  -12.847 1.00 107.88 ? 133 ASN A CA  1 
ATOM   798  C C   . ASN A 1 133 ? -6.410  16.455  -12.193 1.00 111.16 ? 133 ASN A C   1 
ATOM   799  O O   . ASN A 1 133 ? -6.933  17.336  -12.879 1.00 111.37 ? 133 ASN A O   1 
ATOM   800  C CB  . ASN A 1 133 ? -5.495  15.634  -14.361 1.00 94.88  ? 133 ASN A CB  1 
ATOM   801  C CG  . ASN A 1 133 ? -4.314  14.954  -15.037 1.00 96.43  ? 133 ASN A CG  1 
ATOM   802  O OD1 . ASN A 1 133 ? -3.162  15.363  -14.858 1.00 97.38  ? 133 ASN A OD1 1 
ATOM   803  N ND2 . ASN A 1 133 ? -4.592  13.911  -15.814 1.00 97.46  ? 133 ASN A ND2 1 
ATOM   804  N N   . THR A 1 134 ? -6.561  16.381  -10.872 1.00 135.26 ? 134 THR A N   1 
ATOM   805  C CA  . THR A 1 134 ? -7.370  17.354  -10.132 1.00 139.09 ? 134 THR A CA  1 
ATOM   806  C C   . THR A 1 134 ? -6.868  17.600  -8.712  1.00 141.65 ? 134 THR A C   1 
ATOM   807  O O   . THR A 1 134 ? -6.887  16.697  -7.874  1.00 142.44 ? 134 THR A O   1 
ATOM   808  C CB  . THR A 1 134 ? -8.853  16.911  -10.020 1.00 99.96  ? 134 THR A CB  1 
ATOM   809  O OG1 . THR A 1 134 ? -8.914  15.555  -9.552  1.00 100.66 ? 134 THR A OG1 1 
ATOM   810  C CG2 . THR A 1 134 ? -9.567  17.039  -11.361 1.00 99.78  ? 134 THR A CG2 1 
ATOM   811  N N   . THR A 1 135 ? -6.414  18.822  -8.447  1.00 108.87 ? 135 THR A N   1 
ATOM   812  C CA  . THR A 1 135 ? -5.956  19.186  -7.111  1.00 110.44 ? 135 THR A CA  1 
ATOM   813  C C   . THR A 1 135 ? -7.103  19.976  -6.488  1.00 111.83 ? 135 THR A C   1 
ATOM   814  O O   . THR A 1 135 ? -7.197  20.114  -5.266  1.00 112.12 ? 135 THR A O   1 
ATOM   815  C CB  . THR A 1 135 ? -4.690  20.063  -7.146  1.00 78.01  ? 135 THR A CB  1 
ATOM   816  O OG1 . THR A 1 135 ? -3.647  19.375  -7.846  1.00 78.17  ? 135 THR A OG1 1 
ATOM   817  C CG2 . THR A 1 135 ? -4.214  20.361  -5.729  1.00 78.22  ? 135 THR A CG2 1 
ATOM   818  N N   . THR A 1 136 ? -7.972  20.494  -7.356  1.00 112.05 ? 136 THR A N   1 
ATOM   819  C CA  . THR A 1 136 ? -9.148  21.248  -6.933  1.00 113.07 ? 136 THR A CA  1 
ATOM   820  C C   . THR A 1 136 ? -10.055 20.191  -6.326  1.00 112.68 ? 136 THR A C   1 
ATOM   821  O O   . THR A 1 136 ? -10.887 20.469  -5.459  1.00 112.79 ? 136 THR A O   1 
ATOM   822  C CB  . THR A 1 136 ? -9.877  21.892  -8.141  1.00 147.11 ? 136 THR A CB  1 
ATOM   823  O OG1 . THR A 1 136 ? -8.961  22.712  -8.879  1.00 148.45 ? 136 THR A OG1 1 
ATOM   824  C CG2 . THR A 1 136 ? -11.045 22.750  -7.666  1.00 147.61 ? 136 THR A CG2 1 
ATOM   825  N N   . ARG A 1 137 ? -9.871  18.968  -6.812  1.00 105.39 ? 137 ARG A N   1 
ATOM   826  C CA  . ARG A 1 137 ? -10.619 17.808  -6.358  1.00 104.54 ? 137 ARG A CA  1 
ATOM   827  C C   . ARG A 1 137 ? -9.636  16.658  -6.163  1.00 103.59 ? 137 ARG A C   1 
ATOM   828  O O   . ARG A 1 137 ? -9.690  15.646  -6.865  1.00 103.64 ? 137 ARG A O   1 
ATOM   829  C CB  . ARG A 1 137 ? -11.682 17.423  -7.387  1.00 77.45  ? 137 ARG A CB  1 
ATOM   830  C CG  . ARG A 1 137 ? -12.834 18.413  -7.502  1.00 77.47  ? 137 ARG A CG  1 
ATOM   831  C CD  . ARG A 1 137 ? -13.860 17.899  -8.489  1.00 77.49  ? 137 ARG A CD  1 
ATOM   832  N NE  . ARG A 1 137 ? -14.277 16.534  -8.176  1.00 77.10  ? 137 ARG A NE  1 
ATOM   833  C CZ  . ARG A 1 137 ? -15.099 15.815  -8.933  1.00 77.40  ? 137 ARG A CZ  1 
ATOM   834  N NH1 . ARG A 1 137 ? -15.591 16.332  -10.053 1.00 77.58  ? 137 ARG A NH1 1 
ATOM   835  N NH2 . ARG A 1 137 ? -15.436 14.583  -8.572  1.00 77.41  ? 137 ARG A NH2 1 
ATOM   836  N N   . ASP A 1 138 ? -8.729  16.840  -5.208  1.00 102.01 ? 138 ASP A N   1 
ATOM   837  C CA  . ASP A 1 138 ? -7.713  15.847  -4.885  1.00 99.95  ? 138 ASP A CA  1 
ATOM   838  C C   . ASP A 1 138 ? -7.971  15.350  -3.464  1.00 98.19  ? 138 ASP A C   1 
ATOM   839  O O   . ASP A 1 138 ? -7.622  14.219  -3.112  1.00 97.99  ? 138 ASP A O   1 
ATOM   840  C CB  . ASP A 1 138 ? -6.324  16.487  -4.976  1.00 103.94 ? 138 ASP A CB  1 
ATOM   841  C CG  . ASP A 1 138 ? -5.201  15.471  -4.886  1.00 104.06 ? 138 ASP A CG  1 
ATOM   842  O OD1 . ASP A 1 138 ? -5.155  14.568  -5.748  1.00 104.14 ? 138 ASP A OD1 1 
ATOM   843  O OD2 . ASP A 1 138 ? -4.366  15.581  -3.959  1.00 103.35 ? 138 ASP A OD2 1 
ATOM   844  N N   . SER A 1 139 ? -8.597  16.209  -2.659  1.00 89.42  ? 139 SER A N   1 
ATOM   845  C CA  . SER A 1 139 ? -8.919  15.897  -1.267  1.00 86.11  ? 139 SER A CA  1 
ATOM   846  C C   . SER A 1 139 ? -9.808  14.665  -1.120  1.00 83.19  ? 139 SER A C   1 
ATOM   847  O O   . SER A 1 139 ? -9.565  13.829  -0.249  1.00 83.08  ? 139 SER A O   1 
ATOM   848  C CB  . SER A 1 139 ? -9.594  17.099  -0.596  1.00 86.42  ? 139 SER A CB  1 
ATOM   849  O OG  . SER A 1 139 ? -8.698  18.196  -0.485  1.00 86.52  ? 139 SER A OG  1 
ATOM   850  N N   . GLU A 1 140 ? -10.835 14.552  -1.960  1.00 60.21  ? 140 GLU A N   1 
ATOM   851  C CA  . GLU A 1 140 ? -11.729 13.398  -1.881  1.00 56.68  ? 140 GLU A CA  1 
ATOM   852  C C   . GLU A 1 140 ? -11.077 12.171  -2.518  1.00 52.64  ? 140 GLU A C   1 
ATOM   853  O O   . GLU A 1 140 ? -11.731 11.154  -2.756  1.00 53.29  ? 140 GLU A O   1 
ATOM   854  C CB  . GLU A 1 140 ? -13.087 13.691  -2.542  1.00 89.18  ? 140 GLU A CB  1 
ATOM   855  C CG  . GLU A 1 140 ? -13.127 13.631  -4.064  1.00 91.58  ? 140 GLU A CG  1 
ATOM   856  C CD  . GLU A 1 140 ? -12.440 14.806  -4.722  1.00 92.96  ? 140 GLU A CD  1 
ATOM   857  O OE1 . GLU A 1 140 ? -12.724 15.957  -4.323  1.00 92.80  ? 140 GLU A OE1 1 
ATOM   858  O OE2 . GLU A 1 140 ? -11.628 14.577  -5.648  1.00 93.33  ? 140 GLU A OE2 1 
ATOM   859  N N   . ASN A 1 141 ? -9.781  12.286  -2.790  1.00 44.16  ? 141 ASN A N   1 
ATOM   860  C CA  . ASN A 1 141 ? -9.005  11.206  -3.371  1.00 38.33  ? 141 ASN A CA  1 
ATOM   861  C C   . ASN A 1 141 ? -8.111  10.556  -2.318  1.00 33.31  ? 141 ASN A C   1 
ATOM   862  O O   . ASN A 1 141 ? -7.234  9.747   -2.634  1.00 31.35  ? 141 ASN A O   1 
ATOM   863  C CB  . ASN A 1 141 ? -8.167  11.734  -4.526  1.00 54.67  ? 141 ASN A CB  1 
ATOM   864  C CG  . ASN A 1 141 ? -8.932  11.740  -5.827  1.00 56.34  ? 141 ASN A CG  1 
ATOM   865  O OD1 . ASN A 1 141 ? -9.992  12.357  -5.933  1.00 59.34  ? 141 ASN A OD1 1 
ATOM   866  N ND2 . ASN A 1 141 ? -8.405  11.044  -6.824  1.00 55.95  ? 141 ASN A ND2 1 
ATOM   867  N N   . TYR A 1 142 ? -8.336  10.912  -1.058  1.00 29.93  ? 142 TYR A N   1 
ATOM   868  C CA  . TYR A 1 142 ? -7.550  10.344  0.028   1.00 25.73  ? 142 TYR A CA  1 
ATOM   869  C C   . TYR A 1 142 ? -8.367  9.626   1.093   1.00 20.74  ? 142 TYR A C   1 
ATOM   870  O O   . TYR A 1 142 ? -9.508  10.023  1.403   1.00 18.13  ? 142 TYR A O   1 
ATOM   871  C CB  . TYR A 1 142 ? -6.752  11.444  0.733   1.00 45.08  ? 142 TYR A CB  1 
ATOM   872  C CG  . TYR A 1 142 ? -5.601  12.026  -0.064  1.00 50.16  ? 142 TYR A CG  1 
ATOM   873  C CD1 . TYR A 1 142 ? -4.393  11.337  -0.192  1.00 52.82  ? 142 TYR A CD1 1 
ATOM   874  C CD2 . TYR A 1 142 ? -5.714  13.274  -0.676  1.00 51.02  ? 142 TYR A CD2 1 
ATOM   875  C CE1 . TYR A 1 142 ? -3.320  11.887  -0.914  1.00 54.48  ? 142 TYR A CE1 1 
ATOM   876  C CE2 . TYR A 1 142 ? -4.660  13.829  -1.393  1.00 54.05  ? 142 TYR A CE2 1 
ATOM   877  C CZ  . TYR A 1 142 ? -3.463  13.135  -1.508  1.00 55.78  ? 142 TYR A CZ  1 
ATOM   878  O OH  . TYR A 1 142 ? -2.408  13.706  -2.196  1.00 59.54  ? 142 TYR A OH  1 
ATOM   879  N N   . ILE A 1 143 ? -7.780  8.549   1.610   1.00 17.56  ? 143 ILE A N   1 
ATOM   880  C CA  . ILE A 1 143 ? -8.310  7.826   2.753   1.00 18.55  ? 143 ILE A CA  1 
ATOM   881  C C   . ILE A 1 143 ? -7.176  8.033   3.781   1.00 19.28  ? 143 ILE A C   1 
ATOM   882  O O   . ILE A 1 143 ? -5.969  7.892   3.450   1.00 15.05  ? 143 ILE A O   1 
ATOM   883  C CB  . ILE A 1 143 ? -8.502  6.320   2.485   1.00 20.83  ? 143 ILE A CB  1 
ATOM   884  C CG1 . ILE A 1 143 ? -9.676  6.130   1.506   1.00 22.07  ? 143 ILE A CG1 1 
ATOM   885  C CG2 . ILE A 1 143 ? -8.789  5.567   3.811   1.00 18.39  ? 143 ILE A CG2 1 
ATOM   886  C CD1 . ILE A 1 143 ? -9.897  4.684   1.059   1.00 21.22  ? 143 ILE A CD1 1 
ATOM   887  N N   . HIS A 1 144 ? -7.535  8.422   5.003   1.00 22.72  ? 144 HIS A N   1 
ATOM   888  C CA  . HIS A 1 144 ? -6.514  8.640   6.048   1.00 20.96  ? 144 HIS A CA  1 
ATOM   889  C C   . HIS A 1 144 ? -6.920  7.851   7.265   1.00 20.13  ? 144 HIS A C   1 
ATOM   890  O O   . HIS A 1 144 ? -8.096  7.827   7.624   1.00 19.41  ? 144 HIS A O   1 
ATOM   891  C CB  . HIS A 1 144 ? -6.413  10.108  6.454   1.00 27.68  ? 144 HIS A CB  1 
ATOM   892  C CG  . HIS A 1 144 ? -6.155  11.036  5.319   1.00 32.02  ? 144 HIS A CG  1 
ATOM   893  N ND1 . HIS A 1 144 ? -7.145  11.821  4.762   1.00 32.43  ? 144 HIS A ND1 1 
ATOM   894  C CD2 . HIS A 1 144 ? -5.022  11.308  4.629   1.00 32.76  ? 144 HIS A CD2 1 
ATOM   895  C CE1 . HIS A 1 144 ? -6.630  12.536  3.778   1.00 31.87  ? 144 HIS A CE1 1 
ATOM   896  N NE2 . HIS A 1 144 ? -5.345  12.243  3.675   1.00 35.04  ? 144 HIS A NE2 1 
ATOM   897  N N   . GLY A 1 145 ? -5.943  7.232   7.915   1.00 18.70  ? 145 GLY A N   1 
ATOM   898  C CA  . GLY A 1 145 ? -6.215  6.435   9.072   1.00 17.60  ? 145 GLY A CA  1 
ATOM   899  C C   . GLY A 1 145 ? -4.954  6.269   9.872   1.00 19.87  ? 145 GLY A C   1 
ATOM   900  O O   . GLY A 1 145 ? -3.914  6.891   9.584   1.00 18.79  ? 145 GLY A O   1 
ATOM   901  N N   . ILE A 1 146 ? -5.053  5.424   10.881  1.00 16.62  ? 146 ILE A N   1 
ATOM   902  C CA  . ILE A 1 146 ? -3.951  5.149   11.783  1.00 18.93  ? 146 ILE A CA  1 
ATOM   903  C C   . ILE A 1 146 ? -3.781  3.644   11.894  1.00 19.38  ? 146 ILE A C   1 
ATOM   904  O O   . ILE A 1 146 ? -4.772  2.942   11.989  1.00 22.02  ? 146 ILE A O   1 
ATOM   905  C CB  . ILE A 1 146 ? -4.305  5.645   13.225  1.00 22.03  ? 146 ILE A CB  1 
ATOM   906  C CG1 . ILE A 1 146 ? -4.416  7.174   13.251  1.00 23.21  ? 146 ILE A CG1 1 
ATOM   907  C CG2 . ILE A 1 146 ? -3.285  5.096   14.237  1.00 21.06  ? 146 ILE A CG2 1 
ATOM   908  C CD1 . ILE A 1 146 ? -3.148  7.879   12.872  1.00 28.89  ? 146 ILE A CD1 1 
ATOM   909  N N   . CYS A 1 147 ? -2.549  3.152   11.860  1.00 18.81  ? 147 CYS A N   1 
ATOM   910  C CA  . CYS A 1 147 ? -2.304  1.754   12.117  1.00 20.82  ? 147 CYS A CA  1 
ATOM   911  C C   . CYS A 1 147 ? -1.091  1.804   13.047  1.00 21.06  ? 147 CYS A C   1 
ATOM   912  O O   . CYS A 1 147 ? -0.607  2.897   13.382  1.00 20.86  ? 147 CYS A O   1 
ATOM   913  C CB  . CYS A 1 147 ? -2.047  0.913   10.856  1.00 17.30  ? 147 CYS A CB  1 
ATOM   914  S SG  . CYS A 1 147 ? -0.692  1.401   9.858   1.00 21.34  ? 147 CYS A SG  1 
ATOM   915  N N   . TYR A 1 148 ? -0.597  0.647   13.452  1.00 19.22  ? 148 TYR A N   1 
ATOM   916  C CA  . TYR A 1 148 ? 0.468   0.626   14.435  1.00 21.50  ? 148 TYR A CA  1 
ATOM   917  C C   . TYR A 1 148 ? 1.677   -0.234  14.208  1.00 23.12  ? 148 TYR A C   1 
ATOM   918  O O   . TYR A 1 148 ? 1.658   -1.210  13.464  1.00 25.54  ? 148 TYR A O   1 
ATOM   919  C CB  . TYR A 1 148 ? -0.117  0.231   15.806  1.00 19.17  ? 148 TYR A CB  1 
ATOM   920  C CG  . TYR A 1 148 ? -1.314  1.037   16.229  1.00 19.64  ? 148 TYR A CG  1 
ATOM   921  C CD1 . TYR A 1 148 ? -2.571  0.821   15.637  1.00 15.71  ? 148 TYR A CD1 1 
ATOM   922  C CD2 . TYR A 1 148 ? -1.179  2.086   17.147  1.00 18.31  ? 148 TYR A CD2 1 
ATOM   923  C CE1 . TYR A 1 148 ? -3.645  1.635   15.934  1.00 19.09  ? 148 TYR A CE1 1 
ATOM   924  C CE2 . TYR A 1 148 ? -2.243  2.910   17.448  1.00 19.33  ? 148 TYR A CE2 1 
ATOM   925  C CZ  . TYR A 1 148 ? -3.470  2.687   16.841  1.00 19.27  ? 148 TYR A CZ  1 
ATOM   926  O OH  . TYR A 1 148 ? -4.529  3.511   17.118  1.00 25.75  ? 148 TYR A OH  1 
ATOM   927  N N   . TYR A 1 149 ? 2.743   0.142   14.901  1.00 24.32  ? 149 TYR A N   1 
ATOM   928  C CA  . TYR A 1 149 ? 3.983   -0.609  14.888  1.00 21.90  ? 149 TYR A CA  1 
ATOM   929  C C   . TYR A 1 149 ? 4.197   -1.047  16.342  1.00 24.87  ? 149 TYR A C   1 
ATOM   930  O O   . TYR A 1 149 ? 4.125   -0.232  17.266  1.00 22.97  ? 149 TYR A O   1 
ATOM   931  C CB  . TYR A 1 149 ? 5.174   0.257   14.477  1.00 26.78  ? 149 TYR A CB  1 
ATOM   932  C CG  . TYR A 1 149 ? 6.472   -0.502  14.594  1.00 25.28  ? 149 TYR A CG  1 
ATOM   933  C CD1 . TYR A 1 149 ? 6.711   -1.602  13.784  1.00 23.00  ? 149 TYR A CD1 1 
ATOM   934  C CD2 . TYR A 1 149 ? 7.429   -0.164  15.553  1.00 28.58  ? 149 TYR A CD2 1 
ATOM   935  C CE1 . TYR A 1 149 ? 7.864   -2.365  13.914  1.00 24.44  ? 149 TYR A CE1 1 
ATOM   936  C CE2 . TYR A 1 149 ? 8.617   -0.926  15.695  1.00 25.75  ? 149 TYR A CE2 1 
ATOM   937  C CZ  . TYR A 1 149 ? 8.815   -2.025  14.863  1.00 24.01  ? 149 TYR A CZ  1 
ATOM   938  O OH  . TYR A 1 149 ? 9.969   -2.787  14.933  1.00 26.61  ? 149 TYR A OH  1 
ATOM   939  N N   . MET A 1 150 ? 4.460   -2.333  16.522  1.00 24.27  ? 150 MET A N   1 
ATOM   940  C CA  . MET A 1 150 ? 4.720   -2.941  17.824  1.00 26.45  ? 150 MET A CA  1 
ATOM   941  C C   . MET A 1 150 ? 6.252   -3.097  17.957  1.00 27.31  ? 150 MET A C   1 
ATOM   942  O O   . MET A 1 150 ? 6.893   -3.786  17.149  1.00 27.70  ? 150 MET A O   1 
ATOM   943  C CB  . MET A 1 150 ? 4.017   -4.306  17.867  1.00 38.09  ? 150 MET A CB  1 
ATOM   944  C CG  . MET A 1 150 ? 4.083   -5.059  19.174  1.00 41.47  ? 150 MET A CG  1 
ATOM   945  S SD  . MET A 1 150 ? 2.843   -6.400  19.173  1.00 48.56  ? 150 MET A SD  1 
ATOM   946  C CE  . MET A 1 150 ? 1.695   -5.736  20.315  1.00 42.73  ? 150 MET A CE  1 
ATOM   947  N N   . THR A 1 151 ? 6.846   -2.444  18.951  1.00 29.31  ? 151 THR A N   1 
ATOM   948  C CA  . THR A 1 151 ? 8.308   -2.520  19.127  1.00 30.56  ? 151 THR A CA  1 
ATOM   949  C C   . THR A 1 151 ? 8.730   -3.922  19.510  1.00 32.68  ? 151 THR A C   1 
ATOM   950  O O   . THR A 1 151 ? 7.988   -4.658  20.159  1.00 31.89  ? 151 THR A O   1 
ATOM   951  C CB  . THR A 1 151 ? 8.821   -1.562  20.205  1.00 31.90  ? 151 THR A CB  1 
ATOM   952  O OG1 . THR A 1 151 ? 8.571   -2.117  21.502  1.00 33.25  ? 151 THR A OG1 1 
ATOM   953  C CG2 . THR A 1 151 ? 8.112   -0.230  20.086  1.00 33.18  ? 151 THR A CG2 1 
ATOM   954  N N   . SER A 1 152 ? 9.939   -4.267  19.096  1.00 35.51  ? 152 SER A N   1 
ATOM   955  C CA  . SER A 1 152 ? 10.517  -5.573  19.318  1.00 38.47  ? 152 SER A CA  1 
ATOM   956  C C   . SER A 1 152 ? 10.944  -5.833  20.757  1.00 40.26  ? 152 SER A C   1 
ATOM   957  O O   . SER A 1 152 ? 11.111  -6.981  21.142  1.00 41.79  ? 152 SER A O   1 
ATOM   958  C CB  . SER A 1 152 ? 11.731  -5.741  18.414  1.00 44.77  ? 152 SER A CB  1 
ATOM   959  O OG  . SER A 1 152 ? 12.740  -4.825  18.808  1.00 43.71  ? 152 SER A OG  1 
ATOM   960  N N   . TYR A 1 153 ? 11.132  -4.790  21.557  1.00 45.80  ? 153 TYR A N   1 
ATOM   961  C CA  . TYR A 1 153 ? 11.576  -5.020  22.929  1.00 47.45  ? 153 TYR A CA  1 
ATOM   962  C C   . TYR A 1 153 ? 10.482  -5.061  23.995  1.00 45.56  ? 153 TYR A C   1 
ATOM   963  O O   . TYR A 1 153 ? 10.242  -6.107  24.595  1.00 45.92  ? 153 TYR A O   1 
ATOM   964  C CB  . TYR A 1 153 ? 12.662  -4.004  23.319  1.00 77.02  ? 153 TYR A CB  1 
ATOM   965  C CG  . TYR A 1 153 ? 12.395  -2.567  22.918  1.00 82.58  ? 153 TYR A CG  1 
ATOM   966  C CD1 . TYR A 1 153 ? 11.364  -1.839  23.498  1.00 84.49  ? 153 TYR A CD1 1 
ATOM   967  C CD2 . TYR A 1 153 ? 13.198  -1.928  21.974  1.00 85.28  ? 153 TYR A CD2 1 
ATOM   968  C CE1 . TYR A 1 153 ? 11.136  -0.511  23.155  1.00 86.63  ? 153 TYR A CE1 1 
ATOM   969  C CE2 . TYR A 1 153 ? 12.978  -0.597  21.624  1.00 87.47  ? 153 TYR A CE2 1 
ATOM   970  C CZ  . TYR A 1 153 ? 11.944  0.105   22.222  1.00 87.92  ? 153 TYR A CZ  1 
ATOM   971  O OH  . TYR A 1 153 ? 11.721  1.425   21.905  1.00 89.03  ? 153 TYR A OH  1 
ATOM   972  N N   . ASP A 1 154 ? 9.820   -3.933  24.226  1.00 37.14  ? 154 ASP A N   1 
ATOM   973  C CA  . ASP A 1 154 ? 8.772   -3.869  25.234  1.00 34.77  ? 154 ASP A CA  1 
ATOM   974  C C   . ASP A 1 154 ? 7.398   -4.013  24.613  1.00 32.77  ? 154 ASP A C   1 
ATOM   975  O O   . ASP A 1 154 ? 6.392   -3.836  25.293  1.00 31.24  ? 154 ASP A O   1 
ATOM   976  C CB  . ASP A 1 154 ? 8.841   -2.549  26.012  1.00 54.20  ? 154 ASP A CB  1 
ATOM   977  C CG  . ASP A 1 154 ? 8.749   -1.328  25.112  1.00 55.27  ? 154 ASP A CG  1 
ATOM   978  O OD1 . ASP A 1 154 ? 7.986   -1.351  24.123  1.00 55.51  ? 154 ASP A OD1 1 
ATOM   979  O OD2 . ASP A 1 154 ? 9.434   -0.331  25.401  1.00 57.05  ? 154 ASP A OD2 1 
ATOM   980  N N   . ARG A 1 155 ? 7.367   -4.316  23.316  1.00 41.86  ? 155 ARG A N   1 
ATOM   981  C CA  . ARG A 1 155 ? 6.123   -4.512  22.580  1.00 40.97  ? 155 ARG A CA  1 
ATOM   982  C C   . ARG A 1 155 ? 5.154   -3.353  22.676  1.00 40.82  ? 155 ARG A C   1 
ATOM   983  O O   . ARG A 1 155 ? 3.943   -3.554  22.659  1.00 42.18  ? 155 ARG A O   1 
ATOM   984  C CB  . ARG A 1 155 ? 5.396   -5.784  23.043  1.00 47.14  ? 155 ARG A CB  1 
ATOM   985  C CG  . ARG A 1 155 ? 6.086   -7.103  22.717  1.00 50.47  ? 155 ARG A CG  1 
ATOM   986  C CD  . ARG A 1 155 ? 6.361   -7.302  21.229  1.00 55.52  ? 155 ARG A CD  1 
ATOM   987  N NE  . ARG A 1 155 ? 6.813   -8.672  20.966  1.00 60.69  ? 155 ARG A NE  1 
ATOM   988  C CZ  . ARG A 1 155 ? 7.273   -9.118  19.798  1.00 62.35  ? 155 ARG A CZ  1 
ATOM   989  N NH1 . ARG A 1 155 ? 7.357   -8.305  18.750  1.00 62.55  ? 155 ARG A NH1 1 
ATOM   990  N NH2 . ARG A 1 155 ? 7.647   -10.388 19.679  1.00 62.23  ? 155 ARG A NH2 1 
ATOM   991  N N   . SER A 1 156 ? 5.664   -2.137  22.784  1.00 30.56  ? 156 SER A N   1 
ATOM   992  C CA  . SER A 1 156 ? 4.770   -1.003  22.842  1.00 28.51  ? 156 SER A CA  1 
ATOM   993  C C   . SER A 1 156 ? 4.340   -0.630  21.419  1.00 27.17  ? 156 SER A C   1 
ATOM   994  O O   . SER A 1 156 ? 4.992   -0.987  20.435  1.00 26.57  ? 156 SER A O   1 
ATOM   995  C CB  . SER A 1 156 ? 5.437   0.176   23.547  1.00 35.51  ? 156 SER A CB  1 
ATOM   996  O OG  . SER A 1 156 ? 6.640   0.552   22.920  1.00 35.76  ? 156 SER A OG  1 
ATOM   997  N N   . LEU A 1 157 ? 3.221   0.072   21.336  1.00 30.79  ? 157 LEU A N   1 
ATOM   998  C CA  . LEU A 1 157 ? 2.651   0.489   20.074  1.00 31.10  ? 157 LEU A CA  1 
ATOM   999  C C   . LEU A 1 157 ? 2.938   1.913   19.680  1.00 30.02  ? 157 LEU A C   1 
ATOM   1000 O O   . LEU A 1 157 ? 2.735   2.860   20.452  1.00 27.81  ? 157 LEU A O   1 
ATOM   1001 C CB  . LEU A 1 157 ? 1.135   0.302   20.091  1.00 31.23  ? 157 LEU A CB  1 
ATOM   1002 C CG  . LEU A 1 157 ? 0.641   -1.143  20.198  1.00 33.54  ? 157 LEU A CG  1 
ATOM   1003 C CD1 . LEU A 1 157 ? -0.881  -1.178  20.133  1.00 34.31  ? 157 LEU A CD1 1 
ATOM   1004 C CD2 . LEU A 1 157 ? 1.239   -1.956  19.065  1.00 33.20  ? 157 LEU A CD2 1 
ATOM   1005 N N   . PHE A 1 158 ? 3.434   2.068   18.467  1.00 24.07  ? 158 PHE A N   1 
ATOM   1006 C CA  . PHE A 1 158 ? 3.671   3.402   17.959  1.00 25.16  ? 158 PHE A CA  1 
ATOM   1007 C C   . PHE A 1 158 ? 2.647   3.615   16.850  1.00 24.86  ? 158 PHE A C   1 
ATOM   1008 O O   . PHE A 1 158 ? 2.547   2.801   15.933  1.00 23.68  ? 158 PHE A O   1 
ATOM   1009 C CB  . PHE A 1 158 ? 5.090   3.526   17.388  1.00 31.72  ? 158 PHE A CB  1 
ATOM   1010 C CG  . PHE A 1 158 ? 6.145   3.807   18.425  1.00 30.57  ? 158 PHE A CG  1 
ATOM   1011 C CD1 . PHE A 1 158 ? 6.500   2.844   19.362  1.00 31.29  ? 158 PHE A CD1 1 
ATOM   1012 C CD2 . PHE A 1 158 ? 6.811   5.039   18.437  1.00 33.33  ? 158 PHE A CD2 1 
ATOM   1013 C CE1 . PHE A 1 158 ? 7.511   3.093   20.299  1.00 33.60  ? 158 PHE A CE1 1 
ATOM   1014 C CE2 . PHE A 1 158 ? 7.834   5.301   19.375  1.00 31.87  ? 158 PHE A CE2 1 
ATOM   1015 C CZ  . PHE A 1 158 ? 8.184   4.323   20.305  1.00 32.23  ? 158 PHE A CZ  1 
ATOM   1016 N N   . PRO A 1 159 ? 1.865   4.704   16.922  1.00 24.72  ? 159 PRO A N   1 
ATOM   1017 C CA  . PRO A 1 159 ? 0.897   4.902   15.848  1.00 25.03  ? 159 PRO A CA  1 
ATOM   1018 C C   . PRO A 1 159 ? 1.601   5.346   14.564  1.00 24.49  ? 159 PRO A C   1 
ATOM   1019 O O   . PRO A 1 159 ? 2.631   6.039   14.590  1.00 23.88  ? 159 PRO A O   1 
ATOM   1020 C CB  . PRO A 1 159 ? -0.040  5.984   16.412  1.00 27.82  ? 159 PRO A CB  1 
ATOM   1021 C CG  . PRO A 1 159 ? 0.881   6.779   17.303  1.00 26.89  ? 159 PRO A CG  1 
ATOM   1022 C CD  . PRO A 1 159 ? 1.671   5.696   17.995  1.00 26.81  ? 159 PRO A CD  1 
ATOM   1023 N N   . LEU A 1 160 ? 1.045   4.910   13.448  1.00 24.51  ? 160 LEU A N   1 
ATOM   1024 C CA  . LEU A 1 160 ? 1.563   5.239   12.122  1.00 24.35  ? 160 LEU A CA  1 
ATOM   1025 C C   . LEU A 1 160 ? 0.411   5.876   11.386  1.00 23.71  ? 160 LEU A C   1 
ATOM   1026 O O   . LEU A 1 160 ? -0.712  5.355   11.395  1.00 21.66  ? 160 LEU A O   1 
ATOM   1027 C CB  . LEU A 1 160 ? 2.016   3.979   11.366  1.00 26.26  ? 160 LEU A CB  1 
ATOM   1028 C CG  . LEU A 1 160 ? 3.194   3.162   11.944  1.00 24.97  ? 160 LEU A CG  1 
ATOM   1029 C CD1 . LEU A 1 160 ? 3.484   1.910   11.060  1.00 22.89  ? 160 LEU A CD1 1 
ATOM   1030 C CD2 . LEU A 1 160 ? 4.434   4.061   11.997  1.00 25.67  ? 160 LEU A CD2 1 
ATOM   1031 N N   . ASN A 1 161 ? 0.667   7.034   10.791  1.00 22.09  ? 161 ASN A N   1 
ATOM   1032 C CA  . ASN A 1 161 ? -0.380  7.692   10.038  1.00 22.34  ? 161 ASN A CA  1 
ATOM   1033 C C   . ASN A 1 161 ? -0.346  6.982   8.720   1.00 22.83  ? 161 ASN A C   1 
ATOM   1034 O O   . ASN A 1 161 ? 0.733   6.731   8.188   1.00 21.42  ? 161 ASN A O   1 
ATOM   1035 C CB  . ASN A 1 161 ? -0.048  9.160   9.829   1.00 43.00  ? 161 ASN A CB  1 
ATOM   1036 C CG  . ASN A 1 161 ? 0.177   9.885   11.133  1.00 49.30  ? 161 ASN A CG  1 
ATOM   1037 O OD1 . ASN A 1 161 ? -0.757  10.091  11.910  1.00 53.42  ? 161 ASN A OD1 1 
ATOM   1038 N ND2 . ASN A 1 161 ? 1.423   10.261  11.395  1.00 49.58  ? 161 ASN A ND2 1 
ATOM   1039 N N   . ILE A 1 162 ? -1.508  6.616   8.198   1.00 20.61  ? 162 ILE A N   1 
ATOM   1040 C CA  . ILE A 1 162 ? -1.531  5.971   6.904   1.00 19.85  ? 162 ILE A CA  1 
ATOM   1041 C C   . ILE A 1 162 ? -2.483  6.701   5.987   1.00 19.38  ? 162 ILE A C   1 
ATOM   1042 O O   . ILE A 1 162 ? -3.565  7.103   6.391   1.00 18.76  ? 162 ILE A O   1 
ATOM   1043 C CB  . ILE A 1 162 ? -1.931  4.465   6.961   1.00 19.22  ? 162 ILE A CB  1 
ATOM   1044 C CG1 . ILE A 1 162 ? -2.094  3.955   5.521   1.00 19.41  ? 162 ILE A CG1 1 
ATOM   1045 C CG2 . ILE A 1 162 ? -3.252  4.261   7.755   1.00 21.81  ? 162 ILE A CG2 1 
ATOM   1046 C CD1 . ILE A 1 162 ? -1.972  2.490   5.398   1.00 24.37  ? 162 ILE A CD1 1 
ATOM   1047 N N   . SER A 1 163 ? -2.052  6.883   4.749   1.00 22.75  ? 163 SER A N   1 
ATOM   1048 C CA  . SER A 1 163 ? -2.836  7.550   3.741   1.00 24.51  ? 163 SER A CA  1 
ATOM   1049 C C   . SER A 1 163 ? -2.886  6.715   2.484   1.00 24.14  ? 163 SER A C   1 
ATOM   1050 O O   . SER A 1 163 ? -1.886  6.130   2.056   1.00 23.19  ? 163 SER A O   1 
ATOM   1051 C CB  . SER A 1 163 ? -2.225  8.902   3.383   1.00 31.79  ? 163 SER A CB  1 
ATOM   1052 O OG  . SER A 1 163 ? -2.478  9.860   4.394   1.00 38.60  ? 163 SER A OG  1 
ATOM   1053 N N   . ILE A 1 164 ? -4.070  6.634   1.904   1.00 17.06  ? 164 ILE A N   1 
ATOM   1054 C CA  . ILE A 1 164 ? -4.213  5.908   0.669   1.00 18.27  ? 164 ILE A CA  1 
ATOM   1055 C C   . ILE A 1 164 ? -4.736  6.909   -0.331  1.00 20.43  ? 164 ILE A C   1 
ATOM   1056 O O   . ILE A 1 164 ? -5.733  7.578   -0.090  1.00 21.50  ? 164 ILE A O   1 
ATOM   1057 C CB  . ILE A 1 164 ? -5.189  4.757   0.815   1.00 24.87  ? 164 ILE A CB  1 
ATOM   1058 C CG1 . ILE A 1 164 ? -4.709  3.838   1.944   1.00 21.97  ? 164 ILE A CG1 1 
ATOM   1059 C CG2 . ILE A 1 164 ? -5.335  4.046   -0.538  1.00 20.68  ? 164 ILE A CG2 1 
ATOM   1060 C CD1 . ILE A 1 164 ? -5.555  2.581   2.127   1.00 29.67  ? 164 ILE A CD1 1 
ATOM   1061 N N   . MET A 1 165 ? -4.029  7.055   -1.443  1.00 23.40  ? 165 MET A N   1 
ATOM   1062 C CA  . MET A 1 165 ? -4.457  8.001   -2.462  1.00 24.35  ? 165 MET A CA  1 
ATOM   1063 C C   . MET A 1 165 ? -4.932  7.225   -3.664  1.00 25.32  ? 165 MET A C   1 
ATOM   1064 O O   . MET A 1 165 ? -4.215  6.346   -4.186  1.00 20.86  ? 165 MET A O   1 
ATOM   1065 C CB  . MET A 1 165 ? -3.301  8.923   -2.843  1.00 31.11  ? 165 MET A CB  1 
ATOM   1066 C CG  . MET A 1 165 ? -3.718  10.056  -3.766  1.00 39.09  ? 165 MET A CG  1 
ATOM   1067 S SD  . MET A 1 165 ? -2.319  11.026  -4.360  1.00 45.89  ? 165 MET A SD  1 
ATOM   1068 C CE  . MET A 1 165 ? -2.256  10.500  -6.114  1.00 45.20  ? 165 MET A CE  1 
ATOM   1069 N N   . LEU A 1 166 ? -6.152  7.526   -4.105  1.00 26.53  ? 166 LEU A N   1 
ATOM   1070 C CA  . LEU A 1 166 ? -6.727  6.810   -5.233  1.00 28.58  ? 166 LEU A CA  1 
ATOM   1071 C C   . LEU A 1 166 ? -6.609  7.585   -6.536  1.00 30.41  ? 166 LEU A C   1 
ATOM   1072 O O   . LEU A 1 166 ? -6.947  8.766   -6.593  1.00 30.49  ? 166 LEU A O   1 
ATOM   1073 C CB  . LEU A 1 166 ? -8.200  6.472   -4.940  1.00 27.52  ? 166 LEU A CB  1 
ATOM   1074 C CG  . LEU A 1 166 ? -8.414  5.716   -3.615  1.00 29.67  ? 166 LEU A CG  1 
ATOM   1075 C CD1 . LEU A 1 166 ? -9.874  5.808   -3.233  1.00 27.59  ? 166 LEU A CD1 1 
ATOM   1076 C CD2 . LEU A 1 166 ? -7.932  4.252   -3.715  1.00 29.78  ? 166 LEU A CD2 1 
ATOM   1077 N N   . ASN A 1 167 ? -6.107  6.918   -7.579  1.00 29.90  ? 167 ASN A N   1 
ATOM   1078 C CA  . ASN A 1 167 ? -5.954  7.552   -8.894  1.00 30.73  ? 167 ASN A CA  1 
ATOM   1079 C C   . ASN A 1 167 ? -5.265  8.920   -8.759  1.00 33.90  ? 167 ASN A C   1 
ATOM   1080 O O   . ASN A 1 167 ? -4.125  9.003   -8.312  1.00 35.66  ? 167 ASN A O   1 
ATOM   1081 C CB  . ASN A 1 167 ? -7.335  7.690   -9.570  1.00 26.91  ? 167 ASN A CB  1 
ATOM   1082 C CG  . ASN A 1 167 ? -8.011  6.346   -9.790  1.00 26.26  ? 167 ASN A CG  1 
ATOM   1083 O OD1 . ASN A 1 167 ? -7.342  5.307   -9.880  1.00 27.02  ? 167 ASN A OD1 1 
ATOM   1084 N ND2 . ASN A 1 167 ? -9.337  6.348   -9.877  1.00 24.76  ? 167 ASN A ND2 1 
ATOM   1085 N N   . SER A 1 168 ? -5.939  9.994   -9.143  1.00 40.13  ? 168 SER A N   1 
ATOM   1086 C CA  . SER A 1 168 ? -5.344  11.336  -9.022  1.00 45.84  ? 168 SER A CA  1 
ATOM   1087 C C   . SER A 1 168 ? -4.098  11.638  -9.881  1.00 49.80  ? 168 SER A C   1 
ATOM   1088 O O   . SER A 1 168 ? -4.166  12.448  -10.810 1.00 49.09  ? 168 SER A O   1 
ATOM   1089 C CB  . SER A 1 168 ? -5.008  11.636  -7.561  1.00 75.75  ? 168 SER A CB  1 
ATOM   1090 O OG  . SER A 1 168 ? -4.232  12.819  -7.456  1.00 77.81  ? 168 SER A OG  1 
ATOM   1091 N N   . ARG A 1 169 ? -2.960  11.018  -9.562  1.00 75.36  ? 169 ARG A N   1 
ATOM   1092 C CA  . ARG A 1 169 ? -1.732  11.261  -10.328 1.00 80.08  ? 169 ARG A CA  1 
ATOM   1093 C C   . ARG A 1 169 ? -1.318  10.053  -11.178 1.00 81.74  ? 169 ARG A C   1 
ATOM   1094 O O   . ARG A 1 169 ? -0.700  9.120   -10.667 1.00 83.01  ? 169 ARG A O   1 
ATOM   1095 C CB  . ARG A 1 169 ? -0.567  11.608  -9.392  1.00 96.97  ? 169 ARG A CB  1 
ATOM   1096 C CG  . ARG A 1 169 ? -0.886  12.531  -8.216  1.00 100.50 ? 169 ARG A CG  1 
ATOM   1097 C CD  . ARG A 1 169 ? -1.252  13.945  -8.628  1.00 103.76 ? 169 ARG A CD  1 
ATOM   1098 N NE  . ARG A 1 169 ? -2.601  14.027  -9.180  1.00 106.19 ? 169 ARG A NE  1 
ATOM   1099 C CZ  . ARG A 1 169 ? -3.274  15.162  -9.343  1.00 107.40 ? 169 ARG A CZ  1 
ATOM   1100 N NH1 . ARG A 1 169 ? -2.724  16.318  -8.994  1.00 108.37 ? 169 ARG A NH1 1 
ATOM   1101 N NH2 . ARG A 1 169 ? -4.498  15.142  -9.854  1.00 106.70 ? 169 ARG A NH2 1 
ATOM   1102 N N   . MET A 1 170 ? -1.648  10.066  -12.468 1.00 111.42 ? 170 MET A N   1 
ATOM   1103 C CA  . MET A 1 170 ? -1.271  8.959   -13.352 1.00 112.68 ? 170 MET A CA  1 
ATOM   1104 C C   . MET A 1 170 ? 0.167   9.134   -13.835 1.00 113.37 ? 170 MET A C   1 
ATOM   1105 O O   . MET A 1 170 ? 0.413   9.742   -14.877 1.00 113.23 ? 170 MET A O   1 
ATOM   1106 C CB  . MET A 1 170 ? -2.217  8.860   -14.562 1.00 67.23  ? 170 MET A CB  1 
ATOM   1107 C CG  . MET A 1 170 ? -2.428  10.152  -15.339 1.00 66.98  ? 170 MET A CG  1 
ATOM   1108 S SD  . MET A 1 170 ? -3.342  9.860   -16.867 1.00 67.23  ? 170 MET A SD  1 
ATOM   1109 C CE  . MET A 1 170 ? -5.002  9.598   -16.237 1.00 67.42  ? 170 MET A CE  1 
ATOM   1110 N N   . ILE A 1 171 ? 1.109   8.598   -13.061 1.00 103.81 ? 171 ILE A N   1 
ATOM   1111 C CA  . ILE A 1 171 ? 2.536   8.682   -13.367 1.00 104.14 ? 171 ILE A CA  1 
ATOM   1112 C C   . ILE A 1 171 ? 2.819   8.918   -14.841 1.00 104.44 ? 171 ILE A C   1 
ATOM   1113 O O   . ILE A 1 171 ? 3.479   9.892   -15.206 1.00 104.46 ? 171 ILE A O   1 
ATOM   1114 C CB  . ILE A 1 171 ? 3.277   7.397   -12.942 1.00 66.86  ? 171 ILE A CB  1 
ATOM   1115 C CG1 . ILE A 1 171 ? 4.732   7.457   -13.406 1.00 67.35  ? 171 ILE A CG1 1 
ATOM   1116 C CG2 . ILE A 1 171 ? 2.586   6.179   -13.524 1.00 66.53  ? 171 ILE A CG2 1 
ATOM   1117 C CD1 . ILE A 1 171 ? 5.509   6.175   -13.176 1.00 67.28  ? 171 ILE A CD1 1 
ATOM   1118 N N   . SER A 1 172 ? 2.310   8.028   -15.687 1.00 82.93  ? 172 SER A N   1 
ATOM   1119 C CA  . SER A 1 172 ? 2.540   8.152   -17.120 1.00 82.57  ? 172 SER A CA  1 
ATOM   1120 C C   . SER A 1 172 ? 1.795   7.108   -17.939 1.00 81.91  ? 172 SER A C   1 
ATOM   1121 O O   . SER A 1 172 ? 0.615   6.830   -17.721 1.00 81.97  ? 172 SER A O   1 
ATOM   1122 C CB  . SER A 1 172 ? 4.035   8.021   -17.404 1.00 75.93  ? 172 SER A CB  1 
ATOM   1123 O OG  . SER A 1 172 ? 4.497   6.730   -17.037 1.00 76.20  ? 172 SER A OG  1 
ATOM   1124 N N   . SER A 1 173 ? 2.530   6.546   -18.893 1.00 73.75  ? 173 SER A N   1 
ATOM   1125 C CA  . SER A 1 173 ? 2.047   5.520   -19.807 1.00 72.45  ? 173 SER A CA  1 
ATOM   1126 C C   . SER A 1 173 ? 0.535   5.493   -19.995 1.00 70.33  ? 173 SER A C   1 
ATOM   1127 O O   . SER A 1 173 ? -0.116  6.532   -20.140 1.00 69.26  ? 173 SER A O   1 
ATOM   1128 C CB  . SER A 1 173 ? 2.532   4.141   -19.339 1.00 83.80  ? 173 SER A CB  1 
ATOM   1129 O OG  . SER A 1 173 ? 1.968   3.795   -18.086 1.00 84.03  ? 173 SER A OG  1 
ATOM   1130 N N   . ASN A 1 174 ? 0.003   4.275   -20.010 1.00 78.78  ? 174 ASN A N   1 
ATOM   1131 C CA  . ASN A 1 174 ? -1.420  4.030   -20.164 1.00 76.34  ? 174 ASN A CA  1 
ATOM   1132 C C   . ASN A 1 174 ? -1.965  3.623   -18.787 1.00 72.97  ? 174 ASN A C   1 
ATOM   1133 O O   . ASN A 1 174 ? -2.708  2.648   -18.662 1.00 71.69  ? 174 ASN A O   1 
ATOM   1134 C CB  . ASN A 1 174 ? -1.648  2.912   -21.195 1.00 122.14 ? 174 ASN A CB  1 
ATOM   1135 C CG  . ASN A 1 174 ? -2.861  3.162   -22.089 1.00 124.04 ? 174 ASN A CG  1 
ATOM   1136 O OD1 . ASN A 1 174 ? -3.122  2.405   -23.028 1.00 124.40 ? 174 ASN A OD1 1 
ATOM   1137 N ND2 . ASN A 1 174 ? -3.604  4.225   -21.801 1.00 123.84 ? 174 ASN A ND2 1 
ATOM   1138 N N   . VAL A 1 175 ? -1.559  4.364   -17.753 1.00 46.99  ? 175 VAL A N   1 
ATOM   1139 C CA  . VAL A 1 175 ? -2.026  4.122   -16.386 1.00 42.30  ? 175 VAL A CA  1 
ATOM   1140 C C   . VAL A 1 175 ? -3.530  4.440   -16.341 1.00 39.61  ? 175 VAL A C   1 
ATOM   1141 O O   . VAL A 1 175 ? -3.924  5.589   -16.498 1.00 40.53  ? 175 VAL A O   1 
ATOM   1142 C CB  . VAL A 1 175 ? -1.314  5.053   -15.365 1.00 40.63  ? 175 VAL A CB  1 
ATOM   1143 C CG1 . VAL A 1 175 ? -1.891  4.837   -13.978 1.00 39.51  ? 175 VAL A CG1 1 
ATOM   1144 C CG2 . VAL A 1 175 ? 0.180   4.806   -15.363 1.00 40.27  ? 175 VAL A CG2 1 
ATOM   1145 N N   . ALA A 1 176 ? -4.365  3.430   -16.145 1.00 40.71  ? 176 ALA A N   1 
ATOM   1146 C CA  . ALA A 1 176 ? -5.802  3.634   -16.081 1.00 37.66  ? 176 ALA A CA  1 
ATOM   1147 C C   . ALA A 1 176 ? -6.283  3.854   -14.638 1.00 37.10  ? 176 ALA A C   1 
ATOM   1148 O O   . ALA A 1 176 ? -7.341  4.458   -14.422 1.00 36.25  ? 176 ALA A O   1 
ATOM   1149 C CB  . ALA A 1 176 ? -6.513  2.434   -16.665 1.00 32.73  ? 176 ALA A CB  1 
ATOM   1150 N N   . TYR A 1 177 ? -5.517  3.349   -13.663 1.00 38.51  ? 177 TYR A N   1 
ATOM   1151 C CA  . TYR A 1 177 ? -5.863  3.467   -12.238 1.00 38.02  ? 177 TYR A CA  1 
ATOM   1152 C C   . TYR A 1 177 ? -4.608  3.528   -11.381 1.00 35.22  ? 177 TYR A C   1 
ATOM   1153 O O   . TYR A 1 177 ? -3.545  3.097   -11.811 1.00 33.94  ? 177 TYR A O   1 
ATOM   1154 C CB  . TYR A 1 177 ? -6.682  2.261   -11.797 1.00 42.50  ? 177 TYR A CB  1 
ATOM   1155 C CG  . TYR A 1 177 ? -7.888  2.028   -12.647 1.00 47.59  ? 177 TYR A CG  1 
ATOM   1156 C CD1 . TYR A 1 177 ? -9.036  2.792   -12.476 1.00 49.53  ? 177 TYR A CD1 1 
ATOM   1157 C CD2 . TYR A 1 177 ? -7.875  1.067   -13.657 1.00 48.63  ? 177 TYR A CD2 1 
ATOM   1158 C CE1 . TYR A 1 177 ? -10.147 2.610   -13.288 1.00 50.96  ? 177 TYR A CE1 1 
ATOM   1159 C CE2 . TYR A 1 177 ? -8.979  0.875   -14.478 1.00 50.18  ? 177 TYR A CE2 1 
ATOM   1160 C CZ  . TYR A 1 177 ? -10.110 1.650   -14.286 1.00 50.90  ? 177 TYR A CZ  1 
ATOM   1161 O OH  . TYR A 1 177 ? -11.212 1.464   -15.083 1.00 52.55  ? 177 TYR A OH  1 
ATOM   1162 N N   . ALA A 1 178 ? -4.734  4.066   -10.169 1.00 31.68  ? 178 ALA A N   1 
ATOM   1163 C CA  . ALA A 1 178 ? -3.604  4.152   -9.251  1.00 29.22  ? 178 ALA A CA  1 
ATOM   1164 C C   . ALA A 1 178 ? -4.065  4.045   -7.790  1.00 30.76  ? 178 ALA A C   1 
ATOM   1165 O O   . ALA A 1 178 ? -5.125  4.546   -7.418  1.00 29.08  ? 178 ALA A O   1 
ATOM   1166 C CB  . ALA A 1 178 ? -2.834  5.466   -9.461  1.00 18.97  ? 178 ALA A CB  1 
ATOM   1167 N N   . ILE A 1 179 ? -3.250  3.370   -6.985  1.00 29.91  ? 179 ILE A N   1 
ATOM   1168 C CA  . ILE A 1 179 ? -3.474  3.194   -5.562  1.00 27.09  ? 179 ILE A CA  1 
ATOM   1169 C C   . ILE A 1 179 ? -2.088  3.381   -4.959  1.00 27.45  ? 179 ILE A C   1 
ATOM   1170 O O   . ILE A 1 179 ? -1.150  2.633   -5.287  1.00 23.03  ? 179 ILE A O   1 
ATOM   1171 C CB  . ILE A 1 179 ? -3.959  1.782   -5.224  1.00 27.27  ? 179 ILE A CB  1 
ATOM   1172 C CG1 . ILE A 1 179 ? -5.290  1.510   -5.920  1.00 27.91  ? 179 ILE A CG1 1 
ATOM   1173 C CG2 . ILE A 1 179 ? -4.094  1.633   -3.692  1.00 24.73  ? 179 ILE A CG2 1 
ATOM   1174 C CD1 . ILE A 1 179 ? -5.916  0.171   -5.538  1.00 29.45  ? 179 ILE A CD1 1 
ATOM   1175 N N   . GLN A 1 180 ? -1.962  4.404   -4.122  1.00 26.35  ? 180 GLN A N   1 
ATOM   1176 C CA  . GLN A 1 180 ? -0.715  4.723   -3.449  1.00 25.76  ? 180 GLN A CA  1 
ATOM   1177 C C   . GLN A 1 180 ? -0.891  4.610   -1.937  1.00 25.74  ? 180 GLN A C   1 
ATOM   1178 O O   . GLN A 1 180 ? -1.814  5.202   -1.379  1.00 22.93  ? 180 GLN A O   1 
ATOM   1179 C CB  . GLN A 1 180 ? -0.268  6.143   -3.770  1.00 33.38  ? 180 GLN A CB  1 
ATOM   1180 C CG  . GLN A 1 180 ? 1.095   6.469   -3.181  1.00 36.01  ? 180 GLN A CG  1 
ATOM   1181 C CD  . GLN A 1 180 ? 1.548   7.898   -3.474  1.00 40.04  ? 180 GLN A CD  1 
ATOM   1182 O OE1 . GLN A 1 180 ? 1.174   8.845   -2.777  1.00 40.88  ? 180 GLN A OE1 1 
ATOM   1183 N NE2 . GLN A 1 180 ? 2.357   8.052   -4.508  1.00 42.56  ? 180 GLN A NE2 1 
ATOM   1184 N N   . PHE A 1 181 ? 0.005   3.872   -1.281  1.00 23.88  ? 181 PHE A N   1 
ATOM   1185 C CA  . PHE A 1 181 ? -0.075  3.696   0.171   1.00 23.22  ? 181 PHE A CA  1 
ATOM   1186 C C   . PHE A 1 181 ? 1.076   4.456   0.767   1.00 23.91  ? 181 PHE A C   1 
ATOM   1187 O O   . PHE A 1 181 ? 2.188   4.413   0.240   1.00 24.41  ? 181 PHE A O   1 
ATOM   1188 C CB  . PHE A 1 181 ? 0.103   2.212   0.561   1.00 24.01  ? 181 PHE A CB  1 
ATOM   1189 C CG  . PHE A 1 181 ? -1.008  1.305   0.097   1.00 23.36  ? 181 PHE A CG  1 
ATOM   1190 C CD1 . PHE A 1 181 ? -2.213  1.219   0.816   1.00 19.54  ? 181 PHE A CD1 1 
ATOM   1191 C CD2 . PHE A 1 181 ? -0.869  0.564   -1.067  1.00 23.40  ? 181 PHE A CD2 1 
ATOM   1192 C CE1 . PHE A 1 181 ? -3.269  0.402   0.360   1.00 23.93  ? 181 PHE A CE1 1 
ATOM   1193 C CE2 . PHE A 1 181 ? -1.917  -0.255  -1.532  1.00 23.13  ? 181 PHE A CE2 1 
ATOM   1194 C CZ  . PHE A 1 181 ? -3.120  -0.336  -0.822  1.00 23.39  ? 181 PHE A CZ  1 
ATOM   1195 N N   . GLU A 1 182 ? 0.830   5.161   1.863   1.00 22.63  ? 182 GLU A N   1 
ATOM   1196 C CA  . GLU A 1 182 ? 1.916   5.837   2.523   1.00 22.14  ? 182 GLU A CA  1 
ATOM   1197 C C   . GLU A 1 182 ? 1.789   5.745   4.045   1.00 22.16  ? 182 GLU A C   1 
ATOM   1198 O O   . GLU A 1 182 ? 0.735   6.046   4.598   1.00 18.77  ? 182 GLU A O   1 
ATOM   1199 C CB  . GLU A 1 182 ? 1.993   7.292   2.069   1.00 41.90  ? 182 GLU A CB  1 
ATOM   1200 C CG  . GLU A 1 182 ? 3.207   8.001   2.621   1.00 49.29  ? 182 GLU A CG  1 
ATOM   1201 C CD  . GLU A 1 182 ? 3.491   9.310   1.909   1.00 54.16  ? 182 GLU A CD  1 
ATOM   1202 O OE1 . GLU A 1 182 ? 3.945   9.262   0.742   1.00 57.49  ? 182 GLU A OE1 1 
ATOM   1203 O OE2 . GLU A 1 182 ? 3.251   10.381  2.518   1.00 54.72  ? 182 GLU A OE2 1 
ATOM   1204 N N   . TRP A 1 183 ? 2.847   5.273   4.706   1.00 22.80  ? 183 TRP A N   1 
ATOM   1205 C CA  . TRP A 1 183 ? 2.883   5.168   6.170   1.00 23.16  ? 183 TRP A CA  1 
ATOM   1206 C C   . TRP A 1 183 ? 3.889   6.197   6.672   1.00 25.75  ? 183 TRP A C   1 
ATOM   1207 O O   . TRP A 1 183 ? 4.975   6.337   6.117   1.00 26.79  ? 183 TRP A O   1 
ATOM   1208 C CB  . TRP A 1 183 ? 3.369   3.803   6.633   1.00 18.41  ? 183 TRP A CB  1 
ATOM   1209 C CG  . TRP A 1 183 ? 2.436   2.675   6.344   1.00 19.33  ? 183 TRP A CG  1 
ATOM   1210 C CD1 . TRP A 1 183 ? 1.535   2.125   7.195   1.00 20.35  ? 183 TRP A CD1 1 
ATOM   1211 C CD2 . TRP A 1 183 ? 2.347   1.937   5.122   1.00 21.42  ? 183 TRP A CD2 1 
ATOM   1212 N NE1 . TRP A 1 183 ? 0.880   1.064   6.586   1.00 23.91  ? 183 TRP A NE1 1 
ATOM   1213 C CE2 . TRP A 1 183 ? 1.363   0.927   5.313   1.00 20.87  ? 183 TRP A CE2 1 
ATOM   1214 C CE3 . TRP A 1 183 ? 3.005   2.026   3.879   1.00 18.17  ? 183 TRP A CE3 1 
ATOM   1215 C CZ2 . TRP A 1 183 ? 1.022   0.008   4.307   1.00 23.95  ? 183 TRP A CZ2 1 
ATOM   1216 C CZ3 . TRP A 1 183 ? 2.669   1.110   2.883   1.00 19.05  ? 183 TRP A CZ3 1 
ATOM   1217 C CH2 . TRP A 1 183 ? 1.684   0.113   3.104   1.00 22.28  ? 183 TRP A CH2 1 
ATOM   1218 N N   . ASN A 1 184 ? 3.539   6.883   7.745   1.00 22.58  ? 184 ASN A N   1 
ATOM   1219 C CA  . ASN A 1 184 ? 4.399   7.898   8.290   1.00 24.58  ? 184 ASN A CA  1 
ATOM   1220 C C   . ASN A 1 184 ? 4.544   7.736   9.800   1.00 24.47  ? 184 ASN A C   1 
ATOM   1221 O O   . ASN A 1 184 ? 3.558   7.661   10.545  1.00 21.86  ? 184 ASN A O   1 
ATOM   1222 C CB  . ASN A 1 184 ? 3.826   9.273   7.979   1.00 35.56  ? 184 ASN A CB  1 
ATOM   1223 C CG  . ASN A 1 184 ? 4.707   10.395  8.491   1.00 41.94  ? 184 ASN A CG  1 
ATOM   1224 O OD1 . ASN A 1 184 ? 5.744   10.718  7.891   1.00 44.29  ? 184 ASN A OD1 1 
ATOM   1225 N ND2 . ASN A 1 184 ? 4.315   10.987  9.613   1.00 43.08  ? 184 ASN A ND2 1 
ATOM   1226 N N   . LEU A 1 185 ? 5.785   7.678   10.242  1.00 25.38  ? 185 LEU A N   1 
ATOM   1227 C CA  . LEU A 1 185 ? 6.081   7.582   11.659  1.00 27.63  ? 185 LEU A CA  1 
ATOM   1228 C C   . LEU A 1 185 ? 6.570   8.970   12.108  1.00 29.77  ? 185 LEU A C   1 
ATOM   1229 O O   . LEU A 1 185 ? 7.507   9.522   11.537  1.00 29.20  ? 185 LEU A O   1 
ATOM   1230 C CB  . LEU A 1 185 ? 7.190   6.564   11.924  1.00 22.52  ? 185 LEU A CB  1 
ATOM   1231 C CG  . LEU A 1 185 ? 7.723   6.743   13.368  1.00 24.77  ? 185 LEU A CG  1 
ATOM   1232 C CD1 . LEU A 1 185 ? 6.690   6.234   14.412  1.00 24.99  ? 185 LEU A CD1 1 
ATOM   1233 C CD2 . LEU A 1 185 ? 9.045   6.027   13.517  1.00 25.97  ? 185 LEU A CD2 1 
ATOM   1234 N N   . ASN A 1 186 ? 5.947   9.527   13.132  1.00 30.68  ? 186 ASN A N   1 
ATOM   1235 C CA  . ASN A 1 186 ? 6.375   10.825  13.625  1.00 35.16  ? 186 ASN A CA  1 
ATOM   1236 C C   . ASN A 1 186 ? 6.305   10.775  15.138  1.00 35.48  ? 186 ASN A C   1 
ATOM   1237 O O   . ASN A 1 186 ? 5.306   11.171  15.720  1.00 36.07  ? 186 ASN A O   1 
ATOM   1238 C CB  . ASN A 1 186 ? 5.469   11.926  13.062  1.00 63.69  ? 186 ASN A CB  1 
ATOM   1239 C CG  . ASN A 1 186 ? 5.855   13.306  13.548  1.00 67.38  ? 186 ASN A CG  1 
ATOM   1240 O OD1 . ASN A 1 186 ? 5.615   13.657  14.702  1.00 71.54  ? 186 ASN A OD1 1 
ATOM   1241 N ND2 . ASN A 1 186 ? 6.465   14.093  12.673  1.00 66.86  ? 186 ASN A ND2 1 
ATOM   1242 N N   . ALA A 1 187 ? 7.375   10.289  15.762  1.00 39.55  ? 187 ALA A N   1 
ATOM   1243 C CA  . ALA A 1 187 ? 7.438   10.135  17.213  1.00 41.60  ? 187 ALA A CA  1 
ATOM   1244 C C   . ALA A 1 187 ? 8.469   11.014  17.917  1.00 43.03  ? 187 ALA A C   1 
ATOM   1245 O O   . ALA A 1 187 ? 9.368   11.550  17.288  1.00 44.30  ? 187 ALA A O   1 
ATOM   1246 C CB  . ALA A 1 187 ? 7.712   8.669   17.555  1.00 34.62  ? 187 ALA A CB  1 
ATOM   1247 N N   . SER A 1 188 ? 8.330   11.139  19.233  1.00 58.75  ? 188 SER A N   1 
ATOM   1248 C CA  . SER A 1 188 ? 9.238   11.935  20.052  1.00 61.17  ? 188 SER A CA  1 
ATOM   1249 C C   . SER A 1 188 ? 10.505  11.140  20.309  1.00 62.37  ? 188 SER A C   1 
ATOM   1250 O O   . SER A 1 188 ? 11.569  11.709  20.555  1.00 63.39  ? 188 SER A O   1 
ATOM   1251 C CB  . SER A 1 188 ? 8.590   12.258  21.386  1.00 54.64  ? 188 SER A CB  1 
ATOM   1252 O OG  . SER A 1 188 ? 7.290   12.759  21.189  1.00 57.92  ? 188 SER A OG  1 
ATOM   1253 N N   . GLU A 1 189 ? 10.381  9.817   20.272  1.00 51.20  ? 189 GLU A N   1 
ATOM   1254 C CA  . GLU A 1 189 ? 11.514  8.932   20.490  1.00 52.06  ? 189 GLU A CA  1 
ATOM   1255 C C   . GLU A 1 189 ? 11.535  7.896   19.374  1.00 51.01  ? 189 GLU A C   1 
ATOM   1256 O O   . GLU A 1 189 ? 10.531  7.693   18.686  1.00 51.35  ? 189 GLU A O   1 
ATOM   1257 C CB  . GLU A 1 189 ? 11.395  8.238   21.850  1.00 92.16  ? 189 GLU A CB  1 
ATOM   1258 C CG  . GLU A 1 189 ? 12.547  7.282   22.178  1.00 97.12  ? 189 GLU A CG  1 
ATOM   1259 C CD  . GLU A 1 189 ? 13.887  7.989   22.375  1.00 100.57 ? 189 GLU A CD  1 
ATOM   1260 O OE1 . GLU A 1 189 ? 13.996  8.812   23.313  1.00 101.20 ? 189 GLU A OE1 1 
ATOM   1261 O OE2 . GLU A 1 189 ? 14.834  7.717   21.599  1.00 100.76 ? 189 GLU A OE2 1 
ATOM   1262 N N   . SER A 1 190 ? 12.679  7.251   19.182  1.00 43.06  ? 190 SER A N   1 
ATOM   1263 C CA  . SER A 1 190 ? 12.787  6.233   18.149  1.00 42.22  ? 190 SER A CA  1 
ATOM   1264 C C   . SER A 1 190 ? 12.207  4.925   18.680  1.00 40.00  ? 190 SER A C   1 
ATOM   1265 O O   . SER A 1 190 ? 12.519  4.494   19.796  1.00 39.76  ? 190 SER A O   1 
ATOM   1266 C CB  . SER A 1 190 ? 14.250  6.039   17.733  1.00 57.33  ? 190 SER A CB  1 
ATOM   1267 O OG  . SER A 1 190 ? 15.034  5.595   18.820  1.00 61.06  ? 190 SER A OG  1 
ATOM   1268 N N   . PRO A 1 191 ? 11.337  4.275   17.892  1.00 39.61  ? 191 PRO A N   1 
ATOM   1269 C CA  . PRO A 1 191 ? 10.781  3.021   18.410  1.00 37.24  ? 191 PRO A CA  1 
ATOM   1270 C C   . PRO A 1 191 ? 11.802  1.900   18.618  1.00 35.67  ? 191 PRO A C   1 
ATOM   1271 O O   . PRO A 1 191 ? 11.624  1.068   19.502  1.00 33.28  ? 191 PRO A O   1 
ATOM   1272 C CB  . PRO A 1 191 ? 9.683   2.670   17.392  1.00 33.61  ? 191 PRO A CB  1 
ATOM   1273 C CG  . PRO A 1 191 ? 10.030  3.432   16.178  1.00 34.01  ? 191 PRO A CG  1 
ATOM   1274 C CD  . PRO A 1 191 ? 10.629  4.718   16.682  1.00 34.08  ? 191 PRO A CD  1 
ATOM   1275 N N   . GLU A 1 192 ? 12.870  1.873   17.823  1.00 30.73  ? 192 GLU A N   1 
ATOM   1276 C CA  . GLU A 1 192 ? 13.880  0.831   17.988  1.00 32.60  ? 192 GLU A CA  1 
ATOM   1277 C C   . GLU A 1 192 ? 15.297  1.396   18.071  1.00 33.06  ? 192 GLU A C   1 
ATOM   1278 O O   . GLU A 1 192 ? 15.585  2.454   17.534  1.00 31.75  ? 192 GLU A O   1 
ATOM   1279 C CB  . GLU A 1 192 ? 13.821  -0.166  16.832  1.00 39.65  ? 192 GLU A CB  1 
ATOM   1280 C CG  . GLU A 1 192 ? 12.470  -0.825  16.636  1.00 39.90  ? 192 GLU A CG  1 
ATOM   1281 C CD  . GLU A 1 192 ? 12.324  -2.142  17.392  1.00 40.76  ? 192 GLU A CD  1 
ATOM   1282 O OE1 . GLU A 1 192 ? 13.279  -2.554  18.097  1.00 37.42  ? 192 GLU A OE1 1 
ATOM   1283 O OE2 . GLU A 1 192 ? 11.246  -2.763  17.268  1.00 37.05  ? 192 GLU A OE2 1 
ATOM   1284 N N   . SER A 1 193 ? 16.177  0.663   18.746  1.00 46.69  ? 193 SER A N   1 
ATOM   1285 C CA  . SER A 1 193 ? 17.572  1.060   18.884  1.00 49.97  ? 193 SER A CA  1 
ATOM   1286 C C   . SER A 1 193 ? 18.404  0.329   17.834  1.00 50.84  ? 193 SER A C   1 
ATOM   1287 O O   . SER A 1 193 ? 19.517  0.741   17.513  1.00 52.45  ? 193 SER A O   1 
ATOM   1288 C CB  . SER A 1 193 ? 18.080  0.714   20.280  1.00 64.47  ? 193 SER A CB  1 
ATOM   1289 O OG  . SER A 1 193 ? 17.873  -0.659  20.556  1.00 69.10  ? 193 SER A OG  1 
ATOM   1290 N N   . ASN A 1 194 ? 17.869  -0.763  17.302  1.00 50.38  ? 194 ASN A N   1 
ATOM   1291 C CA  . ASN A 1 194 ? 18.586  -1.516  16.283  1.00 50.79  ? 194 ASN A CA  1 
ATOM   1292 C C   . ASN A 1 194 ? 17.659  -2.319  15.381  1.00 49.36  ? 194 ASN A C   1 
ATOM   1293 O O   . ASN A 1 194 ? 16.446  -2.372  15.596  1.00 49.01  ? 194 ASN A O   1 
ATOM   1294 C CB  . ASN A 1 194 ? 19.609  -2.452  16.927  1.00 71.51  ? 194 ASN A CB  1 
ATOM   1295 C CG  . ASN A 1 194 ? 20.691  -2.885  15.949  1.00 74.51  ? 194 ASN A CG  1 
ATOM   1296 O OD1 . ASN A 1 194 ? 21.503  -3.763  16.246  1.00 75.27  ? 194 ASN A OD1 1 
ATOM   1297 N ND2 . ASN A 1 194 ? 20.713  -2.259  14.775  1.00 74.95  ? 194 ASN A ND2 1 
ATOM   1298 N N   . ILE A 1 195 ? 18.251  -2.944  14.368  1.00 46.03  ? 195 ILE A N   1 
ATOM   1299 C CA  . ILE A 1 195 ? 17.510  -3.743  13.408  1.00 45.00  ? 195 ILE A CA  1 
ATOM   1300 C C   . ILE A 1 195 ? 16.439  -4.582  14.082  1.00 44.22  ? 195 ILE A C   1 
ATOM   1301 O O   . ILE A 1 195 ? 16.693  -5.240  15.101  1.00 43.81  ? 195 ILE A O   1 
ATOM   1302 C CB  . ILE A 1 195 ? 18.445  -4.681  12.627  1.00 48.81  ? 195 ILE A CB  1 
ATOM   1303 C CG1 . ILE A 1 195 ? 19.614  -3.885  12.051  1.00 50.44  ? 195 ILE A CG1 1 
ATOM   1304 C CG2 . ILE A 1 195 ? 17.682  -5.350  11.512  1.00 46.78  ? 195 ILE A CG2 1 
ATOM   1305 C CD1 . ILE A 1 195 ? 19.192  -2.704  11.179  1.00 53.33  ? 195 ILE A CD1 1 
ATOM   1306 N N   . ALA A 1 196 ? 15.241  -4.545  13.502  1.00 33.40  ? 196 ALA A N   1 
ATOM   1307 C CA  . ALA A 1 196 ? 14.083  -5.287  14.005  1.00 31.20  ? 196 ALA A CA  1 
ATOM   1308 C C   . ALA A 1 196 ? 13.132  -5.341  12.832  1.00 30.11  ? 196 ALA A C   1 
ATOM   1309 O O   . ALA A 1 196 ? 13.025  -4.365  12.090  1.00 30.77  ? 196 ALA A O   1 
ATOM   1310 C CB  . ALA A 1 196 ? 13.445  -4.539  15.167  1.00 55.37  ? 196 ALA A CB  1 
ATOM   1311 N N   . THR A 1 197 ? 12.444  -6.464  12.650  1.00 34.83  ? 197 THR A N   1 
ATOM   1312 C CA  . THR A 1 197 ? 11.537  -6.605  11.516  1.00 33.48  ? 197 THR A CA  1 
ATOM   1313 C C   . THR A 1 197 ? 10.484  -5.528  11.522  1.00 32.09  ? 197 THR A C   1 
ATOM   1314 O O   . THR A 1 197 ? 9.673   -5.428  12.456  1.00 29.84  ? 197 THR A O   1 
ATOM   1315 C CB  . THR A 1 197 ? 10.812  -7.962  11.503  1.00 44.42  ? 197 THR A CB  1 
ATOM   1316 O OG1 . THR A 1 197 ? 11.763  -9.022  11.648  1.00 44.61  ? 197 THR A OG1 1 
ATOM   1317 C CG2 . THR A 1 197 ? 10.091  -8.148  10.188  1.00 46.07  ? 197 THR A CG2 1 
ATOM   1318 N N   . LEU A 1 198 ? 10.492  -4.708  10.478  1.00 25.26  ? 198 LEU A N   1 
ATOM   1319 C CA  . LEU A 1 198 ? 9.506   -3.651  10.406  1.00 26.09  ? 198 LEU A CA  1 
ATOM   1320 C C   . LEU A 1 198 ? 8.186   -4.329  10.061  1.00 25.93  ? 198 LEU A C   1 
ATOM   1321 O O   . LEU A 1 198 ? 8.163   -5.192  9.203   1.00 26.52  ? 198 LEU A O   1 
ATOM   1322 C CB  . LEU A 1 198 ? 9.898   -2.621  9.341   1.00 27.44  ? 198 LEU A CB  1 
ATOM   1323 C CG  . LEU A 1 198 ? 8.861   -1.527  9.035   1.00 32.29  ? 198 LEU A CG  1 
ATOM   1324 C CD1 . LEU A 1 198 ? 9.555   -0.305  8.456   1.00 26.55  ? 198 LEU A CD1 1 
ATOM   1325 C CD2 . LEU A 1 198 ? 7.796   -2.066  8.045   1.00 31.30  ? 198 LEU A CD2 1 
ATOM   1326 N N   . THR A 1 199 ? 7.112   -3.982  10.772  1.00 31.31  ? 199 THR A N   1 
ATOM   1327 C CA  . THR A 1 199 ? 5.784   -4.530  10.479  1.00 33.64  ? 199 THR A CA  1 
ATOM   1328 C C   . THR A 1 199 ? 4.752   -3.440  10.736  1.00 34.63  ? 199 THR A C   1 
ATOM   1329 O O   . THR A 1 199 ? 4.896   -2.658  11.683  1.00 36.69  ? 199 THR A O   1 
ATOM   1330 C CB  . THR A 1 199 ? 5.419   -5.726  11.378  1.00 32.56  ? 199 THR A CB  1 
ATOM   1331 O OG1 . THR A 1 199 ? 5.383   -5.287  12.742  1.00 37.70  ? 199 THR A OG1 1 
ATOM   1332 C CG2 . THR A 1 199 ? 6.448   -6.839  11.243  1.00 29.22  ? 199 THR A CG2 1 
ATOM   1333 N N   . THR A 1 200 ? 3.738   -3.354  9.877   1.00 29.18  ? 200 THR A N   1 
ATOM   1334 C CA  . THR A 1 200 ? 2.695   -2.368  10.068  1.00 27.88  ? 200 THR A CA  1 
ATOM   1335 C C   . THR A 1 200 ? 1.435   -3.168  10.377  1.00 27.73  ? 200 THR A C   1 
ATOM   1336 O O   . THR A 1 200 ? 1.067   -4.060  9.615   1.00 27.49  ? 200 THR A O   1 
ATOM   1337 C CB  . THR A 1 200 ? 2.456   -1.454  8.808   1.00 23.20  ? 200 THR A CB  1 
ATOM   1338 O OG1 . THR A 1 200 ? 1.975   -2.236  7.679   1.00 21.54  ? 200 THR A OG1 1 
ATOM   1339 C CG2 . THR A 1 200 ? 3.747   -0.682  8.446   1.00 18.92  ? 200 THR A CG2 1 
ATOM   1340 N N   . SER A 1 201 ? 0.789   -2.882  11.505  1.00 26.49  ? 201 SER A N   1 
ATOM   1341 C CA  . SER A 1 201 ? -0.429  -3.611  11.811  1.00 23.04  ? 201 SER A CA  1 
ATOM   1342 C C   . SER A 1 201 ? -1.413  -3.329  10.663  1.00 20.73  ? 201 SER A C   1 
ATOM   1343 O O   . SER A 1 201 ? -1.392  -2.266  10.031  1.00 20.37  ? 201 SER A O   1 
ATOM   1344 C CB  . SER A 1 201 ? -1.028  -3.183  13.172  1.00 21.40  ? 201 SER A CB  1 
ATOM   1345 O OG  . SER A 1 201 ? -1.580  -1.868  13.147  1.00 17.46  ? 201 SER A OG  1 
ATOM   1346 N N   . PRO A 1 202 ? -2.300  -4.289  10.388  1.00 19.30  ? 202 PRO A N   1 
ATOM   1347 C CA  . PRO A 1 202 ? -3.309  -4.215  9.329   1.00 19.44  ? 202 PRO A CA  1 
ATOM   1348 C C   . PRO A 1 202 ? -4.247  -3.000  9.352   1.00 19.05  ? 202 PRO A C   1 
ATOM   1349 O O   . PRO A 1 202 ? -4.859  -2.679  10.375  1.00 17.41  ? 202 PRO A O   1 
ATOM   1350 C CB  . PRO A 1 202 ? -4.094  -5.529  9.495   1.00 19.51  ? 202 PRO A CB  1 
ATOM   1351 C CG  . PRO A 1 202 ? -3.182  -6.409  10.269  1.00 22.53  ? 202 PRO A CG  1 
ATOM   1352 C CD  . PRO A 1 202 ? -2.482  -5.490  11.217  1.00 17.88  ? 202 PRO A CD  1 
ATOM   1353 N N   . PHE A 1 203 ? -4.358  -2.341  8.199   1.00 20.12  ? 203 PHE A N   1 
ATOM   1354 C CA  . PHE A 1 203 ? -5.249  -1.194  8.039   1.00 18.89  ? 203 PHE A CA  1 
ATOM   1355 C C   . PHE A 1 203 ? -6.390  -1.625  7.110   1.00 20.95  ? 203 PHE A C   1 
ATOM   1356 O O   . PHE A 1 203 ? -6.146  -2.145  6.003   1.00 20.29  ? 203 PHE A O   1 
ATOM   1357 C CB  . PHE A 1 203 ? -4.517  -0.004  7.419   1.00 17.53  ? 203 PHE A CB  1 
ATOM   1358 C CG  . PHE A 1 203 ? -5.390  1.214   7.239   1.00 20.47  ? 203 PHE A CG  1 
ATOM   1359 C CD1 . PHE A 1 203 ? -5.919  1.888   8.344   1.00 21.38  ? 203 PHE A CD1 1 
ATOM   1360 C CD2 . PHE A 1 203 ? -5.757  1.646   5.957   1.00 19.10  ? 203 PHE A CD2 1 
ATOM   1361 C CE1 . PHE A 1 203 ? -6.824  2.975   8.172   1.00 20.57  ? 203 PHE A CE1 1 
ATOM   1362 C CE2 . PHE A 1 203 ? -6.654  2.730   5.781   1.00 18.41  ? 203 PHE A CE2 1 
ATOM   1363 C CZ  . PHE A 1 203 ? -7.184  3.382   6.883   1.00 20.16  ? 203 PHE A CZ  1 
ATOM   1364 N N   . PHE A 1 204 ? -7.625  -1.382  7.559   1.00 16.25  ? 204 PHE A N   1 
ATOM   1365 C CA  . PHE A 1 204 ? -8.802  -1.746  6.803   1.00 17.55  ? 204 PHE A CA  1 
ATOM   1366 C C   . PHE A 1 204 ? -9.411  -0.536  6.132   1.00 19.20  ? 204 PHE A C   1 
ATOM   1367 O O   . PHE A 1 204 ? -9.503  0.544   6.722   1.00 16.41  ? 204 PHE A O   1 
ATOM   1368 C CB  . PHE A 1 204 ? -9.836  -2.374  7.716   1.00 16.89  ? 204 PHE A CB  1 
ATOM   1369 C CG  . PHE A 1 204 ? -9.261  -3.286  8.726   1.00 16.56  ? 204 PHE A CG  1 
ATOM   1370 C CD1 . PHE A 1 204 ? -8.492  -4.353  8.346   1.00 17.65  ? 204 PHE A CD1 1 
ATOM   1371 C CD2 . PHE A 1 204 ? -9.499  -3.076  10.077  1.00 16.81  ? 204 PHE A CD2 1 
ATOM   1372 C CE1 . PHE A 1 204 ? -7.968  -5.206  9.279   1.00 17.61  ? 204 PHE A CE1 1 
ATOM   1373 C CE2 . PHE A 1 204 ? -8.978  -3.927  11.013  1.00 17.64  ? 204 PHE A CE2 1 
ATOM   1374 C CZ  . PHE A 1 204 ? -8.209  -5.002  10.613  1.00 14.99  ? 204 PHE A CZ  1 
ATOM   1375 N N   . PHE A 1 205 ? -9.868  -0.712  4.902   1.00 17.48  ? 205 PHE A N   1 
ATOM   1376 C CA  . PHE A 1 205 ? -10.461 0.426   4.195   1.00 17.84  ? 205 PHE A CA  1 
ATOM   1377 C C   . PHE A 1 205 ? -11.430 -0.061  3.139   1.00 19.68  ? 205 PHE A C   1 
ATOM   1378 O O   . PHE A 1 205 ? -11.529 -1.265  2.882   1.00 20.62  ? 205 PHE A O   1 
ATOM   1379 C CB  . PHE A 1 205 ? -9.361  1.238   3.498   1.00 19.68  ? 205 PHE A CB  1 
ATOM   1380 C CG  . PHE A 1 205 ? -8.528  0.421   2.526   1.00 21.72  ? 205 PHE A CG  1 
ATOM   1381 C CD1 . PHE A 1 205 ? -7.520  -0.417  2.987   1.00 22.41  ? 205 PHE A CD1 1 
ATOM   1382 C CD2 . PHE A 1 205 ? -8.762  0.492   1.154   1.00 20.70  ? 205 PHE A CD2 1 
ATOM   1383 C CE1 . PHE A 1 205 ? -6.748  -1.171  2.122   1.00 18.82  ? 205 PHE A CE1 1 
ATOM   1384 C CE2 . PHE A 1 205 ? -7.999  -0.257  0.269   1.00 20.35  ? 205 PHE A CE2 1 
ATOM   1385 C CZ  . PHE A 1 205 ? -6.980  -1.097  0.755   1.00 19.80  ? 205 PHE A CZ  1 
ATOM   1386 N N   . SER A 1 206 ? -12.162 0.876   2.556   1.00 17.23  ? 206 SER A N   1 
ATOM   1387 C CA  . SER A 1 206 ? -13.058 0.552   1.467   1.00 19.11  ? 206 SER A CA  1 
ATOM   1388 C C   . SER A 1 206 ? -13.019 1.733   0.492   1.00 20.54  ? 206 SER A C   1 
ATOM   1389 O O   . SER A 1 206 ? -12.668 2.868   0.877   1.00 19.55  ? 206 SER A O   1 
ATOM   1390 C CB  . SER A 1 206 ? -14.494 0.366   1.946   1.00 20.70  ? 206 SER A CB  1 
ATOM   1391 O OG  . SER A 1 206 ? -14.582 -0.599  2.979   1.00 27.91  ? 206 SER A OG  1 
ATOM   1392 N N   . TYR A 1 207 ? -13.333 1.452   -0.772  1.00 22.88  ? 207 TYR A N   1 
ATOM   1393 C CA  . TYR A 1 207 ? -13.443 2.494   -1.783  1.00 24.34  ? 207 TYR A CA  1 
ATOM   1394 C C   . TYR A 1 207 ? -14.479 2.059   -2.826  1.00 24.34  ? 207 TYR A C   1 
ATOM   1395 O O   . TYR A 1 207 ? -14.786 0.886   -2.968  1.00 24.49  ? 207 TYR A O   1 
ATOM   1396 C CB  . TYR A 1 207 ? -12.083 2.856   -2.430  1.00 25.23  ? 207 TYR A CB  1 
ATOM   1397 C CG  . TYR A 1 207 ? -11.323 1.743   -3.121  1.00 26.88  ? 207 TYR A CG  1 
ATOM   1398 C CD1 . TYR A 1 207 ? -11.716 1.259   -4.372  1.00 28.05  ? 207 TYR A CD1 1 
ATOM   1399 C CD2 . TYR A 1 207 ? -10.192 1.191   -2.525  1.00 25.98  ? 207 TYR A CD2 1 
ATOM   1400 C CE1 . TYR A 1 207 ? -10.978 0.241   -5.021  1.00 28.90  ? 207 TYR A CE1 1 
ATOM   1401 C CE2 . TYR A 1 207 ? -9.450  0.171   -3.155  1.00 26.85  ? 207 TYR A CE2 1 
ATOM   1402 C CZ  . TYR A 1 207 ? -9.844  -0.295  -4.399  1.00 27.87  ? 207 TYR A CZ  1 
ATOM   1403 O OH  . TYR A 1 207 ? -9.084  -1.273  -5.014  1.00 26.10  ? 207 TYR A OH  1 
ATOM   1404 N N   . ILE A 1 208 ? -15.051 3.037   -3.496  1.00 24.03  ? 208 ILE A N   1 
ATOM   1405 C CA  . ILE A 1 208 ? -16.075 2.831   -4.502  1.00 26.89  ? 208 ILE A CA  1 
ATOM   1406 C C   . ILE A 1 208 ? -15.415 2.286   -5.768  1.00 29.34  ? 208 ILE A C   1 
ATOM   1407 O O   . ILE A 1 208 ? -14.447 2.853   -6.285  1.00 26.53  ? 208 ILE A O   1 
ATOM   1408 C CB  . ILE A 1 208 ? -16.767 4.158   -4.786  1.00 28.48  ? 208 ILE A CB  1 
ATOM   1409 C CG1 . ILE A 1 208 ? -17.365 4.681   -3.478  1.00 25.11  ? 208 ILE A CG1 1 
ATOM   1410 C CG2 . ILE A 1 208 ? -17.850 3.978   -5.889  1.00 27.99  ? 208 ILE A CG2 1 
ATOM   1411 C CD1 . ILE A 1 208 ? -17.919 6.090   -3.575  1.00 23.71  ? 208 ILE A CD1 1 
ATOM   1412 N N   . THR A 1 209 ? -15.938 1.168   -6.239  1.00 32.29  ? 209 THR A N   1 
ATOM   1413 C CA  . THR A 1 209 ? -15.378 0.520   -7.406  1.00 38.80  ? 209 THR A CA  1 
ATOM   1414 C C   . THR A 1 209 ? -15.954 1.006   -8.717  1.00 42.85  ? 209 THR A C   1 
ATOM   1415 O O   . THR A 1 209 ? -17.053 1.554   -8.757  1.00 43.23  ? 209 THR A O   1 
ATOM   1416 C CB  . THR A 1 209 ? -15.567 -1.000  -7.332  1.00 57.79  ? 209 THR A CB  1 
ATOM   1417 O OG1 . THR A 1 209 ? -14.906 -1.603  -8.449  1.00 62.10  ? 209 THR A OG1 1 
ATOM   1418 C CG2 . THR A 1 209 ? -17.045 -1.367  -7.370  1.00 57.59  ? 209 THR A CG2 1 
ATOM   1419 N N   . GLU A 1 210 ? -15.195 0.782   -9.788  1.00 59.86  ? 210 GLU A N   1 
ATOM   1420 C CA  . GLU A 1 210 ? -15.598 1.160   -11.140 1.00 64.83  ? 210 GLU A CA  1 
ATOM   1421 C C   . GLU A 1 210 ? -16.733 0.257   -11.639 1.00 68.49  ? 210 GLU A C   1 
ATOM   1422 O O   . GLU A 1 210 ? -17.248 0.453   -12.736 1.00 69.57  ? 210 GLU A O   1 
ATOM   1423 C CB  . GLU A 1 210 ? -14.406 1.047   -12.095 1.00 72.25  ? 210 GLU A CB  1 
ATOM   1424 C CG  . GLU A 1 210 ? -14.657 1.620   -13.487 1.00 73.38  ? 210 GLU A CG  1 
ATOM   1425 C CD  . GLU A 1 210 ? -14.694 3.139   -13.500 1.00 73.85  ? 210 GLU A CD  1 
ATOM   1426 O OE1 . GLU A 1 210 ? -13.611 3.766   -13.505 1.00 72.86  ? 210 GLU A OE1 1 
ATOM   1427 O OE2 . GLU A 1 210 ? -15.809 3.706   -13.498 1.00 74.84  ? 210 GLU A OE2 1 
ATOM   1428 N N   . ASP A 1 211 ? -17.114 -0.734  -10.837 1.00 77.68  ? 211 ASP A N   1 
ATOM   1429 C CA  . ASP A 1 211 ? -18.189 -1.647  -11.214 1.00 82.46  ? 211 ASP A CA  1 
ATOM   1430 C C   . ASP A 1 211 ? -18.002 -2.192  -12.628 1.00 84.80  ? 211 ASP A C   1 
ATOM   1431 O O   . ASP A 1 211 ? -17.222 -3.118  -12.848 1.00 85.10  ? 211 ASP A O   1 
ATOM   1432 C CB  . ASP A 1 211 ? -19.546 -0.934  -11.115 1.00 114.42 ? 211 ASP A CB  1 
ATOM   1433 C CG  . ASP A 1 211 ? -20.073 -0.868  -9.688  1.00 116.33 ? 211 ASP A CG  1 
ATOM   1434 O OD1 . ASP A 1 211 ? -20.484 -1.922  -9.158  1.00 115.91 ? 211 ASP A OD1 1 
ATOM   1435 O OD2 . ASP A 1 211 ? -20.076 0.233   -9.096  1.00 117.28 ? 211 ASP A OD2 1 
HETATM 1436 C C1  . GOL B 2 .   ? -7.495  -0.774  11.378  1.00 48.25  ? 301 GOL A C1  1 
HETATM 1437 O O1  . GOL B 2 .   ? -7.996  -0.289  9.897   1.00 43.13  ? 301 GOL A O1  1 
HETATM 1438 C C2  . GOL B 2 .   ? -7.700  -0.138  12.783  1.00 50.21  ? 301 GOL A C2  1 
HETATM 1439 O O2  . GOL B 2 .   ? -9.123  -0.028  13.019  1.00 51.61  ? 301 GOL A O2  1 
HETATM 1440 C C3  . GOL B 2 .   ? -7.071  1.290   12.821  1.00 51.34  ? 301 GOL A C3  1 
HETATM 1441 O O3  . GOL B 2 .   ? -7.645  2.119   11.792  1.00 53.25  ? 301 GOL A O3  1 
HETATM 1442 O O   . HOH C 3 .   ? -0.974  -1.436  7.469   1.00 17.60  ? 302 HOH A O   1 
HETATM 1443 O O   . HOH C 3 .   ? -4.182  -2.707  13.089  1.00 22.58  ? 303 HOH A O   1 
HETATM 1444 O O   . HOH C 3 .   ? 9.238   4.369   0.555   1.00 28.98  ? 304 HOH A O   1 
HETATM 1445 O O   . HOH C 3 .   ? 11.583  -2.044  12.808  1.00 24.93  ? 305 HOH A O   1 
HETATM 1446 O O   . HOH C 3 .   ? 2.987   -10.675 -4.193  1.00 23.61  ? 306 HOH A O   1 
HETATM 1447 O O   . HOH C 3 .   ? 3.362   -8.721  4.609   1.00 28.59  ? 307 HOH A O   1 
HETATM 1448 O O   . HOH C 3 .   ? 3.368   -3.996  14.335  1.00 32.23  ? 308 HOH A O   1 
HETATM 1449 O O   . HOH C 3 .   ? -1.021  -9.051  8.205   1.00 30.45  ? 309 HOH A O   1 
HETATM 1450 O O   . HOH C 3 .   ? -7.893  4.643   11.426  1.00 28.97  ? 310 HOH A O   1 
HETATM 1451 O O   . HOH C 3 .   ? -8.486  14.196  2.686   1.00 33.87  ? 311 HOH A O   1 
HETATM 1452 O O   . HOH C 3 .   ? -1.600  -17.392 -1.102  1.00 39.68  ? 312 HOH A O   1 
HETATM 1453 O O   . HOH C 3 .   ? 1.976   -8.117  6.824   1.00 32.13  ? 313 HOH A O   1 
HETATM 1454 O O   . HOH C 3 .   ? 10.254  -9.009  -8.536  1.00 41.54  ? 314 HOH A O   1 
HETATM 1455 O O   . HOH C 3 .   ? 0.711   -12.316 4.531   1.00 31.58  ? 315 HOH A O   1 
HETATM 1456 O O   . HOH C 3 .   ? 8.617   2.689   -2.981  1.00 39.10  ? 316 HOH A O   1 
HETATM 1457 O O   . HOH C 3 .   ? -9.936  1.103   9.106   1.00 17.95  ? 317 HOH A O   1 
HETATM 1458 O O   . HOH C 3 .   ? -11.467 -4.695  5.219   1.00 31.62  ? 318 HOH A O   1 
HETATM 1459 O O   . HOH C 3 .   ? 1.269   -9.929  -5.902  1.00 42.72  ? 319 HOH A O   1 
HETATM 1460 O O   . HOH C 3 .   ? 8.847   14.983  19.318  1.00 50.87  ? 320 HOH A O   1 
HETATM 1461 O O   . HOH C 3 .   ? -13.612 -2.403  5.656   1.00 57.34  ? 321 HOH A O   1 
HETATM 1462 O O   . HOH C 3 .   ? -1.026  13.061  9.112   1.00 40.96  ? 322 HOH A O   1 
HETATM 1463 O O   . HOH C 3 .   ? 19.742  -4.169  -5.585  1.00 62.84  ? 323 HOH A O   1 
HETATM 1464 O O   . HOH C 3 .   ? 3.246   8.316   13.814  1.00 36.60  ? 324 HOH A O   1 
HETATM 1465 O O   . HOH C 3 .   ? -0.102  14.312  -4.502  1.00 50.88  ? 325 HOH A O   1 
HETATM 1466 O O   . HOH C 3 .   ? 23.068  -8.646  6.352   1.00 58.44  ? 326 HOH A O   1 
HETATM 1467 O O   . HOH C 3 .   ? -3.587  10.124  8.714   1.00 50.46  ? 327 HOH A O   1 
HETATM 1468 O O   . HOH C 3 .   ? 11.038  -12.067 -4.260  1.00 46.32  ? 328 HOH A O   1 
HETATM 1469 O O   . HOH C 3 .   ? 3.940   1.163   26.753  1.00 58.79  ? 329 HOH A O   1 
HETATM 1470 O O   . HOH C 3 .   ? 23.184  -5.631  15.051  1.00 57.42  ? 330 HOH A O   1 
HETATM 1471 O O   . HOH C 3 .   ? 10.803  0.832   -7.447  1.00 49.17  ? 331 HOH A O   1 
HETATM 1472 O O   . HOH C 3 .   ? -0.756  8.086   -0.304  1.00 29.86  ? 332 HOH A O   1 
HETATM 1473 O O   . HOH C 3 .   ? 21.375  -5.988  2.402   1.00 45.31  ? 333 HOH A O   1 
HETATM 1474 O O   . HOH C 3 .   ? -22.451 0.397   -7.758  1.00 56.63  ? 334 HOH A O   1 
HETATM 1475 O O   . HOH C 3 .   ? 15.683  -2.744  19.052  1.00 57.24  ? 335 HOH A O   1 
HETATM 1476 O O   . HOH C 3 .   ? -2.626  13.898  11.891  1.00 46.00  ? 336 HOH A O   1 
HETATM 1477 O O   . HOH C 3 .   ? 20.110  -3.625  3.195   1.00 40.48  ? 337 HOH A O   1 
HETATM 1478 O O   . HOH C 3 .   ? 12.285  7.281   5.832   1.00 37.35  ? 338 HOH A O   1 
HETATM 1479 O O   . HOH C 3 .   ? 9.977   3.652   -5.047  1.00 28.04  ? 339 HOH A O   1 
HETATM 1480 O O   . HOH C 3 .   ? 10.135  4.735   -3.188  1.00 34.52  ? 340 HOH A O   1 
HETATM 1481 O O   . HOH C 3 .   ? -2.344  -7.741  -11.417 1.00 36.75  ? 341 HOH A O   1 
HETATM 1482 O O   . HOH C 3 .   ? 17.414  3.442   7.403   1.00 50.09  ? 342 HOH A O   1 
HETATM 1483 O O   . HOH C 3 .   ? -11.256 10.777  -13.761 1.00 40.37  ? 343 HOH A O   1 
HETATM 1484 O O   . HOH C 3 .   ? 1.971   0.592   24.141  1.00 52.74  ? 344 HOH A O   1 
HETATM 1485 O O   . HOH C 3 .   ? -11.460 12.393  0.784   1.00 43.49  ? 345 HOH A O   1 
HETATM 1486 O O   . HOH C 3 .   ? -11.378 20.080  -2.718  1.00 44.03  ? 346 HOH A O   1 
HETATM 1487 O O   . HOH C 3 .   ? 9.769   -5.875  15.300  1.00 37.97  ? 347 HOH A O   1 
HETATM 1488 O O   . HOH C 3 .   ? 7.376   -17.048 1.481   1.00 42.71  ? 348 HOH A O   1 
HETATM 1489 O O   . HOH C 3 .   ? 13.888  -0.489  -9.607  1.00 46.97  ? 349 HOH A O   1 
HETATM 1490 O O   . HOH C 3 .   ? 12.433  5.907   3.423   1.00 48.75  ? 350 HOH A O   1 
HETATM 1491 O O   . HOH C 3 .   ? 13.001  -8.526  14.870  1.00 45.90  ? 351 HOH A O   1 
HETATM 1492 O O   . HOH C 3 .   ? 7.599   5.213   -4.494  1.00 39.96  ? 352 HOH A O   1 
HETATM 1493 O O   . HOH C 3 .   ? 19.616  -6.126  4.041   1.00 38.61  ? 353 HOH A O   1 
HETATM 1494 O O   . HOH C 3 .   ? 14.961  1.321   22.546  1.00 53.44  ? 354 HOH A O   1 
HETATM 1495 O O   . HOH C 3 .   ? 0.738   8.024   -6.350  1.00 43.56  ? 355 HOH A O   1 
HETATM 1496 O O   . HOH C 3 .   ? 9.140   7.887   0.939   1.00 55.82  ? 356 HOH A O   1 
HETATM 1497 O O   . HOH C 3 .   ? -9.882  2.165   -18.818 1.00 47.34  ? 357 HOH A O   1 
HETATM 1498 O O   . HOH C 3 .   ? 13.056  -7.356  -8.659  1.00 57.41  ? 358 HOH A O   1 
HETATM 1499 O O   . HOH C 3 .   ? 9.001   6.042   -1.786  1.00 37.21  ? 359 HOH A O   1 
HETATM 1500 O O   . HOH C 3 .   ? 11.011  5.381   1.542   1.00 47.04  ? 360 HOH A O   1 
HETATM 1501 O O   . HOH C 3 .   ? -18.413 -11.473 -1.858  1.00 54.57  ? 361 HOH A O   1 
HETATM 1502 O O   . HOH C 3 .   ? -3.017  12.571  13.933  1.00 59.78  ? 362 HOH A O   1 
HETATM 1503 O O   . HOH C 3 .   ? 19.418  -5.722  0.772   1.00 57.65  ? 363 HOH A O   1 
HETATM 1504 O O   . HOH C 3 .   ? 15.517  -8.854  13.463  1.00 53.44  ? 364 HOH A O   1 
# 
loop_
_pdbx_poly_seq_scheme.asym_id 
_pdbx_poly_seq_scheme.entity_id 
_pdbx_poly_seq_scheme.seq_id 
_pdbx_poly_seq_scheme.mon_id 
_pdbx_poly_seq_scheme.ndb_seq_num 
_pdbx_poly_seq_scheme.pdb_seq_num 
_pdbx_poly_seq_scheme.auth_seq_num 
_pdbx_poly_seq_scheme.pdb_mon_id 
_pdbx_poly_seq_scheme.auth_mon_id 
_pdbx_poly_seq_scheme.pdb_strand_id 
_pdbx_poly_seq_scheme.pdb_ins_code 
_pdbx_poly_seq_scheme.hetero 
A 1 1   MET 1   1   ?   ?   ?   A . n 
A 1 2   ARG 2   2   ?   ?   ?   A . n 
A 1 3   GLY 3   3   ?   ?   ?   A . n 
A 1 4   SER 4   4   ?   ?   ?   A . n 
A 1 5   HIS 5   5   ?   ?   ?   A . n 
A 1 6   HIS 6   6   ?   ?   ?   A . n 
A 1 7   HIS 7   7   ?   ?   ?   A . n 
A 1 8   HIS 8   8   ?   ?   ?   A . n 
A 1 9   HIS 9   9   ?   ?   ?   A . n 
A 1 10  HIS 10  10  ?   ?   ?   A . n 
A 1 11  GLY 11  11  ?   ?   ?   A . n 
A 1 12  SER 12  12  ?   ?   ?   A . n 
A 1 13  GLY 13  13  ?   ?   ?   A . n 
A 1 14  ASP 14  14  ?   ?   ?   A . n 
A 1 15  ILE 15  15  ?   ?   ?   A . n 
A 1 16  CYS 16  16  ?   ?   ?   A . n 
A 1 17  ILE 17  17  ?   ?   ?   A . n 
A 1 18  LYS 18  18  ?   ?   ?   A . n 
A 1 19  ASP 19  19  ?   ?   ?   A . n 
A 1 20  SER 20  20  20  SER SER A . n 
A 1 21  ILE 21  21  21  ILE ILE A . n 
A 1 22  ASN 22  22  22  ASN ASN A . n 
A 1 23  THR 23  23  23  THR THR A . n 
A 1 24  LEU 24  24  24  LEU LEU A . n 
A 1 25  TRP 25  25  25  TRP TRP A . n 
A 1 26  THR 26  26  26  THR THR A . n 
A 1 27  GLY 27  27  27  GLY GLY A . n 
A 1 28  ILE 28  28  28  ILE ILE A . n 
A 1 29  ASN 29  29  29  ASN ASN A . n 
A 1 30  PRO 30  30  30  PRO PRO A . n 
A 1 31  PRO 31  31  31  PRO PRO A . n 
A 1 32  PRO 32  32  32  PRO PRO A . n 
A 1 33  ASN 33  33  33  ASN ASN A . n 
A 1 34  CYS 34  34  34  CYS CYS A . n 
A 1 35  GLN 35  35  35  GLN GLN A . n 
A 1 36  ILE 36  36  36  ILE ILE A . n 
A 1 37  VAL 37  37  37  VAL VAL A . n 
A 1 38  GLU 38  38  38  GLU GLU A . n 
A 1 39  ASN 39  39  39  ASN ASN A . n 
A 1 40  THR 40  40  40  THR THR A . n 
A 1 41  ASN 41  41  41  ASN ASN A . n 
A 1 42  THR 42  42  42  THR THR A . n 
A 1 43  ASN 43  43  43  ASN ASN A . n 
A 1 44  ASP 44  44  44  ASP ASP A . n 
A 1 45  GLY 45  45  45  GLY GLY A . n 
A 1 46  LYS 46  46  46  LYS LYS A . n 
A 1 47  LEU 47  47  47  LEU LEU A . n 
A 1 48  THR 48  48  48  THR THR A . n 
A 1 49  LEU 49  49  49  LEU LEU A . n 
A 1 50  VAL 50  50  50  VAL VAL A . n 
A 1 51  LEU 51  51  51  LEU LEU A . n 
A 1 52  VAL 52  52  52  VAL VAL A . n 
A 1 53  LYS 53  53  53  LYS LYS A . n 
A 1 54  ASN 54  54  54  ASN ASN A . n 
A 1 55  GLY 55  55  55  GLY GLY A . n 
A 1 56  GLY 56  56  56  GLY GLY A . n 
A 1 57  LEU 57  57  57  LEU LEU A . n 
A 1 58  VAL 58  58  58  VAL VAL A . n 
A 1 59  ASN 59  59  59  ASN ASN A . n 
A 1 60  GLY 60  60  60  GLY GLY A . n 
A 1 61  TYR 61  61  61  TYR TYR A . n 
A 1 62  VAL 62  62  62  VAL VAL A . n 
A 1 63  SER 63  63  63  SER SER A . n 
A 1 64  LEU 64  64  64  LEU LEU A . n 
A 1 65  VAL 65  65  65  VAL VAL A . n 
A 1 66  GLY 66  66  66  GLY GLY A . n 
A 1 67  VAL 67  67  67  VAL VAL A . n 
A 1 68  SER 68  68  68  SER SER A . n 
A 1 69  ASP 69  69  69  ASP ASP A . n 
A 1 70  THR 70  70  70  THR THR A . n 
A 1 71  VAL 71  71  71  VAL VAL A . n 
A 1 72  ASN 72  72  72  ASN ASN A . n 
A 1 73  GLN 73  73  73  GLN GLN A . n 
A 1 74  MET 74  74  74  MET MET A . n 
A 1 75  PHE 75  75  75  PHE PHE A . n 
A 1 76  THR 76  76  76  THR THR A . n 
A 1 77  GLN 77  77  77  GLN GLN A . n 
A 1 78  LYS 78  78  78  LYS LYS A . n 
A 1 79  THR 79  79  79  THR THR A . n 
A 1 80  ALA 80  80  80  ALA ALA A . n 
A 1 81  ASN 81  81  81  ASN ASN A . n 
A 1 82  ILE 82  82  82  ILE ILE A . n 
A 1 83  GLN 83  83  83  GLN GLN A . n 
A 1 84  LEU 84  84  84  LEU LEU A . n 
A 1 85  ARG 85  85  85  ARG ARG A . n 
A 1 86  LEU 86  86  86  LEU LEU A . n 
A 1 87  TYR 87  87  87  TYR TYR A . n 
A 1 88  PHE 88  88  88  PHE PHE A . n 
A 1 89  ASP 89  89  89  ASP ASP A . n 
A 1 90  SER 90  90  90  SER SER A . n 
A 1 91  SER 91  91  91  SER SER A . n 
A 1 92  GLY 92  92  92  GLY GLY A . n 
A 1 93  ASN 93  93  93  ASN ASN A . n 
A 1 94  LEU 94  94  94  LEU LEU A . n 
A 1 95  LEU 95  95  95  LEU LEU A . n 
A 1 96  THR 96  96  96  THR THR A . n 
A 1 97  GLU 97  97  97  GLU GLU A . n 
A 1 98  GLU 98  98  98  GLU GLU A . n 
A 1 99  SER 99  99  99  SER SER A . n 
A 1 100 ASP 100 100 100 ASP ASP A . n 
A 1 101 LEU 101 101 101 LEU LEU A . n 
A 1 102 LYS 102 102 102 LYS LYS A . n 
A 1 103 ILE 103 103 103 ILE ILE A . n 
A 1 104 PRO 104 104 104 PRO PRO A . n 
A 1 105 LEU 105 105 105 LEU LEU A . n 
A 1 106 LYS 106 106 106 LYS LYS A . n 
A 1 107 ASN 107 107 107 ASN ASN A . n 
A 1 108 LYS 108 108 108 LYS LYS A . n 
A 1 109 SER 109 109 109 SER SER A . n 
A 1 110 SER 110 110 ?   ?   ?   A . n 
A 1 111 THR 111 111 ?   ?   ?   A . n 
A 1 112 ALA 112 112 ?   ?   ?   A . n 
A 1 113 THR 113 113 ?   ?   ?   A . n 
A 1 114 SER 114 114 ?   ?   ?   A . n 
A 1 115 GLU 115 115 ?   ?   ?   A . n 
A 1 116 THR 116 116 ?   ?   ?   A . n 
A 1 117 VAL 117 117 ?   ?   ?   A . n 
A 1 118 ALA 118 118 ?   ?   ?   A . n 
A 1 119 SER 119 119 119 SER SER A . n 
A 1 120 SER 120 120 120 SER SER A . n 
A 1 121 LYS 121 121 121 LYS LYS A . n 
A 1 122 ALA 122 122 122 ALA ALA A . n 
A 1 123 PHE 123 123 123 PHE PHE A . n 
A 1 124 MET 124 124 124 MET MET A . n 
A 1 125 PRO 125 125 125 PRO PRO A . n 
A 1 126 SER 126 126 126 SER SER A . n 
A 1 127 THR 127 127 127 THR THR A . n 
A 1 128 THR 128 128 128 THR THR A . n 
A 1 129 ALA 129 129 129 ALA ALA A . n 
A 1 130 TYR 130 130 130 TYR TYR A . n 
A 1 131 PRO 131 131 131 PRO PRO A . n 
A 1 132 PHE 132 132 132 PHE PHE A . n 
A 1 133 ASN 133 133 133 ASN ASN A . n 
A 1 134 THR 134 134 134 THR THR A . n 
A 1 135 THR 135 135 135 THR THR A . n 
A 1 136 THR 136 136 136 THR THR A . n 
A 1 137 ARG 137 137 137 ARG ARG A . n 
A 1 138 ASP 138 138 138 ASP ASP A . n 
A 1 139 SER 139 139 139 SER SER A . n 
A 1 140 GLU 140 140 140 GLU GLU A . n 
A 1 141 ASN 141 141 141 ASN ASN A . n 
A 1 142 TYR 142 142 142 TYR TYR A . n 
A 1 143 ILE 143 143 143 ILE ILE A . n 
A 1 144 HIS 144 144 144 HIS HIS A . n 
A 1 145 GLY 145 145 145 GLY GLY A . n 
A 1 146 ILE 146 146 146 ILE ILE A . n 
A 1 147 CYS 147 147 147 CYS CYS A . n 
A 1 148 TYR 148 148 148 TYR TYR A . n 
A 1 149 TYR 149 149 149 TYR TYR A . n 
A 1 150 MET 150 150 150 MET MET A . n 
A 1 151 THR 151 151 151 THR THR A . n 
A 1 152 SER 152 152 152 SER SER A . n 
A 1 153 TYR 153 153 153 TYR TYR A . n 
A 1 154 ASP 154 154 154 ASP ASP A . n 
A 1 155 ARG 155 155 155 ARG ARG A . n 
A 1 156 SER 156 156 156 SER SER A . n 
A 1 157 LEU 157 157 157 LEU LEU A . n 
A 1 158 PHE 158 158 158 PHE PHE A . n 
A 1 159 PRO 159 159 159 PRO PRO A . n 
A 1 160 LEU 160 160 160 LEU LEU A . n 
A 1 161 ASN 161 161 161 ASN ASN A . n 
A 1 162 ILE 162 162 162 ILE ILE A . n 
A 1 163 SER 163 163 163 SER SER A . n 
A 1 164 ILE 164 164 164 ILE ILE A . n 
A 1 165 MET 165 165 165 MET MET A . n 
A 1 166 LEU 166 166 166 LEU LEU A . n 
A 1 167 ASN 167 167 167 ASN ASN A . n 
A 1 168 SER 168 168 168 SER SER A . n 
A 1 169 ARG 169 169 169 ARG ARG A . n 
A 1 170 MET 170 170 170 MET MET A . n 
A 1 171 ILE 171 171 171 ILE ILE A . n 
A 1 172 SER 172 172 172 SER SER A . n 
A 1 173 SER 173 173 173 SER SER A . n 
A 1 174 ASN 174 174 174 ASN ASN A . n 
A 1 175 VAL 175 175 175 VAL VAL A . n 
A 1 176 ALA 176 176 176 ALA ALA A . n 
A 1 177 TYR 177 177 177 TYR TYR A . n 
A 1 178 ALA 178 178 178 ALA ALA A . n 
A 1 179 ILE 179 179 179 ILE ILE A . n 
A 1 180 GLN 180 180 180 GLN GLN A . n 
A 1 181 PHE 181 181 181 PHE PHE A . n 
A 1 182 GLU 182 182 182 GLU GLU A . n 
A 1 183 TRP 183 183 183 TRP TRP A . n 
A 1 184 ASN 184 184 184 ASN ASN A . n 
A 1 185 LEU 185 185 185 LEU LEU A . n 
A 1 186 ASN 186 186 186 ASN ASN A . n 
A 1 187 ALA 187 187 187 ALA ALA A . n 
A 1 188 SER 188 188 188 SER SER A . n 
A 1 189 GLU 189 189 189 GLU GLU A . n 
A 1 190 SER 190 190 190 SER SER A . n 
A 1 191 PRO 191 191 191 PRO PRO A . n 
A 1 192 GLU 192 192 192 GLU GLU A . n 
A 1 193 SER 193 193 193 SER SER A . n 
A 1 194 ASN 194 194 194 ASN ASN A . n 
A 1 195 ILE 195 195 195 ILE ILE A . n 
A 1 196 ALA 196 196 196 ALA ALA A . n 
A 1 197 THR 197 197 197 THR THR A . n 
A 1 198 LEU 198 198 198 LEU LEU A . n 
A 1 199 THR 199 199 199 THR THR A . n 
A 1 200 THR 200 200 200 THR THR A . n 
A 1 201 SER 201 201 201 SER SER A . n 
A 1 202 PRO 202 202 202 PRO PRO A . n 
A 1 203 PHE 203 203 203 PHE PHE A . n 
A 1 204 PHE 204 204 204 PHE PHE A . n 
A 1 205 PHE 205 205 205 PHE PHE A . n 
A 1 206 SER 206 206 206 SER SER A . n 
A 1 207 TYR 207 207 207 TYR TYR A . n 
A 1 208 ILE 208 208 208 ILE ILE A . n 
A 1 209 THR 209 209 209 THR THR A . n 
A 1 210 GLU 210 210 210 GLU GLU A . n 
A 1 211 ASP 211 211 211 ASP ASP A . n 
A 1 212 ASP 212 212 ?   ?   ?   A . n 
A 1 213 ASN 213 213 ?   ?   ?   A . n 
# 
loop_
_pdbx_nonpoly_scheme.asym_id 
_pdbx_nonpoly_scheme.entity_id 
_pdbx_nonpoly_scheme.mon_id 
_pdbx_nonpoly_scheme.ndb_seq_num 
_pdbx_nonpoly_scheme.pdb_seq_num 
_pdbx_nonpoly_scheme.auth_seq_num 
_pdbx_nonpoly_scheme.pdb_mon_id 
_pdbx_nonpoly_scheme.auth_mon_id 
_pdbx_nonpoly_scheme.pdb_strand_id 
_pdbx_nonpoly_scheme.pdb_ins_code 
B 2 GOL 1  301 301 GOL GOL A . 
C 3 HOH 1  302 211 HOH TIP A . 
C 3 HOH 2  303 212 HOH TIP A . 
C 3 HOH 3  304 213 HOH TIP A . 
C 3 HOH 4  305 214 HOH TIP A . 
C 3 HOH 5  306 215 HOH TIP A . 
C 3 HOH 6  307 216 HOH TIP A . 
C 3 HOH 7  308 217 HOH TIP A . 
C 3 HOH 8  309 218 HOH TIP A . 
C 3 HOH 9  310 219 HOH TIP A . 
C 3 HOH 10 311 220 HOH TIP A . 
C 3 HOH 11 312 221 HOH TIP A . 
C 3 HOH 12 313 222 HOH TIP A . 
C 3 HOH 13 314 223 HOH TIP A . 
C 3 HOH 14 315 224 HOH TIP A . 
C 3 HOH 15 316 225 HOH TIP A . 
C 3 HOH 16 317 226 HOH TIP A . 
C 3 HOH 17 318 227 HOH TIP A . 
C 3 HOH 18 319 228 HOH TIP A . 
C 3 HOH 19 320 229 HOH TIP A . 
C 3 HOH 20 321 230 HOH TIP A . 
C 3 HOH 21 322 231 HOH TIP A . 
C 3 HOH 22 323 232 HOH TIP A . 
C 3 HOH 23 324 233 HOH TIP A . 
C 3 HOH 24 325 234 HOH TIP A . 
C 3 HOH 25 326 235 HOH TIP A . 
C 3 HOH 26 327 236 HOH TIP A . 
C 3 HOH 27 328 237 HOH TIP A . 
C 3 HOH 28 329 238 HOH TIP A . 
C 3 HOH 29 330 239 HOH TIP A . 
C 3 HOH 30 331 240 HOH TIP A . 
C 3 HOH 31 332 241 HOH TIP A . 
C 3 HOH 32 333 242 HOH TIP A . 
C 3 HOH 33 334 243 HOH TIP A . 
C 3 HOH 34 335 244 HOH TIP A . 
C 3 HOH 35 336 245 HOH TIP A . 
C 3 HOH 36 337 246 HOH TIP A . 
C 3 HOH 37 338 247 HOH TIP A . 
C 3 HOH 38 339 248 HOH TIP A . 
C 3 HOH 39 340 249 HOH TIP A . 
C 3 HOH 40 341 250 HOH TIP A . 
C 3 HOH 41 342 251 HOH TIP A . 
C 3 HOH 42 343 252 HOH TIP A . 
C 3 HOH 43 344 253 HOH TIP A . 
C 3 HOH 44 345 254 HOH TIP A . 
C 3 HOH 45 346 255 HOH TIP A . 
C 3 HOH 46 347 256 HOH TIP A . 
C 3 HOH 47 348 257 HOH TIP A . 
C 3 HOH 48 349 258 HOH TIP A . 
C 3 HOH 49 350 259 HOH TIP A . 
C 3 HOH 50 351 260 HOH TIP A . 
C 3 HOH 51 352 261 HOH TIP A . 
C 3 HOH 52 353 262 HOH TIP A . 
C 3 HOH 53 354 263 HOH TIP A . 
C 3 HOH 54 355 264 HOH TIP A . 
C 3 HOH 55 356 265 HOH TIP A . 
C 3 HOH 56 357 266 HOH TIP A . 
C 3 HOH 57 358 267 HOH TIP A . 
C 3 HOH 58 359 268 HOH TIP A . 
C 3 HOH 59 360 269 HOH TIP A . 
C 3 HOH 60 361 270 HOH TIP A . 
C 3 HOH 61 362 271 HOH TIP A . 
C 3 HOH 62 363 272 HOH TIP A . 
C 3 HOH 63 364 273 HOH TIP A . 
# 
_pdbx_struct_assembly.id                   1 
_pdbx_struct_assembly.details              author_and_software_defined_assembly 
_pdbx_struct_assembly.method_details       PISA 
_pdbx_struct_assembly.oligomeric_details   trimeric 
_pdbx_struct_assembly.oligomeric_count     3 
# 
_pdbx_struct_assembly_gen.assembly_id       1 
_pdbx_struct_assembly_gen.oper_expression   1,2,3 
_pdbx_struct_assembly_gen.asym_id_list      A,B,C 
# 
_pdbx_struct_assembly_prop.biol_id   1 
_pdbx_struct_assembly_prop.type      'ABSA (A^2)' 
_pdbx_struct_assembly_prop.value     6680 
_pdbx_struct_assembly_prop.details   ? 
# 
loop_
_pdbx_struct_oper_list.id 
_pdbx_struct_oper_list.type 
_pdbx_struct_oper_list.name 
_pdbx_struct_oper_list.symmetry_operation 
_pdbx_struct_oper_list.matrix[1][1] 
_pdbx_struct_oper_list.matrix[1][2] 
_pdbx_struct_oper_list.matrix[1][3] 
_pdbx_struct_oper_list.vector[1] 
_pdbx_struct_oper_list.matrix[2][1] 
_pdbx_struct_oper_list.matrix[2][2] 
_pdbx_struct_oper_list.matrix[2][3] 
_pdbx_struct_oper_list.vector[2] 
_pdbx_struct_oper_list.matrix[3][1] 
_pdbx_struct_oper_list.matrix[3][2] 
_pdbx_struct_oper_list.matrix[3][3] 
_pdbx_struct_oper_list.vector[3] 
1 'identity operation'         1_555 x,y,z     1.0000000000  0.0000000000  0.0000000000  0.0000000000   0.0000000000  1.0000000000 0.0000000000 0.0000000000   0.0000000000  0.0000000000 1.0000000000 0.0000000000  
2 'crystal symmetry operation' 3_555 -x+y,-x,z -0.1691429535 0.9767538198  -0.1316914454 -13.5520635348 -0.0699104042 0.1213899546 0.9901398963 -10.3459601233 0.9831089445  0.1766817886 0.0477529989 21.5520085826 
3 'crystal symmetry operation' 2_555 -y,x-y,z  -0.1691429535 -0.0699104042 0.9831089445  -24.2034987142 0.9767538198  0.1213899546 0.1766817886 10.6850780298  -0.1316914454 0.9901398963 0.0477529989 7.4300840073 
# 
loop_
_pdbx_audit_revision_history.ordinal 
_pdbx_audit_revision_history.data_content_type 
_pdbx_audit_revision_history.major_revision 
_pdbx_audit_revision_history.minor_revision 
_pdbx_audit_revision_history.revision_date 
1 'Structure model' 1 0 2008-02-19 
2 'Structure model' 1 1 2011-07-13 
3 'Structure model' 1 2 2017-10-18 
4 'Structure model' 1 3 2023-08-30 
# 
_pdbx_audit_revision_details.ordinal             1 
_pdbx_audit_revision_details.revision_ordinal    1 
_pdbx_audit_revision_details.data_content_type   'Structure model' 
_pdbx_audit_revision_details.provider            repository 
_pdbx_audit_revision_details.type                'Initial release' 
_pdbx_audit_revision_details.description         ? 
_pdbx_audit_revision_details.details             ? 
# 
loop_
_pdbx_audit_revision_group.ordinal 
_pdbx_audit_revision_group.revision_ordinal 
_pdbx_audit_revision_group.data_content_type 
_pdbx_audit_revision_group.group 
1 2 'Structure model' 'Non-polymer description'   
2 2 'Structure model' 'Version format compliance' 
3 3 'Structure model' 'Refinement description'    
4 4 'Structure model' 'Data collection'           
5 4 'Structure model' 'Database references'       
6 4 'Structure model' 'Derived calculations'      
7 4 'Structure model' 'Refinement description'    
# 
loop_
_pdbx_audit_revision_category.ordinal 
_pdbx_audit_revision_category.revision_ordinal 
_pdbx_audit_revision_category.data_content_type 
_pdbx_audit_revision_category.category 
1 3 'Structure model' software                      
2 4 'Structure model' chem_comp_atom                
3 4 'Structure model' chem_comp_bond                
4 4 'Structure model' database_2                    
5 4 'Structure model' pdbx_initial_refinement_model 
6 4 'Structure model' struct_ref_seq_dif            
7 4 'Structure model' struct_site                   
# 
loop_
_pdbx_audit_revision_item.ordinal 
_pdbx_audit_revision_item.revision_ordinal 
_pdbx_audit_revision_item.data_content_type 
_pdbx_audit_revision_item.item 
1 4 'Structure model' '_database_2.pdbx_DOI'                
2 4 'Structure model' '_database_2.pdbx_database_accession' 
3 4 'Structure model' '_struct_ref_seq_dif.details'         
4 4 'Structure model' '_struct_site.pdbx_auth_asym_id'      
5 4 'Structure model' '_struct_site.pdbx_auth_comp_id'      
6 4 'Structure model' '_struct_site.pdbx_auth_seq_id'       
# 
_pdbx_phasing_MR.entry_id                     2QLK 
_pdbx_phasing_MR.method_rotation              ? 
_pdbx_phasing_MR.method_translation           ? 
_pdbx_phasing_MR.model_details                ? 
_pdbx_phasing_MR.R_factor                     0.344 
_pdbx_phasing_MR.R_rigid_body                 ? 
_pdbx_phasing_MR.correlation_coeff_Fo_to_Fc   0.665 
_pdbx_phasing_MR.correlation_coeff_Io_to_Ic   ? 
_pdbx_phasing_MR.d_res_high_rotation          ? 
_pdbx_phasing_MR.d_res_low_rotation           ? 
_pdbx_phasing_MR.d_res_high_translation       4.000 
_pdbx_phasing_MR.d_res_low_translation        15.000 
_pdbx_phasing_MR.packing                      ? 
_pdbx_phasing_MR.reflns_percent_rotation      ? 
_pdbx_phasing_MR.reflns_percent_translation   ? 
_pdbx_phasing_MR.sigma_F_rotation             ? 
_pdbx_phasing_MR.sigma_F_translation          ? 
_pdbx_phasing_MR.sigma_I_rotation             ? 
_pdbx_phasing_MR.sigma_I_translation          ? 
# 
_phasing.method   MR 
# 
loop_
_software.name 
_software.version 
_software.date 
_software.type 
_software.contact_author 
_software.contact_author_email 
_software.classification 
_software.location 
_software.language 
_software.citation_id 
_software.pdbx_ordinal 
DENZO       .     ?                package 'Zbyszek Otwinowski' zbyszek@mix.swmed.edu    'data reduction'  
http://www.lnls.br/infra/linhasluz/denzo-hkl.htm      ?          ? 1 
SCALEPACK   .     ?                package 'Zbyszek Otwinowski' zbyszek@mix.swmed.edu    'data scaling'    
http://www.lnls.br/infra/linhasluz/denzo-hkl.htm      ?          ? 2 
EPMR        2.5   'Feb 2 2001'     other   'Charles R'          crk@agouron.com          phasing           
http://www.msg.ucsf.edu/local/programs/epmr/epmr.html ?          ? 3 
CNS         .     ?                package 'Axel T. Brunger'    axel.brunger@yale.edu    refinement        
http://cns.csb.yale.edu/v1.1/                         Fortran_77 ? 4 
PDB_EXTRACT 2.000 'April. 3, 2006' package PDB                  sw-help@rcsb.rutgers.edu 'data extraction' 
http://pdb.rutgers.edu/software/                      C++        ? 5 
HKL-2000    .     ?                ?       ?                    ?                        'data collection' ? ?          ? 6 
HKL-2000    .     ?                ?       ?                    ?                        'data reduction'  ? ?          ? 7 
HKL-2000    .     ?                ?       ?                    ?                        'data scaling'    ? ?          ? 8 
# 
_pdbx_validate_close_contact.id               1 
_pdbx_validate_close_contact.PDB_model_num    1 
_pdbx_validate_close_contact.auth_atom_id_1   O 
_pdbx_validate_close_contact.auth_asym_id_1   A 
_pdbx_validate_close_contact.auth_comp_id_1   HOH 
_pdbx_validate_close_contact.auth_seq_id_1    339 
_pdbx_validate_close_contact.PDB_ins_code_1   ? 
_pdbx_validate_close_contact.label_alt_id_1   ? 
_pdbx_validate_close_contact.auth_atom_id_2   O 
_pdbx_validate_close_contact.auth_asym_id_2   A 
_pdbx_validate_close_contact.auth_comp_id_2   HOH 
_pdbx_validate_close_contact.auth_seq_id_2    340 
_pdbx_validate_close_contact.PDB_ins_code_2   ? 
_pdbx_validate_close_contact.label_alt_id_2   ? 
_pdbx_validate_close_contact.dist             2.16 
# 
loop_
_pdbx_validate_torsion.id 
_pdbx_validate_torsion.PDB_model_num 
_pdbx_validate_torsion.auth_comp_id 
_pdbx_validate_torsion.auth_asym_id 
_pdbx_validate_torsion.auth_seq_id 
_pdbx_validate_torsion.PDB_ins_code 
_pdbx_validate_torsion.label_alt_id 
_pdbx_validate_torsion.phi 
_pdbx_validate_torsion.psi 
1  1 ILE A 28  ? ? -46.70  -89.77  
2  1 ASN A 39  ? ? 56.74   72.00   
3  1 THR A 40  ? ? -152.17 79.24   
4  1 ASN A 41  ? ? -35.75  -24.75  
5  1 ASN A 54  ? ? -153.24 76.82   
6  1 ASN A 72  ? ? -73.15  22.24   
7  1 LYS A 106 ? ? -132.92 -159.50 
8  1 ASN A 133 ? ? 26.74   55.54   
9  1 TYR A 153 ? ? -96.11  -66.14  
10 1 ASN A 167 ? ? 48.47   -118.29 
11 1 SER A 168 ? ? 64.84   -69.67  
12 1 ILE A 171 ? ? -22.93  -56.66  
13 1 SER A 172 ? ? -175.57 -135.33 
14 1 SER A 173 ? ? 22.99   -137.71 
15 1 ASN A 174 ? ? -105.40 45.28   
# 
loop_
_pdbx_unobs_or_zero_occ_residues.id 
_pdbx_unobs_or_zero_occ_residues.PDB_model_num 
_pdbx_unobs_or_zero_occ_residues.polymer_flag 
_pdbx_unobs_or_zero_occ_residues.occupancy_flag 
_pdbx_unobs_or_zero_occ_residues.auth_asym_id 
_pdbx_unobs_or_zero_occ_residues.auth_comp_id 
_pdbx_unobs_or_zero_occ_residues.auth_seq_id 
_pdbx_unobs_or_zero_occ_residues.PDB_ins_code 
_pdbx_unobs_or_zero_occ_residues.label_asym_id 
_pdbx_unobs_or_zero_occ_residues.label_comp_id 
_pdbx_unobs_or_zero_occ_residues.label_seq_id 
1  1 Y 1 A MET 1   ? A MET 1   
2  1 Y 1 A ARG 2   ? A ARG 2   
3  1 Y 1 A GLY 3   ? A GLY 3   
4  1 Y 1 A SER 4   ? A SER 4   
5  1 Y 1 A HIS 5   ? A HIS 5   
6  1 Y 1 A HIS 6   ? A HIS 6   
7  1 Y 1 A HIS 7   ? A HIS 7   
8  1 Y 1 A HIS 8   ? A HIS 8   
9  1 Y 1 A HIS 9   ? A HIS 9   
10 1 Y 1 A HIS 10  ? A HIS 10  
11 1 Y 1 A GLY 11  ? A GLY 11  
12 1 Y 1 A SER 12  ? A SER 12  
13 1 Y 1 A GLY 13  ? A GLY 13  
14 1 Y 1 A ASP 14  ? A ASP 14  
15 1 Y 1 A ILE 15  ? A ILE 15  
16 1 Y 1 A CYS 16  ? A CYS 16  
17 1 Y 1 A ILE 17  ? A ILE 17  
18 1 Y 1 A LYS 18  ? A LYS 18  
19 1 Y 1 A ASP 19  ? A ASP 19  
20 1 Y 1 A SER 110 ? A SER 110 
21 1 Y 1 A THR 111 ? A THR 111 
22 1 Y 1 A ALA 112 ? A ALA 112 
23 1 Y 1 A THR 113 ? A THR 113 
24 1 Y 1 A SER 114 ? A SER 114 
25 1 Y 1 A GLU 115 ? A GLU 115 
26 1 Y 1 A THR 116 ? A THR 116 
27 1 Y 1 A VAL 117 ? A VAL 117 
28 1 Y 1 A ALA 118 ? A ALA 118 
29 1 Y 1 A ASP 212 ? A ASP 212 
30 1 Y 1 A ASN 213 ? A ASN 213 
# 
loop_
_chem_comp_atom.comp_id 
_chem_comp_atom.atom_id 
_chem_comp_atom.type_symbol 
_chem_comp_atom.pdbx_aromatic_flag 
_chem_comp_atom.pdbx_stereo_config 
_chem_comp_atom.pdbx_ordinal 
ALA N    N N N 1   
ALA CA   C N S 2   
ALA C    C N N 3   
ALA O    O N N 4   
ALA CB   C N N 5   
ALA OXT  O N N 6   
ALA H    H N N 7   
ALA H2   H N N 8   
ALA HA   H N N 9   
ALA HB1  H N N 10  
ALA HB2  H N N 11  
ALA HB3  H N N 12  
ALA HXT  H N N 13  
ARG N    N N N 14  
ARG CA   C N S 15  
ARG C    C N N 16  
ARG O    O N N 17  
ARG CB   C N N 18  
ARG CG   C N N 19  
ARG CD   C N N 20  
ARG NE   N N N 21  
ARG CZ   C N N 22  
ARG NH1  N N N 23  
ARG NH2  N N N 24  
ARG OXT  O N N 25  
ARG H    H N N 26  
ARG H2   H N N 27  
ARG HA   H N N 28  
ARG HB2  H N N 29  
ARG HB3  H N N 30  
ARG HG2  H N N 31  
ARG HG3  H N N 32  
ARG HD2  H N N 33  
ARG HD3  H N N 34  
ARG HE   H N N 35  
ARG HH11 H N N 36  
ARG HH12 H N N 37  
ARG HH21 H N N 38  
ARG HH22 H N N 39  
ARG HXT  H N N 40  
ASN N    N N N 41  
ASN CA   C N S 42  
ASN C    C N N 43  
ASN O    O N N 44  
ASN CB   C N N 45  
ASN CG   C N N 46  
ASN OD1  O N N 47  
ASN ND2  N N N 48  
ASN OXT  O N N 49  
ASN H    H N N 50  
ASN H2   H N N 51  
ASN HA   H N N 52  
ASN HB2  H N N 53  
ASN HB3  H N N 54  
ASN HD21 H N N 55  
ASN HD22 H N N 56  
ASN HXT  H N N 57  
ASP N    N N N 58  
ASP CA   C N S 59  
ASP C    C N N 60  
ASP O    O N N 61  
ASP CB   C N N 62  
ASP CG   C N N 63  
ASP OD1  O N N 64  
ASP OD2  O N N 65  
ASP OXT  O N N 66  
ASP H    H N N 67  
ASP H2   H N N 68  
ASP HA   H N N 69  
ASP HB2  H N N 70  
ASP HB3  H N N 71  
ASP HD2  H N N 72  
ASP HXT  H N N 73  
CYS N    N N N 74  
CYS CA   C N R 75  
CYS C    C N N 76  
CYS O    O N N 77  
CYS CB   C N N 78  
CYS SG   S N N 79  
CYS OXT  O N N 80  
CYS H    H N N 81  
CYS H2   H N N 82  
CYS HA   H N N 83  
CYS HB2  H N N 84  
CYS HB3  H N N 85  
CYS HG   H N N 86  
CYS HXT  H N N 87  
GLN N    N N N 88  
GLN CA   C N S 89  
GLN C    C N N 90  
GLN O    O N N 91  
GLN CB   C N N 92  
GLN CG   C N N 93  
GLN CD   C N N 94  
GLN OE1  O N N 95  
GLN NE2  N N N 96  
GLN OXT  O N N 97  
GLN H    H N N 98  
GLN H2   H N N 99  
GLN HA   H N N 100 
GLN HB2  H N N 101 
GLN HB3  H N N 102 
GLN HG2  H N N 103 
GLN HG3  H N N 104 
GLN HE21 H N N 105 
GLN HE22 H N N 106 
GLN HXT  H N N 107 
GLU N    N N N 108 
GLU CA   C N S 109 
GLU C    C N N 110 
GLU O    O N N 111 
GLU CB   C N N 112 
GLU CG   C N N 113 
GLU CD   C N N 114 
GLU OE1  O N N 115 
GLU OE2  O N N 116 
GLU OXT  O N N 117 
GLU H    H N N 118 
GLU H2   H N N 119 
GLU HA   H N N 120 
GLU HB2  H N N 121 
GLU HB3  H N N 122 
GLU HG2  H N N 123 
GLU HG3  H N N 124 
GLU HE2  H N N 125 
GLU HXT  H N N 126 
GLY N    N N N 127 
GLY CA   C N N 128 
GLY C    C N N 129 
GLY O    O N N 130 
GLY OXT  O N N 131 
GLY H    H N N 132 
GLY H2   H N N 133 
GLY HA2  H N N 134 
GLY HA3  H N N 135 
GLY HXT  H N N 136 
GOL C1   C N N 137 
GOL O1   O N N 138 
GOL C2   C N N 139 
GOL O2   O N N 140 
GOL C3   C N N 141 
GOL O3   O N N 142 
GOL H11  H N N 143 
GOL H12  H N N 144 
GOL HO1  H N N 145 
GOL H2   H N N 146 
GOL HO2  H N N 147 
GOL H31  H N N 148 
GOL H32  H N N 149 
GOL HO3  H N N 150 
HIS N    N N N 151 
HIS CA   C N S 152 
HIS C    C N N 153 
HIS O    O N N 154 
HIS CB   C N N 155 
HIS CG   C Y N 156 
HIS ND1  N Y N 157 
HIS CD2  C Y N 158 
HIS CE1  C Y N 159 
HIS NE2  N Y N 160 
HIS OXT  O N N 161 
HIS H    H N N 162 
HIS H2   H N N 163 
HIS HA   H N N 164 
HIS HB2  H N N 165 
HIS HB3  H N N 166 
HIS HD1  H N N 167 
HIS HD2  H N N 168 
HIS HE1  H N N 169 
HIS HE2  H N N 170 
HIS HXT  H N N 171 
HOH O    O N N 172 
HOH H1   H N N 173 
HOH H2   H N N 174 
ILE N    N N N 175 
ILE CA   C N S 176 
ILE C    C N N 177 
ILE O    O N N 178 
ILE CB   C N S 179 
ILE CG1  C N N 180 
ILE CG2  C N N 181 
ILE CD1  C N N 182 
ILE OXT  O N N 183 
ILE H    H N N 184 
ILE H2   H N N 185 
ILE HA   H N N 186 
ILE HB   H N N 187 
ILE HG12 H N N 188 
ILE HG13 H N N 189 
ILE HG21 H N N 190 
ILE HG22 H N N 191 
ILE HG23 H N N 192 
ILE HD11 H N N 193 
ILE HD12 H N N 194 
ILE HD13 H N N 195 
ILE HXT  H N N 196 
LEU N    N N N 197 
LEU CA   C N S 198 
LEU C    C N N 199 
LEU O    O N N 200 
LEU CB   C N N 201 
LEU CG   C N N 202 
LEU CD1  C N N 203 
LEU CD2  C N N 204 
LEU OXT  O N N 205 
LEU H    H N N 206 
LEU H2   H N N 207 
LEU HA   H N N 208 
LEU HB2  H N N 209 
LEU HB3  H N N 210 
LEU HG   H N N 211 
LEU HD11 H N N 212 
LEU HD12 H N N 213 
LEU HD13 H N N 214 
LEU HD21 H N N 215 
LEU HD22 H N N 216 
LEU HD23 H N N 217 
LEU HXT  H N N 218 
LYS N    N N N 219 
LYS CA   C N S 220 
LYS C    C N N 221 
LYS O    O N N 222 
LYS CB   C N N 223 
LYS CG   C N N 224 
LYS CD   C N N 225 
LYS CE   C N N 226 
LYS NZ   N N N 227 
LYS OXT  O N N 228 
LYS H    H N N 229 
LYS H2   H N N 230 
LYS HA   H N N 231 
LYS HB2  H N N 232 
LYS HB3  H N N 233 
LYS HG2  H N N 234 
LYS HG3  H N N 235 
LYS HD2  H N N 236 
LYS HD3  H N N 237 
LYS HE2  H N N 238 
LYS HE3  H N N 239 
LYS HZ1  H N N 240 
LYS HZ2  H N N 241 
LYS HZ3  H N N 242 
LYS HXT  H N N 243 
MET N    N N N 244 
MET CA   C N S 245 
MET C    C N N 246 
MET O    O N N 247 
MET CB   C N N 248 
MET CG   C N N 249 
MET SD   S N N 250 
MET CE   C N N 251 
MET OXT  O N N 252 
MET H    H N N 253 
MET H2   H N N 254 
MET HA   H N N 255 
MET HB2  H N N 256 
MET HB3  H N N 257 
MET HG2  H N N 258 
MET HG3  H N N 259 
MET HE1  H N N 260 
MET HE2  H N N 261 
MET HE3  H N N 262 
MET HXT  H N N 263 
PHE N    N N N 264 
PHE CA   C N S 265 
PHE C    C N N 266 
PHE O    O N N 267 
PHE CB   C N N 268 
PHE CG   C Y N 269 
PHE CD1  C Y N 270 
PHE CD2  C Y N 271 
PHE CE1  C Y N 272 
PHE CE2  C Y N 273 
PHE CZ   C Y N 274 
PHE OXT  O N N 275 
PHE H    H N N 276 
PHE H2   H N N 277 
PHE HA   H N N 278 
PHE HB2  H N N 279 
PHE HB3  H N N 280 
PHE HD1  H N N 281 
PHE HD2  H N N 282 
PHE HE1  H N N 283 
PHE HE2  H N N 284 
PHE HZ   H N N 285 
PHE HXT  H N N 286 
PRO N    N N N 287 
PRO CA   C N S 288 
PRO C    C N N 289 
PRO O    O N N 290 
PRO CB   C N N 291 
PRO CG   C N N 292 
PRO CD   C N N 293 
PRO OXT  O N N 294 
PRO H    H N N 295 
PRO HA   H N N 296 
PRO HB2  H N N 297 
PRO HB3  H N N 298 
PRO HG2  H N N 299 
PRO HG3  H N N 300 
PRO HD2  H N N 301 
PRO HD3  H N N 302 
PRO HXT  H N N 303 
SER N    N N N 304 
SER CA   C N S 305 
SER C    C N N 306 
SER O    O N N 307 
SER CB   C N N 308 
SER OG   O N N 309 
SER OXT  O N N 310 
SER H    H N N 311 
SER H2   H N N 312 
SER HA   H N N 313 
SER HB2  H N N 314 
SER HB3  H N N 315 
SER HG   H N N 316 
SER HXT  H N N 317 
THR N    N N N 318 
THR CA   C N S 319 
THR C    C N N 320 
THR O    O N N 321 
THR CB   C N R 322 
THR OG1  O N N 323 
THR CG2  C N N 324 
THR OXT  O N N 325 
THR H    H N N 326 
THR H2   H N N 327 
THR HA   H N N 328 
THR HB   H N N 329 
THR HG1  H N N 330 
THR HG21 H N N 331 
THR HG22 H N N 332 
THR HG23 H N N 333 
THR HXT  H N N 334 
TRP N    N N N 335 
TRP CA   C N S 336 
TRP C    C N N 337 
TRP O    O N N 338 
TRP CB   C N N 339 
TRP CG   C Y N 340 
TRP CD1  C Y N 341 
TRP CD2  C Y N 342 
TRP NE1  N Y N 343 
TRP CE2  C Y N 344 
TRP CE3  C Y N 345 
TRP CZ2  C Y N 346 
TRP CZ3  C Y N 347 
TRP CH2  C Y N 348 
TRP OXT  O N N 349 
TRP H    H N N 350 
TRP H2   H N N 351 
TRP HA   H N N 352 
TRP HB2  H N N 353 
TRP HB3  H N N 354 
TRP HD1  H N N 355 
TRP HE1  H N N 356 
TRP HE3  H N N 357 
TRP HZ2  H N N 358 
TRP HZ3  H N N 359 
TRP HH2  H N N 360 
TRP HXT  H N N 361 
TYR N    N N N 362 
TYR CA   C N S 363 
TYR C    C N N 364 
TYR O    O N N 365 
TYR CB   C N N 366 
TYR CG   C Y N 367 
TYR CD1  C Y N 368 
TYR CD2  C Y N 369 
TYR CE1  C Y N 370 
TYR CE2  C Y N 371 
TYR CZ   C Y N 372 
TYR OH   O N N 373 
TYR OXT  O N N 374 
TYR H    H N N 375 
TYR H2   H N N 376 
TYR HA   H N N 377 
TYR HB2  H N N 378 
TYR HB3  H N N 379 
TYR HD1  H N N 380 
TYR HD2  H N N 381 
TYR HE1  H N N 382 
TYR HE2  H N N 383 
TYR HH   H N N 384 
TYR HXT  H N N 385 
VAL N    N N N 386 
VAL CA   C N S 387 
VAL C    C N N 388 
VAL O    O N N 389 
VAL CB   C N N 390 
VAL CG1  C N N 391 
VAL CG2  C N N 392 
VAL OXT  O N N 393 
VAL H    H N N 394 
VAL H2   H N N 395 
VAL HA   H N N 396 
VAL HB   H N N 397 
VAL HG11 H N N 398 
VAL HG12 H N N 399 
VAL HG13 H N N 400 
VAL HG21 H N N 401 
VAL HG22 H N N 402 
VAL HG23 H N N 403 
VAL HXT  H N N 404 
# 
loop_
_chem_comp_bond.comp_id 
_chem_comp_bond.atom_id_1 
_chem_comp_bond.atom_id_2 
_chem_comp_bond.value_order 
_chem_comp_bond.pdbx_aromatic_flag 
_chem_comp_bond.pdbx_stereo_config 
_chem_comp_bond.pdbx_ordinal 
ALA N   CA   sing N N 1   
ALA N   H    sing N N 2   
ALA N   H2   sing N N 3   
ALA CA  C    sing N N 4   
ALA CA  CB   sing N N 5   
ALA CA  HA   sing N N 6   
ALA C   O    doub N N 7   
ALA C   OXT  sing N N 8   
ALA CB  HB1  sing N N 9   
ALA CB  HB2  sing N N 10  
ALA CB  HB3  sing N N 11  
ALA OXT HXT  sing N N 12  
ARG N   CA   sing N N 13  
ARG N   H    sing N N 14  
ARG N   H2   sing N N 15  
ARG CA  C    sing N N 16  
ARG CA  CB   sing N N 17  
ARG CA  HA   sing N N 18  
ARG C   O    doub N N 19  
ARG C   OXT  sing N N 20  
ARG CB  CG   sing N N 21  
ARG CB  HB2  sing N N 22  
ARG CB  HB3  sing N N 23  
ARG CG  CD   sing N N 24  
ARG CG  HG2  sing N N 25  
ARG CG  HG3  sing N N 26  
ARG CD  NE   sing N N 27  
ARG CD  HD2  sing N N 28  
ARG CD  HD3  sing N N 29  
ARG NE  CZ   sing N N 30  
ARG NE  HE   sing N N 31  
ARG CZ  NH1  sing N N 32  
ARG CZ  NH2  doub N N 33  
ARG NH1 HH11 sing N N 34  
ARG NH1 HH12 sing N N 35  
ARG NH2 HH21 sing N N 36  
ARG NH2 HH22 sing N N 37  
ARG OXT HXT  sing N N 38  
ASN N   CA   sing N N 39  
ASN N   H    sing N N 40  
ASN N   H2   sing N N 41  
ASN CA  C    sing N N 42  
ASN CA  CB   sing N N 43  
ASN CA  HA   sing N N 44  
ASN C   O    doub N N 45  
ASN C   OXT  sing N N 46  
ASN CB  CG   sing N N 47  
ASN CB  HB2  sing N N 48  
ASN CB  HB3  sing N N 49  
ASN CG  OD1  doub N N 50  
ASN CG  ND2  sing N N 51  
ASN ND2 HD21 sing N N 52  
ASN ND2 HD22 sing N N 53  
ASN OXT HXT  sing N N 54  
ASP N   CA   sing N N 55  
ASP N   H    sing N N 56  
ASP N   H2   sing N N 57  
ASP CA  C    sing N N 58  
ASP CA  CB   sing N N 59  
ASP CA  HA   sing N N 60  
ASP C   O    doub N N 61  
ASP C   OXT  sing N N 62  
ASP CB  CG   sing N N 63  
ASP CB  HB2  sing N N 64  
ASP CB  HB3  sing N N 65  
ASP CG  OD1  doub N N 66  
ASP CG  OD2  sing N N 67  
ASP OD2 HD2  sing N N 68  
ASP OXT HXT  sing N N 69  
CYS N   CA   sing N N 70  
CYS N   H    sing N N 71  
CYS N   H2   sing N N 72  
CYS CA  C    sing N N 73  
CYS CA  CB   sing N N 74  
CYS CA  HA   sing N N 75  
CYS C   O    doub N N 76  
CYS C   OXT  sing N N 77  
CYS CB  SG   sing N N 78  
CYS CB  HB2  sing N N 79  
CYS CB  HB3  sing N N 80  
CYS SG  HG   sing N N 81  
CYS OXT HXT  sing N N 82  
GLN N   CA   sing N N 83  
GLN N   H    sing N N 84  
GLN N   H2   sing N N 85  
GLN CA  C    sing N N 86  
GLN CA  CB   sing N N 87  
GLN CA  HA   sing N N 88  
GLN C   O    doub N N 89  
GLN C   OXT  sing N N 90  
GLN CB  CG   sing N N 91  
GLN CB  HB2  sing N N 92  
GLN CB  HB3  sing N N 93  
GLN CG  CD   sing N N 94  
GLN CG  HG2  sing N N 95  
GLN CG  HG3  sing N N 96  
GLN CD  OE1  doub N N 97  
GLN CD  NE2  sing N N 98  
GLN NE2 HE21 sing N N 99  
GLN NE2 HE22 sing N N 100 
GLN OXT HXT  sing N N 101 
GLU N   CA   sing N N 102 
GLU N   H    sing N N 103 
GLU N   H2   sing N N 104 
GLU CA  C    sing N N 105 
GLU CA  CB   sing N N 106 
GLU CA  HA   sing N N 107 
GLU C   O    doub N N 108 
GLU C   OXT  sing N N 109 
GLU CB  CG   sing N N 110 
GLU CB  HB2  sing N N 111 
GLU CB  HB3  sing N N 112 
GLU CG  CD   sing N N 113 
GLU CG  HG2  sing N N 114 
GLU CG  HG3  sing N N 115 
GLU CD  OE1  doub N N 116 
GLU CD  OE2  sing N N 117 
GLU OE2 HE2  sing N N 118 
GLU OXT HXT  sing N N 119 
GLY N   CA   sing N N 120 
GLY N   H    sing N N 121 
GLY N   H2   sing N N 122 
GLY CA  C    sing N N 123 
GLY CA  HA2  sing N N 124 
GLY CA  HA3  sing N N 125 
GLY C   O    doub N N 126 
GLY C   OXT  sing N N 127 
GLY OXT HXT  sing N N 128 
GOL C1  O1   sing N N 129 
GOL C1  C2   sing N N 130 
GOL C1  H11  sing N N 131 
GOL C1  H12  sing N N 132 
GOL O1  HO1  sing N N 133 
GOL C2  O2   sing N N 134 
GOL C2  C3   sing N N 135 
GOL C2  H2   sing N N 136 
GOL O2  HO2  sing N N 137 
GOL C3  O3   sing N N 138 
GOL C3  H31  sing N N 139 
GOL C3  H32  sing N N 140 
GOL O3  HO3  sing N N 141 
HIS N   CA   sing N N 142 
HIS N   H    sing N N 143 
HIS N   H2   sing N N 144 
HIS CA  C    sing N N 145 
HIS CA  CB   sing N N 146 
HIS CA  HA   sing N N 147 
HIS C   O    doub N N 148 
HIS C   OXT  sing N N 149 
HIS CB  CG   sing N N 150 
HIS CB  HB2  sing N N 151 
HIS CB  HB3  sing N N 152 
HIS CG  ND1  sing Y N 153 
HIS CG  CD2  doub Y N 154 
HIS ND1 CE1  doub Y N 155 
HIS ND1 HD1  sing N N 156 
HIS CD2 NE2  sing Y N 157 
HIS CD2 HD2  sing N N 158 
HIS CE1 NE2  sing Y N 159 
HIS CE1 HE1  sing N N 160 
HIS NE2 HE2  sing N N 161 
HIS OXT HXT  sing N N 162 
HOH O   H1   sing N N 163 
HOH O   H2   sing N N 164 
ILE N   CA   sing N N 165 
ILE N   H    sing N N 166 
ILE N   H2   sing N N 167 
ILE CA  C    sing N N 168 
ILE CA  CB   sing N N 169 
ILE CA  HA   sing N N 170 
ILE C   O    doub N N 171 
ILE C   OXT  sing N N 172 
ILE CB  CG1  sing N N 173 
ILE CB  CG2  sing N N 174 
ILE CB  HB   sing N N 175 
ILE CG1 CD1  sing N N 176 
ILE CG1 HG12 sing N N 177 
ILE CG1 HG13 sing N N 178 
ILE CG2 HG21 sing N N 179 
ILE CG2 HG22 sing N N 180 
ILE CG2 HG23 sing N N 181 
ILE CD1 HD11 sing N N 182 
ILE CD1 HD12 sing N N 183 
ILE CD1 HD13 sing N N 184 
ILE OXT HXT  sing N N 185 
LEU N   CA   sing N N 186 
LEU N   H    sing N N 187 
LEU N   H2   sing N N 188 
LEU CA  C    sing N N 189 
LEU CA  CB   sing N N 190 
LEU CA  HA   sing N N 191 
LEU C   O    doub N N 192 
LEU C   OXT  sing N N 193 
LEU CB  CG   sing N N 194 
LEU CB  HB2  sing N N 195 
LEU CB  HB3  sing N N 196 
LEU CG  CD1  sing N N 197 
LEU CG  CD2  sing N N 198 
LEU CG  HG   sing N N 199 
LEU CD1 HD11 sing N N 200 
LEU CD1 HD12 sing N N 201 
LEU CD1 HD13 sing N N 202 
LEU CD2 HD21 sing N N 203 
LEU CD2 HD22 sing N N 204 
LEU CD2 HD23 sing N N 205 
LEU OXT HXT  sing N N 206 
LYS N   CA   sing N N 207 
LYS N   H    sing N N 208 
LYS N   H2   sing N N 209 
LYS CA  C    sing N N 210 
LYS CA  CB   sing N N 211 
LYS CA  HA   sing N N 212 
LYS C   O    doub N N 213 
LYS C   OXT  sing N N 214 
LYS CB  CG   sing N N 215 
LYS CB  HB2  sing N N 216 
LYS CB  HB3  sing N N 217 
LYS CG  CD   sing N N 218 
LYS CG  HG2  sing N N 219 
LYS CG  HG3  sing N N 220 
LYS CD  CE   sing N N 221 
LYS CD  HD2  sing N N 222 
LYS CD  HD3  sing N N 223 
LYS CE  NZ   sing N N 224 
LYS CE  HE2  sing N N 225 
LYS CE  HE3  sing N N 226 
LYS NZ  HZ1  sing N N 227 
LYS NZ  HZ2  sing N N 228 
LYS NZ  HZ3  sing N N 229 
LYS OXT HXT  sing N N 230 
MET N   CA   sing N N 231 
MET N   H    sing N N 232 
MET N   H2   sing N N 233 
MET CA  C    sing N N 234 
MET CA  CB   sing N N 235 
MET CA  HA   sing N N 236 
MET C   O    doub N N 237 
MET C   OXT  sing N N 238 
MET CB  CG   sing N N 239 
MET CB  HB2  sing N N 240 
MET CB  HB3  sing N N 241 
MET CG  SD   sing N N 242 
MET CG  HG2  sing N N 243 
MET CG  HG3  sing N N 244 
MET SD  CE   sing N N 245 
MET CE  HE1  sing N N 246 
MET CE  HE2  sing N N 247 
MET CE  HE3  sing N N 248 
MET OXT HXT  sing N N 249 
PHE N   CA   sing N N 250 
PHE N   H    sing N N 251 
PHE N   H2   sing N N 252 
PHE CA  C    sing N N 253 
PHE CA  CB   sing N N 254 
PHE CA  HA   sing N N 255 
PHE C   O    doub N N 256 
PHE C   OXT  sing N N 257 
PHE CB  CG   sing N N 258 
PHE CB  HB2  sing N N 259 
PHE CB  HB3  sing N N 260 
PHE CG  CD1  doub Y N 261 
PHE CG  CD2  sing Y N 262 
PHE CD1 CE1  sing Y N 263 
PHE CD1 HD1  sing N N 264 
PHE CD2 CE2  doub Y N 265 
PHE CD2 HD2  sing N N 266 
PHE CE1 CZ   doub Y N 267 
PHE CE1 HE1  sing N N 268 
PHE CE2 CZ   sing Y N 269 
PHE CE2 HE2  sing N N 270 
PHE CZ  HZ   sing N N 271 
PHE OXT HXT  sing N N 272 
PRO N   CA   sing N N 273 
PRO N   CD   sing N N 274 
PRO N   H    sing N N 275 
PRO CA  C    sing N N 276 
PRO CA  CB   sing N N 277 
PRO CA  HA   sing N N 278 
PRO C   O    doub N N 279 
PRO C   OXT  sing N N 280 
PRO CB  CG   sing N N 281 
PRO CB  HB2  sing N N 282 
PRO CB  HB3  sing N N 283 
PRO CG  CD   sing N N 284 
PRO CG  HG2  sing N N 285 
PRO CG  HG3  sing N N 286 
PRO CD  HD2  sing N N 287 
PRO CD  HD3  sing N N 288 
PRO OXT HXT  sing N N 289 
SER N   CA   sing N N 290 
SER N   H    sing N N 291 
SER N   H2   sing N N 292 
SER CA  C    sing N N 293 
SER CA  CB   sing N N 294 
SER CA  HA   sing N N 295 
SER C   O    doub N N 296 
SER C   OXT  sing N N 297 
SER CB  OG   sing N N 298 
SER CB  HB2  sing N N 299 
SER CB  HB3  sing N N 300 
SER OG  HG   sing N N 301 
SER OXT HXT  sing N N 302 
THR N   CA   sing N N 303 
THR N   H    sing N N 304 
THR N   H2   sing N N 305 
THR CA  C    sing N N 306 
THR CA  CB   sing N N 307 
THR CA  HA   sing N N 308 
THR C   O    doub N N 309 
THR C   OXT  sing N N 310 
THR CB  OG1  sing N N 311 
THR CB  CG2  sing N N 312 
THR CB  HB   sing N N 313 
THR OG1 HG1  sing N N 314 
THR CG2 HG21 sing N N 315 
THR CG2 HG22 sing N N 316 
THR CG2 HG23 sing N N 317 
THR OXT HXT  sing N N 318 
TRP N   CA   sing N N 319 
TRP N   H    sing N N 320 
TRP N   H2   sing N N 321 
TRP CA  C    sing N N 322 
TRP CA  CB   sing N N 323 
TRP CA  HA   sing N N 324 
TRP C   O    doub N N 325 
TRP C   OXT  sing N N 326 
TRP CB  CG   sing N N 327 
TRP CB  HB2  sing N N 328 
TRP CB  HB3  sing N N 329 
TRP CG  CD1  doub Y N 330 
TRP CG  CD2  sing Y N 331 
TRP CD1 NE1  sing Y N 332 
TRP CD1 HD1  sing N N 333 
TRP CD2 CE2  doub Y N 334 
TRP CD2 CE3  sing Y N 335 
TRP NE1 CE2  sing Y N 336 
TRP NE1 HE1  sing N N 337 
TRP CE2 CZ2  sing Y N 338 
TRP CE3 CZ3  doub Y N 339 
TRP CE3 HE3  sing N N 340 
TRP CZ2 CH2  doub Y N 341 
TRP CZ2 HZ2  sing N N 342 
TRP CZ3 CH2  sing Y N 343 
TRP CZ3 HZ3  sing N N 344 
TRP CH2 HH2  sing N N 345 
TRP OXT HXT  sing N N 346 
TYR N   CA   sing N N 347 
TYR N   H    sing N N 348 
TYR N   H2   sing N N 349 
TYR CA  C    sing N N 350 
TYR CA  CB   sing N N 351 
TYR CA  HA   sing N N 352 
TYR C   O    doub N N 353 
TYR C   OXT  sing N N 354 
TYR CB  CG   sing N N 355 
TYR CB  HB2  sing N N 356 
TYR CB  HB3  sing N N 357 
TYR CG  CD1  doub Y N 358 
TYR CG  CD2  sing Y N 359 
TYR CD1 CE1  sing Y N 360 
TYR CD1 HD1  sing N N 361 
TYR CD2 CE2  doub Y N 362 
TYR CD2 HD2  sing N N 363 
TYR CE1 CZ   doub Y N 364 
TYR CE1 HE1  sing N N 365 
TYR CE2 CZ   sing Y N 366 
TYR CE2 HE2  sing N N 367 
TYR CZ  OH   sing N N 368 
TYR OH  HH   sing N N 369 
TYR OXT HXT  sing N N 370 
VAL N   CA   sing N N 371 
VAL N   H    sing N N 372 
VAL N   H2   sing N N 373 
VAL CA  C    sing N N 374 
VAL CA  CB   sing N N 375 
VAL CA  HA   sing N N 376 
VAL C   O    doub N N 377 
VAL C   OXT  sing N N 378 
VAL CB  CG1  sing N N 379 
VAL CB  CG2  sing N N 380 
VAL CB  HB   sing N N 381 
VAL CG1 HG11 sing N N 382 
VAL CG1 HG12 sing N N 383 
VAL CG1 HG13 sing N N 384 
VAL CG2 HG21 sing N N 385 
VAL CG2 HG22 sing N N 386 
VAL CG2 HG23 sing N N 387 
VAL OXT HXT  sing N N 388 
# 
loop_
_pdbx_entity_nonpoly.entity_id 
_pdbx_entity_nonpoly.name 
_pdbx_entity_nonpoly.comp_id 
2 GLYCEROL GOL 
3 water    HOH 
# 
_pdbx_initial_refinement_model.id               1 
_pdbx_initial_refinement_model.entity_id_list   ? 
_pdbx_initial_refinement_model.type             'experimental model' 
_pdbx_initial_refinement_model.source_name      PDB 
_pdbx_initial_refinement_model.accession_code   1H7Z 
_pdbx_initial_refinement_model.details          'PDB ENTRY 1H7Z' 
# 
